data_8EOA
#
_entry.id   8EOA
#
_cell.length_a   1.00
_cell.length_b   1.00
_cell.length_c   1.00
_cell.angle_alpha   90.00
_cell.angle_beta   90.00
_cell.angle_gamma   90.00
#
_symmetry.space_group_name_H-M   'P 1'
#
loop_
_entity.id
_entity.type
_entity.pdbx_description
1 polymer 'Heat shock protein HSP 90-beta'
2 polymer 'Aryl-hydrocarbon-interacting protein-like 1'
3 non-polymer 'PHOSPHOAMINOPHOSPHONIC ACID-ADENYLATE ESTER'
4 non-polymer 'MAGNESIUM ION'
#
loop_
_entity_poly.entity_id
_entity_poly.type
_entity_poly.pdbx_seq_one_letter_code
_entity_poly.pdbx_strand_id
1 'polypeptide(L)'
;MHHHHHHDYDIPTTGYPYDVPDYAENLYFQGASPEEVHHGEEEVETFAFQAEIAQLMSLIINTFYSNKEIFLRELISNAS
DALDKIRYESLTDPSKLDSGKELKIDIIPNPQERTLTLVDTGIGMTKADLINNLGTIAKSGTKAFMEALQAGADISMIGQ
FGVGFYSAYLVAEKVVVITKHNDDEQYAWESSAGGSFTVRADHGEPIGRGTKVILHLKEDQTEYLEERRVKEVVKKHSQF
IGYPITLYLEKEREKEISDDEAEEEKGEKEEEDKDDEEKPKIEDVGSDEEDDSGKDKKKKTKKIKEKYIDQEELNKTKPI
WTRNPDDITQEEYGEFYKSLTNDWEDHLAVKHFSVEGQLEFRALLFIPRRAPFDLFENKKKKNNIKLYVRRVFIMDSCDE
LIPEYLNFIRGVVDSEDLPLNISREMLQQSKILKVIRKNIVKKCLELFSELAEDKENYKKFYEAFSKNLKLGIHEDSTNR
RRLSELLRYHTSQSGDEMTSLSEYVSRMKETQKSIYYITGESKEQVANSAFVERVRKRGFEVVYMTEPIDEYCVQQLKEF
DGKSLVSVTKEGLELPEDEEEKKKMEESKAKFENLCKLMKEILDKKVEKVTISNRLVSSPCCIVTSTYGWTANMERIMKA
QALRDNSTMGYMMAKKHLEINPDHPIVETLRQKAEADKNDKAVKDLVVLLFETALLSSGFSLEDPQTHSNRIYRMIKLGL
GIDEDEVAAEEPNAAVPDEIPPLEGDEDASRMEEVD
;
A,B
2 'polypeptide(L)'
;MGSSHHHHHHSSGENLYFQGSHMDVSLLLNVEGVKKTILHGGTGELPSFITGSRVTFHFRTMKCDDERTVIDDSKQVGQP
MSIIIGNMFKLEVWETLLTSMRLGEVAEFWCDTIHTGVYPMLSRSLRQVAEGKDPTSWHVHTCGLANMFAYHTLGYEDLD
ELQKEPQPLVFLIELLQVEAPNEYQRETWNLNNEERMQAVPLLHGEGNRLYKLGRYDQAATKYQEAIVCLRNLQTKEKPW
EVEWLKLEKMINTLILNYCQCLLKKEEYYEVLEHTSDILRHHPGIVKAYYMRARAHAEVWNAEEAKADLEKVLELEPSMR
KAVLRELRLLESRLADKQEEERQRCRSMLG
;
C
#
# COMPACT_ATOMS: atom_id res chain seq x y z
N GLU A 43 -33.97 -28.64 41.17
CA GLU A 43 -32.69 -29.10 40.65
C GLU A 43 -32.29 -28.33 39.40
N VAL A 44 -32.86 -28.71 38.27
CA VAL A 44 -32.62 -28.05 36.99
C VAL A 44 -33.91 -27.38 36.57
N GLU A 45 -33.86 -26.06 36.38
CA GLU A 45 -35.03 -25.24 36.06
C GLU A 45 -34.80 -24.59 34.71
N THR A 46 -35.42 -25.13 33.67
CA THR A 46 -35.26 -24.59 32.33
C THR A 46 -36.01 -23.27 32.19
N PHE A 47 -35.51 -22.41 31.30
CA PHE A 47 -36.13 -21.13 31.02
C PHE A 47 -36.12 -20.91 29.51
N ALA A 48 -36.55 -19.72 29.09
CA ALA A 48 -36.54 -19.33 27.70
C ALA A 48 -35.92 -17.94 27.55
N PHE A 49 -35.22 -17.73 26.44
CA PHE A 49 -34.53 -16.47 26.22
C PHE A 49 -35.54 -15.33 26.09
N GLN A 50 -35.11 -14.14 26.50
CA GLN A 50 -35.90 -12.92 26.36
C GLN A 50 -35.07 -11.87 25.66
N ALA A 51 -35.71 -10.75 25.36
CA ALA A 51 -35.03 -9.61 24.74
C ALA A 51 -35.69 -8.32 25.18
N GLU A 52 -34.87 -7.38 25.65
CA GLU A 52 -35.38 -6.06 26.01
C GLU A 52 -35.69 -5.30 24.72
N ILE A 53 -36.97 -5.04 24.47
CA ILE A 53 -37.40 -4.59 23.16
C ILE A 53 -36.90 -3.17 22.88
N ALA A 54 -37.00 -2.28 23.86
CA ALA A 54 -36.59 -0.89 23.65
C ALA A 54 -35.11 -0.79 23.35
N GLN A 55 -34.27 -1.46 24.16
CA GLN A 55 -32.85 -1.41 23.92
C GLN A 55 -32.47 -2.11 22.63
N LEU A 56 -33.18 -3.18 22.26
CA LEU A 56 -32.92 -3.83 20.99
C LEU A 56 -33.22 -2.89 19.82
N MET A 57 -34.33 -2.16 19.90
CA MET A 57 -34.68 -1.22 18.85
C MET A 57 -33.64 -0.11 18.77
N SER A 58 -33.19 0.40 19.91
CA SER A 58 -32.15 1.42 19.91
C SER A 58 -30.87 0.88 19.30
N LEU A 59 -30.53 -0.37 19.59
CA LEU A 59 -29.34 -0.99 19.02
C LEU A 59 -29.45 -1.08 17.51
N ILE A 60 -30.62 -1.52 17.01
CA ILE A 60 -30.81 -1.62 15.57
C ILE A 60 -30.70 -0.25 14.92
N ILE A 61 -31.29 0.77 15.56
CA ILE A 61 -31.31 2.10 14.97
C ILE A 61 -29.90 2.68 14.91
N ASN A 62 -29.12 2.49 15.97
CA ASN A 62 -27.87 3.22 16.12
C ASN A 62 -26.65 2.47 15.60
N THR A 63 -26.60 1.15 15.74
CA THR A 63 -25.37 0.41 15.49
C THR A 63 -25.34 -0.36 14.18
N PHE A 64 -26.47 -0.89 13.72
CA PHE A 64 -26.45 -1.80 12.57
C PHE A 64 -25.89 -1.13 11.32
N TYR A 65 -26.40 0.05 10.99
CA TYR A 65 -26.12 0.68 9.71
C TYR A 65 -25.24 1.90 9.89
N SER A 66 -24.13 1.93 9.15
CA SER A 66 -23.21 3.06 9.22
C SER A 66 -23.75 4.26 8.46
N ASN A 67 -23.96 4.10 7.15
CA ASN A 67 -24.48 5.18 6.32
C ASN A 67 -26.00 5.19 6.38
N LYS A 68 -26.57 6.38 6.59
CA LYS A 68 -28.01 6.52 6.76
C LYS A 68 -28.76 6.57 5.43
N GLU A 69 -28.06 6.70 4.31
CA GLU A 69 -28.71 6.81 3.01
C GLU A 69 -29.26 5.50 2.50
N ILE A 70 -28.97 4.38 3.18
CA ILE A 70 -29.36 3.06 2.67
C ILE A 70 -30.82 2.74 2.90
N PHE A 71 -31.57 3.59 3.60
CA PHE A 71 -32.94 3.25 3.97
C PHE A 71 -33.78 2.96 2.73
N LEU A 72 -33.67 3.79 1.70
CA LEU A 72 -34.36 3.51 0.45
C LEU A 72 -34.02 2.13 -0.07
N ARG A 73 -32.72 1.82 -0.13
CA ARG A 73 -32.28 0.50 -0.58
C ARG A 73 -33.03 -0.60 0.14
N GLU A 74 -33.32 -0.41 1.43
CA GLU A 74 -34.08 -1.40 2.16
C GLU A 74 -35.55 -1.35 1.76
N LEU A 75 -36.16 -0.17 1.83
CA LEU A 75 -37.60 -0.08 1.60
C LEU A 75 -37.96 -0.60 0.23
N ILE A 76 -37.26 -0.11 -0.80
CA ILE A 76 -37.49 -0.58 -2.16
C ILE A 76 -37.39 -2.10 -2.22
N SER A 77 -36.34 -2.63 -1.58
CA SER A 77 -36.17 -4.08 -1.59
C SER A 77 -37.41 -4.77 -1.07
N ASN A 78 -37.92 -4.34 0.09
CA ASN A 78 -39.17 -4.88 0.59
C ASN A 78 -40.23 -4.76 -0.49
N ALA A 79 -40.46 -3.53 -0.95
CA ALA A 79 -41.46 -3.29 -1.99
C ALA A 79 -41.30 -4.27 -3.14
N SER A 80 -40.05 -4.49 -3.59
CA SER A 80 -39.80 -5.42 -4.68
C SER A 80 -40.40 -6.79 -4.37
N ASP A 81 -40.07 -7.34 -3.20
CA ASP A 81 -40.66 -8.61 -2.80
C ASP A 81 -42.17 -8.52 -2.77
N ALA A 82 -42.70 -7.42 -2.22
CA ALA A 82 -44.15 -7.22 -2.18
C ALA A 82 -44.76 -7.37 -3.57
N LEU A 83 -44.06 -6.91 -4.60
CA LEU A 83 -44.56 -7.10 -5.95
C LEU A 83 -44.40 -8.55 -6.38
N ASP A 84 -43.22 -9.12 -6.13
CA ASP A 84 -42.94 -10.48 -6.60
C ASP A 84 -44.04 -11.44 -6.20
N LYS A 85 -44.42 -11.41 -4.92
CA LYS A 85 -45.45 -12.31 -4.42
C LYS A 85 -46.70 -12.22 -5.28
N ILE A 86 -47.21 -11.01 -5.48
CA ILE A 86 -48.47 -10.89 -6.21
C ILE A 86 -48.30 -11.41 -7.63
N ARG A 87 -47.13 -11.15 -8.23
CA ARG A 87 -46.89 -11.66 -9.57
C ARG A 87 -46.97 -13.17 -9.58
N TYR A 88 -46.36 -13.81 -8.58
CA TYR A 88 -46.51 -15.25 -8.47
C TYR A 88 -47.97 -15.63 -8.28
N GLU A 89 -48.67 -14.90 -7.42
CA GLU A 89 -50.09 -15.19 -7.22
C GLU A 89 -50.91 -14.82 -8.43
N SER A 90 -50.35 -14.05 -9.37
CA SER A 90 -51.05 -13.79 -10.61
C SER A 90 -50.96 -14.99 -11.56
N LEU A 91 -49.95 -15.83 -11.39
CA LEU A 91 -49.78 -16.97 -12.30
C LEU A 91 -50.92 -17.96 -12.13
N THR A 92 -51.27 -18.28 -10.89
CA THR A 92 -52.33 -19.22 -10.59
C THR A 92 -53.68 -18.54 -10.34
N ASP A 93 -53.73 -17.21 -10.42
CA ASP A 93 -54.98 -16.50 -10.16
C ASP A 93 -54.96 -15.12 -10.79
N PRO A 94 -55.22 -15.01 -12.09
CA PRO A 94 -55.27 -13.68 -12.71
C PRO A 94 -56.33 -12.78 -12.13
N SER A 95 -57.44 -13.35 -11.65
CA SER A 95 -58.51 -12.55 -11.07
C SER A 95 -58.05 -11.77 -9.85
N LYS A 96 -56.97 -12.20 -9.21
CA LYS A 96 -56.44 -11.47 -8.06
C LYS A 96 -55.79 -10.15 -8.46
N LEU A 97 -55.51 -9.96 -9.75
CA LEU A 97 -54.95 -8.71 -10.25
C LEU A 97 -56.03 -7.75 -10.72
N ASP A 98 -57.31 -8.06 -10.50
CA ASP A 98 -58.37 -7.20 -10.98
C ASP A 98 -58.35 -5.84 -10.28
N SER A 99 -57.81 -5.78 -9.07
CA SER A 99 -57.71 -4.51 -8.36
C SER A 99 -56.80 -3.54 -9.11
N GLY A 100 -55.66 -4.03 -9.61
CA GLY A 100 -54.78 -3.20 -10.39
C GLY A 100 -53.85 -4.00 -11.29
N LYS A 101 -53.80 -3.62 -12.57
CA LYS A 101 -53.07 -4.37 -13.57
C LYS A 101 -51.64 -3.87 -13.77
N GLU A 102 -51.23 -2.83 -13.05
CA GLU A 102 -49.93 -2.21 -13.24
C GLU A 102 -49.06 -2.45 -12.01
N LEU A 103 -47.85 -2.95 -12.24
CA LEU A 103 -46.88 -3.18 -11.17
C LEU A 103 -45.80 -2.11 -11.27
N LYS A 104 -45.80 -1.18 -10.33
CA LYS A 104 -44.86 -0.07 -10.36
C LYS A 104 -44.58 0.41 -8.95
N ILE A 105 -43.53 1.22 -8.82
CA ILE A 105 -43.17 1.86 -7.56
C ILE A 105 -43.05 3.36 -7.81
N ASP A 106 -43.66 4.16 -6.95
CA ASP A 106 -43.68 5.61 -7.10
C ASP A 106 -43.05 6.26 -5.87
N ILE A 107 -42.19 7.24 -6.10
CA ILE A 107 -41.54 8.00 -5.03
C ILE A 107 -42.01 9.45 -5.14
N ILE A 108 -42.63 9.95 -4.07
CA ILE A 108 -43.20 11.30 -4.04
C ILE A 108 -42.64 12.07 -2.87
N PRO A 109 -41.69 12.98 -3.10
CA PRO A 109 -41.26 13.88 -2.02
C PRO A 109 -42.17 15.09 -1.93
N ASN A 110 -42.52 15.45 -0.69
CA ASN A 110 -43.42 16.57 -0.41
C ASN A 110 -42.74 17.51 0.56
N PRO A 111 -41.99 18.50 0.06
CA PRO A 111 -41.33 19.45 0.95
C PRO A 111 -42.29 20.35 1.69
N GLN A 112 -43.54 20.46 1.24
CA GLN A 112 -44.52 21.29 1.95
C GLN A 112 -44.74 20.76 3.35
N GLU A 113 -44.86 19.44 3.50
CA GLU A 113 -44.98 18.81 4.80
C GLU A 113 -43.73 18.04 5.19
N ARG A 114 -42.68 18.09 4.35
CA ARG A 114 -41.44 17.36 4.60
C ARG A 114 -41.71 15.87 4.79
N THR A 115 -42.46 15.28 3.85
CA THR A 115 -42.81 13.88 3.90
C THR A 115 -42.35 13.17 2.64
N LEU A 116 -41.67 12.04 2.81
CA LEU A 116 -41.26 11.21 1.68
C LEU A 116 -42.20 10.02 1.58
N THR A 117 -42.92 9.93 0.46
CA THR A 117 -43.91 8.89 0.24
C THR A 117 -43.37 7.87 -0.75
N LEU A 118 -43.59 6.59 -0.47
CA LEU A 118 -43.24 5.50 -1.35
C LEU A 118 -44.46 4.62 -1.52
N VAL A 119 -44.96 4.54 -2.75
CA VAL A 119 -46.20 3.84 -3.06
C VAL A 119 -45.87 2.63 -3.92
N ASP A 120 -46.49 1.49 -3.59
CA ASP A 120 -46.36 0.29 -4.40
C ASP A 120 -47.71 -0.40 -4.46
N THR A 121 -48.03 -0.94 -5.64
CA THR A 121 -49.23 -1.73 -5.82
C THR A 121 -48.94 -3.22 -5.63
N GLY A 122 -48.33 -3.55 -4.49
CA GLY A 122 -47.92 -4.90 -4.21
C GLY A 122 -49.04 -5.76 -3.65
N ILE A 123 -48.64 -6.83 -2.97
CA ILE A 123 -49.62 -7.74 -2.39
C ILE A 123 -50.36 -7.07 -1.24
N GLY A 124 -49.67 -6.28 -0.45
CA GLY A 124 -50.26 -5.68 0.73
C GLY A 124 -50.22 -6.61 1.91
N MET A 125 -50.57 -6.07 3.08
CA MET A 125 -50.53 -6.81 4.33
C MET A 125 -51.88 -6.71 5.03
N THR A 126 -52.35 -7.84 5.56
CA THR A 126 -53.56 -7.84 6.35
C THR A 126 -53.27 -7.28 7.74
N LYS A 127 -54.32 -7.15 8.54
CA LYS A 127 -54.13 -6.71 9.92
C LYS A 127 -53.31 -7.72 10.71
N ALA A 128 -53.59 -9.01 10.51
CA ALA A 128 -52.77 -10.04 11.13
C ALA A 128 -51.34 -9.97 10.65
N ASP A 129 -51.15 -9.76 9.34
CA ASP A 129 -49.81 -9.60 8.80
C ASP A 129 -49.13 -8.37 9.38
N LEU A 130 -49.88 -7.29 9.55
CA LEU A 130 -49.33 -6.09 10.17
C LEU A 130 -48.83 -6.39 11.58
N ILE A 131 -49.63 -7.10 12.36
CA ILE A 131 -49.26 -7.40 13.74
C ILE A 131 -48.05 -8.32 13.78
N ASN A 132 -48.05 -9.37 12.95
CA ASN A 132 -47.00 -10.37 13.05
C ASN A 132 -45.72 -9.93 12.35
N ASN A 133 -45.78 -9.72 11.04
CA ASN A 133 -44.55 -9.48 10.28
C ASN A 133 -43.90 -8.17 10.65
N LEU A 134 -44.68 -7.08 10.63
CA LEU A 134 -44.11 -5.78 10.95
C LEU A 134 -43.88 -5.61 12.45
N GLY A 135 -44.80 -6.13 13.27
CA GLY A 135 -44.70 -5.89 14.71
C GLY A 135 -43.55 -6.62 15.36
N THR A 136 -43.30 -7.86 14.94
CA THR A 136 -42.27 -8.69 15.56
C THR A 136 -40.94 -8.44 14.89
N ILE A 137 -39.95 -8.01 15.67
CA ILE A 137 -38.61 -7.79 15.13
C ILE A 137 -37.98 -9.13 14.80
N ALA A 138 -37.13 -9.14 13.77
CA ALA A 138 -36.40 -10.31 13.29
C ALA A 138 -37.31 -11.42 12.81
N LYS A 139 -38.61 -11.16 12.66
CA LYS A 139 -39.54 -12.13 12.09
C LYS A 139 -39.79 -11.75 10.65
N SER A 140 -39.31 -12.55 9.72
CA SER A 140 -39.43 -12.27 8.29
C SER A 140 -40.56 -13.11 7.71
N GLY A 141 -41.71 -12.46 7.48
CA GLY A 141 -42.80 -13.13 6.78
C GLY A 141 -42.43 -13.48 5.36
N THR A 142 -41.54 -12.70 4.74
CA THR A 142 -41.08 -13.00 3.40
C THR A 142 -40.38 -14.36 3.35
N LYS A 143 -39.56 -14.64 4.37
CA LYS A 143 -38.91 -15.94 4.43
C LYS A 143 -39.93 -17.07 4.55
N ALA A 144 -40.97 -16.87 5.36
CA ALA A 144 -42.01 -17.88 5.50
C ALA A 144 -42.73 -18.10 4.18
N PHE A 145 -43.03 -17.01 3.45
CA PHE A 145 -43.64 -17.15 2.15
C PHE A 145 -42.73 -17.92 1.19
N MET A 146 -41.44 -17.61 1.21
CA MET A 146 -40.48 -18.29 0.33
C MET A 146 -40.41 -19.78 0.62
N GLU A 147 -40.37 -20.14 1.91
CA GLU A 147 -40.25 -21.56 2.24
C GLU A 147 -41.55 -22.31 1.96
N ALA A 148 -42.68 -21.61 1.99
CA ALA A 148 -43.96 -22.24 1.68
C ALA A 148 -44.12 -22.56 0.20
N LEU A 149 -43.19 -22.13 -0.65
CA LEU A 149 -43.29 -22.38 -2.08
C LEU A 149 -43.09 -23.87 -2.36
N GLN A 150 -43.27 -24.25 -3.63
CA GLN A 150 -43.22 -25.65 -4.04
C GLN A 150 -42.08 -25.84 -5.03
N ALA A 151 -41.22 -26.81 -4.74
CA ALA A 151 -40.13 -27.27 -5.63
C ALA A 151 -39.27 -26.06 -5.99
N GLY A 152 -38.89 -25.89 -7.24
CA GLY A 152 -38.12 -24.74 -7.69
C GLY A 152 -38.94 -23.88 -8.63
N ALA A 153 -39.05 -22.61 -8.30
CA ALA A 153 -39.85 -21.68 -9.07
C ALA A 153 -39.10 -20.35 -9.19
N ASP A 154 -39.43 -19.61 -10.25
CA ASP A 154 -38.73 -18.37 -10.59
C ASP A 154 -39.10 -17.22 -9.67
N ILE A 155 -38.57 -17.26 -8.45
CA ILE A 155 -38.68 -16.14 -7.52
C ILE A 155 -37.34 -15.98 -6.82
N SER A 156 -36.98 -14.72 -6.54
CA SER A 156 -35.72 -14.37 -5.90
C SER A 156 -35.94 -13.29 -4.84
N MET A 157 -36.75 -13.59 -3.83
CA MET A 157 -37.14 -12.57 -2.86
C MET A 157 -35.90 -12.11 -2.08
N ILE A 158 -35.75 -10.79 -1.98
CA ILE A 158 -34.59 -10.21 -1.31
C ILE A 158 -34.61 -10.52 0.18
N GLY A 159 -35.78 -10.43 0.81
CA GLY A 159 -35.87 -10.53 2.25
C GLY A 159 -35.32 -11.81 2.83
N GLN A 160 -34.44 -11.69 3.82
CA GLN A 160 -33.94 -12.85 4.56
C GLN A 160 -33.85 -12.65 6.06
N PHE A 161 -33.77 -11.41 6.56
CA PHE A 161 -33.49 -11.17 7.97
C PHE A 161 -34.76 -10.83 8.75
N GLY A 162 -35.45 -9.77 8.36
CA GLY A 162 -36.60 -9.29 9.09
C GLY A 162 -36.42 -8.00 9.83
N VAL A 163 -35.29 -7.32 9.66
CA VAL A 163 -35.02 -6.06 10.35
C VAL A 163 -34.81 -4.91 9.38
N GLY A 164 -35.09 -5.13 8.08
CA GLY A 164 -34.81 -4.09 7.10
C GLY A 164 -35.70 -2.87 7.27
N PHE A 165 -36.97 -3.09 7.60
CA PHE A 165 -37.93 -2.00 7.61
C PHE A 165 -37.56 -0.95 8.65
N TYR A 166 -37.06 -1.37 9.81
CA TYR A 166 -36.78 -0.42 10.88
C TYR A 166 -35.60 0.49 10.55
N SER A 167 -34.82 0.17 9.52
CA SER A 167 -33.81 1.09 9.03
C SER A 167 -34.43 2.41 8.58
N ALA A 168 -35.72 2.42 8.28
CA ALA A 168 -36.41 3.67 7.95
C ALA A 168 -36.32 4.69 9.08
N TYR A 169 -36.07 4.24 10.31
CA TYR A 169 -35.93 5.19 11.41
C TYR A 169 -34.56 5.83 11.48
N LEU A 170 -33.65 5.46 10.59
CA LEU A 170 -32.38 6.18 10.47
C LEU A 170 -32.60 7.63 10.07
N VAL A 171 -33.68 7.91 9.35
CA VAL A 171 -33.93 9.23 8.79
C VAL A 171 -35.25 9.81 9.28
N ALA A 172 -36.31 9.01 9.25
CA ALA A 172 -37.63 9.52 9.61
C ALA A 172 -37.78 9.56 11.13
N GLU A 173 -38.59 10.50 11.59
CA GLU A 173 -39.00 10.54 12.98
C GLU A 173 -40.38 9.96 13.22
N LYS A 174 -41.15 9.72 12.16
CA LYS A 174 -42.45 9.10 12.27
C LYS A 174 -42.76 8.36 10.97
N VAL A 175 -43.19 7.11 11.09
CA VAL A 175 -43.44 6.25 9.95
C VAL A 175 -44.92 5.87 9.94
N VAL A 176 -45.57 6.11 8.81
CA VAL A 176 -46.96 5.73 8.61
C VAL A 176 -47.03 4.78 7.42
N VAL A 177 -47.71 3.66 7.58
CA VAL A 177 -47.85 2.66 6.54
C VAL A 177 -49.34 2.44 6.30
N ILE A 178 -49.81 2.84 5.13
CA ILE A 178 -51.20 2.65 4.74
C ILE A 178 -51.25 1.46 3.81
N THR A 179 -51.99 0.43 4.21
CA THR A 179 -52.01 -0.82 3.46
C THR A 179 -53.43 -1.16 3.02
N LYS A 180 -53.52 -1.83 1.88
CA LYS A 180 -54.80 -2.30 1.35
C LYS A 180 -54.52 -3.65 0.67
N HIS A 181 -54.74 -4.72 1.43
CA HIS A 181 -54.64 -6.05 0.88
C HIS A 181 -55.89 -6.36 0.06
N ASN A 182 -55.75 -7.32 -0.86
CA ASN A 182 -56.86 -7.69 -1.72
C ASN A 182 -57.98 -8.41 -0.96
N ASP A 183 -57.74 -8.83 0.28
CA ASP A 183 -58.70 -9.63 1.02
C ASP A 183 -59.46 -8.81 2.07
N ASP A 184 -58.74 -8.15 2.97
CA ASP A 184 -59.37 -7.39 4.04
C ASP A 184 -59.33 -5.90 3.72
N GLU A 185 -59.79 -5.10 4.68
CA GLU A 185 -59.98 -3.67 4.47
C GLU A 185 -58.65 -2.92 4.63
N GLN A 186 -58.71 -1.63 4.31
CA GLN A 186 -57.53 -0.78 4.35
C GLN A 186 -57.20 -0.37 5.79
N TYR A 187 -55.93 -0.48 6.15
CA TYR A 187 -55.49 -0.21 7.51
C TYR A 187 -54.36 0.82 7.50
N ALA A 188 -54.15 1.44 8.66
CA ALA A 188 -53.08 2.41 8.86
C ALA A 188 -52.25 2.02 10.08
N TRP A 189 -50.93 1.98 9.91
CA TRP A 189 -49.99 1.61 10.94
C TRP A 189 -49.07 2.80 11.20
N GLU A 190 -49.11 3.33 12.42
CA GLU A 190 -48.34 4.51 12.76
C GLU A 190 -47.36 4.18 13.88
N SER A 191 -46.13 4.69 13.75
CA SER A 191 -45.16 4.48 14.82
C SER A 191 -44.09 5.56 14.75
N SER A 192 -43.34 5.67 15.86
CA SER A 192 -42.20 6.58 15.94
C SER A 192 -41.01 5.91 16.64
N ALA A 193 -40.91 4.58 16.54
CA ALA A 193 -39.84 3.81 17.17
C ALA A 193 -39.80 4.00 18.68
N GLY A 194 -40.95 4.25 19.29
CA GLY A 194 -41.01 4.47 20.72
C GLY A 194 -41.38 3.22 21.50
N GLY A 195 -41.22 2.05 20.86
CA GLY A 195 -41.58 0.80 21.49
C GLY A 195 -43.03 0.42 21.38
N SER A 196 -43.86 1.23 20.73
CA SER A 196 -45.27 0.93 20.54
C SER A 196 -45.71 1.45 19.19
N PHE A 197 -46.62 0.73 18.57
CA PHE A 197 -47.20 1.13 17.29
C PHE A 197 -48.71 1.02 17.36
N THR A 198 -49.38 1.82 16.53
CA THR A 198 -50.83 1.91 16.53
C THR A 198 -51.39 1.42 15.21
N VAL A 199 -52.41 0.57 15.29
CA VAL A 199 -53.12 0.06 14.12
C VAL A 199 -54.54 0.62 14.14
N ARG A 200 -54.93 1.26 13.04
CA ARG A 200 -56.21 1.96 12.96
C ARG A 200 -56.92 1.58 11.67
N ALA A 201 -58.24 1.46 11.74
CA ALA A 201 -59.03 1.23 10.55
C ALA A 201 -58.98 2.48 9.68
N ASP A 202 -58.28 2.39 8.56
CA ASP A 202 -58.09 3.55 7.70
C ASP A 202 -59.36 3.88 6.93
N HIS A 203 -59.60 5.17 6.75
CA HIS A 203 -60.75 5.63 5.98
C HIS A 203 -60.39 6.75 5.00
N GLY A 204 -59.11 6.98 4.75
CA GLY A 204 -58.70 8.01 3.81
C GLY A 204 -58.93 7.64 2.36
N GLU A 205 -58.12 8.22 1.48
CA GLU A 205 -58.25 7.94 0.05
C GLU A 205 -57.96 6.46 -0.21
N PRO A 206 -58.86 5.74 -0.87
CA PRO A 206 -58.61 4.31 -1.13
C PRO A 206 -57.39 4.11 -2.02
N ILE A 207 -56.65 3.05 -1.75
CA ILE A 207 -55.46 2.71 -2.53
C ILE A 207 -55.71 1.57 -3.49
N GLY A 208 -56.85 0.88 -3.39
CA GLY A 208 -57.13 -0.26 -4.25
C GLY A 208 -56.39 -1.49 -3.80
N ARG A 209 -55.06 -1.43 -3.81
CA ARG A 209 -54.20 -2.52 -3.35
C ARG A 209 -52.80 -1.98 -3.17
N GLY A 210 -52.06 -2.57 -2.26
CA GLY A 210 -50.66 -2.23 -2.08
C GLY A 210 -50.40 -1.51 -0.78
N THR A 211 -49.20 -0.93 -0.70
CA THR A 211 -48.76 -0.23 0.50
C THR A 211 -48.15 1.11 0.14
N LYS A 212 -48.50 2.12 0.93
CA LYS A 212 -47.95 3.47 0.79
C LYS A 212 -47.33 3.85 2.13
N VAL A 213 -46.02 4.04 2.14
CA VAL A 213 -45.30 4.41 3.36
C VAL A 213 -44.93 5.88 3.29
N ILE A 214 -45.22 6.60 4.36
CA ILE A 214 -44.94 8.02 4.48
C ILE A 214 -43.97 8.20 5.64
N LEU A 215 -42.81 8.77 5.32
CA LEU A 215 -41.78 9.07 6.30
C LEU A 215 -41.78 10.57 6.58
N HIS A 216 -42.09 10.94 7.83
CA HIS A 216 -41.98 12.33 8.26
C HIS A 216 -40.52 12.54 8.66
N LEU A 217 -39.71 12.94 7.68
CA LEU A 217 -38.28 13.07 7.92
C LEU A 217 -38.00 14.16 8.95
N LYS A 218 -36.96 13.95 9.74
CA LYS A 218 -36.52 14.95 10.68
C LYS A 218 -35.78 16.08 9.95
N GLU A 219 -35.64 17.21 10.65
CA GLU A 219 -35.06 18.40 10.04
C GLU A 219 -33.64 18.15 9.56
N ASP A 220 -32.86 17.38 10.31
CA ASP A 220 -31.47 17.12 9.92
C ASP A 220 -31.41 16.41 8.58
N GLN A 221 -32.22 15.37 8.40
CA GLN A 221 -32.20 14.59 7.17
C GLN A 221 -33.22 15.09 6.16
N THR A 222 -33.19 16.40 5.89
CA THR A 222 -34.07 16.98 4.89
C THR A 222 -33.46 17.01 3.49
N GLU A 223 -32.19 16.64 3.36
CA GLU A 223 -31.53 16.66 2.05
C GLU A 223 -32.07 15.59 1.12
N TYR A 224 -32.86 14.66 1.62
CA TYR A 224 -33.42 13.58 0.81
C TYR A 224 -34.76 13.95 0.20
N LEU A 225 -35.24 15.18 0.43
CA LEU A 225 -36.36 15.70 -0.33
C LEU A 225 -35.92 16.27 -1.67
N GLU A 226 -34.63 16.50 -1.84
CA GLU A 226 -34.13 17.01 -3.11
C GLU A 226 -34.18 15.92 -4.18
N GLU A 227 -34.54 16.33 -5.40
CA GLU A 227 -34.61 15.38 -6.51
C GLU A 227 -33.25 14.76 -6.80
N ARG A 228 -32.19 15.57 -6.77
CA ARG A 228 -30.87 15.08 -7.13
C ARG A 228 -30.39 13.99 -6.19
N ARG A 229 -30.59 14.18 -4.88
CA ARG A 229 -30.16 13.18 -3.91
C ARG A 229 -30.90 11.86 -4.11
N VAL A 230 -32.22 11.94 -4.32
CA VAL A 230 -32.99 10.73 -4.52
C VAL A 230 -32.53 10.00 -5.78
N LYS A 231 -32.32 10.74 -6.86
CA LYS A 231 -31.85 10.12 -8.10
C LYS A 231 -30.50 9.47 -7.90
N GLU A 232 -29.58 10.14 -7.19
CA GLU A 232 -28.25 9.58 -6.98
C GLU A 232 -28.34 8.29 -6.16
N VAL A 233 -29.15 8.29 -5.11
CA VAL A 233 -29.29 7.10 -4.27
C VAL A 233 -29.89 5.95 -5.07
N VAL A 234 -30.93 6.23 -5.84
CA VAL A 234 -31.56 5.18 -6.63
C VAL A 234 -30.58 4.62 -7.64
N LYS A 235 -29.80 5.49 -8.27
CA LYS A 235 -28.81 5.03 -9.24
C LYS A 235 -27.76 4.15 -8.57
N LYS A 236 -27.32 4.53 -7.37
CA LYS A 236 -26.28 3.77 -6.70
C LYS A 236 -26.77 2.41 -6.24
N HIS A 237 -27.93 2.36 -5.58
CA HIS A 237 -28.38 1.14 -4.92
C HIS A 237 -29.41 0.34 -5.73
N SER A 238 -30.54 0.96 -6.06
CA SER A 238 -31.69 0.25 -6.62
C SER A 238 -31.80 0.43 -8.13
N GLN A 239 -30.67 0.41 -8.84
CA GLN A 239 -30.70 0.68 -10.27
C GLN A 239 -31.24 -0.50 -11.08
N PHE A 240 -30.97 -1.73 -10.65
CA PHE A 240 -31.27 -2.90 -11.46
C PHE A 240 -32.56 -3.61 -11.07
N ILE A 241 -33.37 -3.02 -10.19
CA ILE A 241 -34.60 -3.69 -9.78
C ILE A 241 -35.50 -3.88 -10.99
N GLY A 242 -36.11 -5.06 -11.09
CA GLY A 242 -36.84 -5.41 -12.29
C GLY A 242 -38.03 -4.50 -12.57
N TYR A 243 -38.80 -4.18 -11.54
CA TYR A 243 -40.02 -3.44 -11.76
C TYR A 243 -39.75 -1.97 -12.04
N PRO A 244 -40.65 -1.30 -12.76
CA PRO A 244 -40.48 0.13 -13.00
C PRO A 244 -40.69 0.96 -11.75
N ILE A 245 -39.80 1.94 -11.56
CA ILE A 245 -39.89 2.90 -10.47
C ILE A 245 -39.78 4.30 -11.05
N THR A 246 -40.65 5.19 -10.58
CA THR A 246 -40.73 6.55 -11.10
C THR A 246 -40.74 7.52 -9.92
N LEU A 247 -40.36 8.76 -10.20
CA LEU A 247 -40.20 9.81 -9.19
C LEU A 247 -41.15 10.95 -9.53
N TYR A 248 -42.33 10.93 -8.91
CA TYR A 248 -43.27 12.02 -9.08
C TYR A 248 -42.73 13.30 -8.44
N LEU A 249 -42.97 14.42 -9.11
CA LEU A 249 -42.48 15.70 -8.62
C LEU A 249 -43.41 16.81 -9.12
N GLU A 250 -43.31 17.97 -8.48
CA GLU A 250 -44.08 19.14 -8.87
C GLU A 250 -43.11 20.25 -9.29
N LYS A 251 -43.31 20.77 -10.49
CA LYS A 251 -42.44 21.81 -11.02
C LYS A 251 -43.33 22.85 -11.71
N GLU A 252 -42.70 23.82 -12.37
CA GLU A 252 -43.41 24.88 -13.05
C GLU A 252 -42.85 25.08 -14.45
N ARG A 253 -43.71 25.53 -15.36
CA ARG A 253 -43.33 25.79 -16.73
C ARG A 253 -44.27 26.81 -17.37
N GLU A 306 -46.92 25.44 -16.09
CA GLU A 306 -47.37 26.21 -14.94
C GLU A 306 -47.83 25.28 -13.81
N LYS A 307 -46.91 24.95 -12.90
CA LYS A 307 -47.14 24.05 -11.78
C LYS A 307 -47.73 22.72 -12.27
N TYR A 308 -46.93 22.02 -13.06
CA TYR A 308 -47.27 20.70 -13.55
C TYR A 308 -46.60 19.62 -12.70
N ILE A 309 -47.08 18.39 -12.90
CA ILE A 309 -46.54 17.20 -12.24
C ILE A 309 -45.67 16.44 -13.23
N ASP A 310 -44.43 16.18 -12.84
CA ASP A 310 -43.47 15.50 -13.70
C ASP A 310 -43.23 14.08 -13.18
N GLN A 311 -43.33 13.11 -14.09
CA GLN A 311 -43.04 11.71 -13.81
C GLN A 311 -41.80 11.30 -14.60
N GLU A 312 -40.85 10.67 -13.93
CA GLU A 312 -39.60 10.26 -14.58
C GLU A 312 -39.21 8.87 -14.10
N GLU A 313 -39.02 7.96 -15.05
CA GLU A 313 -38.57 6.60 -14.75
C GLU A 313 -37.06 6.59 -14.57
N LEU A 314 -36.58 5.91 -13.52
CA LEU A 314 -35.17 5.91 -13.18
C LEU A 314 -34.50 4.56 -13.39
N ASN A 315 -35.20 3.57 -13.94
CA ASN A 315 -34.65 2.25 -14.17
C ASN A 315 -34.99 1.75 -15.56
N LYS A 316 -34.78 2.59 -16.57
CA LYS A 316 -35.06 2.18 -17.94
C LYS A 316 -34.22 0.97 -18.33
N THR A 317 -32.95 0.97 -17.96
CA THR A 317 -32.06 -0.16 -18.26
C THR A 317 -32.48 -1.39 -17.47
N LYS A 318 -32.56 -2.54 -18.16
CA LYS A 318 -32.93 -3.80 -17.53
C LYS A 318 -31.70 -4.67 -17.31
N PRO A 319 -31.69 -5.46 -16.23
CA PRO A 319 -30.53 -6.35 -15.99
C PRO A 319 -30.48 -7.51 -16.97
N ILE A 320 -29.54 -7.46 -17.91
CA ILE A 320 -29.48 -8.46 -18.96
C ILE A 320 -28.76 -9.74 -18.53
N TRP A 321 -28.02 -9.71 -17.43
CA TRP A 321 -27.28 -10.90 -17.03
C TRP A 321 -28.19 -12.06 -16.67
N THR A 322 -29.43 -11.79 -16.28
CA THR A 322 -30.37 -12.87 -16.02
C THR A 322 -30.74 -13.61 -17.29
N ARG A 323 -30.77 -12.91 -18.43
CA ARG A 323 -31.10 -13.52 -19.70
C ARG A 323 -29.99 -14.49 -20.14
N ASN A 324 -30.37 -15.41 -21.02
CA ASN A 324 -29.39 -16.35 -21.56
C ASN A 324 -28.36 -15.62 -22.42
N PRO A 325 -27.07 -15.87 -22.23
CA PRO A 325 -26.06 -15.10 -22.97
C PRO A 325 -26.11 -15.31 -24.47
N ASP A 326 -26.59 -16.46 -24.94
CA ASP A 326 -26.60 -16.72 -26.37
C ASP A 326 -27.63 -15.85 -27.08
N ASP A 327 -28.77 -15.60 -26.46
CA ASP A 327 -29.84 -14.88 -27.14
C ASP A 327 -29.55 -13.38 -27.26
N ILE A 328 -28.76 -12.84 -26.34
CA ILE A 328 -28.50 -11.41 -26.32
C ILE A 328 -27.68 -11.00 -27.55
N THR A 329 -27.97 -9.84 -28.09
CA THR A 329 -27.28 -9.31 -29.25
C THR A 329 -26.31 -8.21 -28.84
N GLN A 330 -25.40 -7.88 -29.77
CA GLN A 330 -24.34 -6.93 -29.47
C GLN A 330 -24.88 -5.54 -29.21
N GLU A 331 -26.00 -5.17 -29.84
CA GLU A 331 -26.61 -3.87 -29.58
C GLU A 331 -27.07 -3.79 -28.13
N GLU A 332 -27.65 -4.87 -27.62
CA GLU A 332 -28.08 -4.88 -26.22
C GLU A 332 -26.90 -4.76 -25.29
N TYR A 333 -25.80 -5.44 -25.60
CA TYR A 333 -24.59 -5.33 -24.81
C TYR A 333 -24.06 -3.90 -24.81
N GLY A 334 -24.04 -3.26 -25.98
CA GLY A 334 -23.57 -1.89 -26.06
C GLY A 334 -24.45 -0.93 -25.28
N GLU A 335 -25.77 -1.10 -25.37
CA GLU A 335 -26.68 -0.24 -24.62
C GLU A 335 -26.48 -0.43 -23.12
N PHE A 336 -26.32 -1.67 -22.68
CA PHE A 336 -26.08 -1.93 -21.26
C PHE A 336 -24.77 -1.31 -20.81
N TYR A 337 -23.72 -1.44 -21.63
CA TYR A 337 -22.44 -0.86 -21.27
C TYR A 337 -22.52 0.66 -21.18
N LYS A 338 -23.20 1.30 -22.13
CA LYS A 338 -23.35 2.75 -22.08
C LYS A 338 -24.12 3.16 -20.85
N SER A 339 -25.18 2.43 -20.50
CA SER A 339 -25.97 2.79 -19.33
C SER A 339 -25.18 2.60 -18.05
N LEU A 340 -24.33 1.56 -18.00
CA LEU A 340 -23.60 1.26 -16.77
C LEU A 340 -22.42 2.20 -16.58
N THR A 341 -21.73 2.58 -17.66
CA THR A 341 -20.52 3.36 -17.56
C THR A 341 -20.69 4.81 -17.95
N ASN A 342 -21.83 5.18 -18.54
CA ASN A 342 -22.10 6.56 -18.96
C ASN A 342 -21.04 7.05 -19.94
N ASP A 343 -20.66 6.17 -20.86
CA ASP A 343 -19.69 6.50 -21.90
C ASP A 343 -20.31 6.28 -23.27
N TRP A 344 -20.04 7.21 -24.19
CA TRP A 344 -20.57 7.08 -25.55
C TRP A 344 -20.01 5.85 -26.26
N GLU A 345 -18.72 5.57 -26.06
CA GLU A 345 -18.10 4.47 -26.76
C GLU A 345 -18.70 3.15 -26.32
N ASP A 346 -18.72 2.18 -27.24
CA ASP A 346 -19.21 0.85 -26.94
C ASP A 346 -18.19 0.05 -26.14
N HIS A 347 -18.56 -1.17 -25.80
CA HIS A 347 -17.62 -2.11 -25.17
C HIS A 347 -16.80 -2.80 -26.24
N LEU A 348 -15.52 -3.00 -25.94
CA LEU A 348 -14.65 -3.70 -26.89
C LEU A 348 -15.01 -5.17 -26.97
N ALA A 349 -15.20 -5.82 -25.82
CA ALA A 349 -15.60 -7.22 -25.79
C ALA A 349 -16.35 -7.50 -24.51
N VAL A 350 -17.15 -8.57 -24.53
CA VAL A 350 -18.02 -8.95 -23.43
C VAL A 350 -17.91 -10.44 -23.19
N LYS A 351 -17.79 -10.83 -21.92
CA LYS A 351 -17.77 -12.23 -21.51
C LYS A 351 -18.87 -12.45 -20.47
N HIS A 352 -19.87 -13.25 -20.83
CA HIS A 352 -21.03 -13.49 -19.98
C HIS A 352 -21.09 -14.98 -19.67
N PHE A 353 -20.89 -15.34 -18.41
CA PHE A 353 -20.81 -16.75 -18.05
C PHE A 353 -21.42 -16.99 -16.69
N SER A 354 -22.01 -18.17 -16.50
CA SER A 354 -22.57 -18.58 -15.24
C SER A 354 -21.88 -19.83 -14.73
N VAL A 355 -21.62 -19.88 -13.42
CA VAL A 355 -21.03 -21.04 -12.77
C VAL A 355 -22.01 -21.56 -11.75
N GLU A 356 -22.33 -22.85 -11.84
CA GLU A 356 -23.31 -23.48 -10.97
C GLU A 356 -22.62 -24.49 -10.05
N GLY A 357 -23.37 -24.92 -9.04
CA GLY A 357 -22.85 -25.85 -8.06
C GLY A 357 -23.03 -25.33 -6.65
N GLN A 358 -22.06 -25.60 -5.78
CA GLN A 358 -22.14 -25.12 -4.40
C GLN A 358 -22.00 -23.61 -4.32
N LEU A 359 -21.43 -22.98 -5.35
CA LEU A 359 -21.28 -21.52 -5.41
C LEU A 359 -21.74 -21.08 -6.81
N GLU A 360 -23.03 -20.79 -6.94
CA GLU A 360 -23.62 -20.45 -8.23
C GLU A 360 -23.69 -18.94 -8.35
N PHE A 361 -23.21 -18.41 -9.48
CA PHE A 361 -23.23 -16.98 -9.73
C PHE A 361 -23.08 -16.73 -11.23
N ARG A 362 -23.64 -15.62 -11.69
CA ARG A 362 -23.55 -15.20 -13.07
C ARG A 362 -22.73 -13.92 -13.16
N ALA A 363 -21.76 -13.90 -14.07
CA ALA A 363 -20.88 -12.77 -14.23
C ALA A 363 -20.95 -12.24 -15.65
N LEU A 364 -20.75 -10.94 -15.77
CA LEU A 364 -20.83 -10.23 -17.05
C LEU A 364 -19.70 -9.20 -17.05
N LEU A 365 -18.66 -9.46 -17.83
CA LEU A 365 -17.47 -8.62 -17.85
C LEU A 365 -17.34 -7.90 -19.19
N PHE A 366 -16.89 -6.65 -19.14
CA PHE A 366 -16.71 -5.82 -20.30
C PHE A 366 -15.29 -5.27 -20.34
N ILE A 367 -14.71 -5.25 -21.53
CA ILE A 367 -13.43 -4.62 -21.78
C ILE A 367 -13.70 -3.22 -22.31
N PRO A 368 -13.31 -2.17 -21.59
CA PRO A 368 -13.60 -0.81 -22.07
C PRO A 368 -12.89 -0.52 -23.38
N ARG A 369 -13.56 0.24 -24.24
CA ARG A 369 -12.97 0.61 -25.53
C ARG A 369 -11.77 1.53 -25.34
N ARG A 370 -11.86 2.47 -24.40
CA ARG A 370 -10.83 3.47 -24.18
C ARG A 370 -10.36 3.40 -22.73
N ALA A 371 -9.05 3.37 -22.55
CA ALA A 371 -8.48 3.34 -21.21
C ALA A 371 -8.69 4.69 -20.53
N PRO A 372 -9.11 4.72 -19.27
CA PRO A 372 -9.33 5.99 -18.58
C PRO A 372 -8.03 6.76 -18.40
N PHE A 373 -8.16 8.09 -18.40
CA PHE A 373 -7.00 8.94 -18.14
C PHE A 373 -6.47 8.76 -16.73
N ASP A 374 -7.38 8.63 -15.76
CA ASP A 374 -7.03 8.44 -14.35
C ASP A 374 -7.21 7.00 -13.91
N LEU A 375 -6.83 6.05 -14.77
CA LEU A 375 -7.02 4.63 -14.47
C LEU A 375 -6.26 4.23 -13.20
N PHE A 376 -5.05 4.74 -13.01
CA PHE A 376 -4.32 4.52 -11.78
C PHE A 376 -4.68 5.60 -10.75
N GLU A 377 -3.96 5.60 -9.63
CA GLU A 377 -4.16 6.54 -8.53
C GLU A 377 -5.54 6.41 -7.90
N ASN A 378 -6.18 5.24 -8.05
CA ASN A 378 -7.49 5.03 -7.46
C ASN A 378 -7.43 5.09 -5.94
N LYS A 379 -6.42 4.49 -5.34
CA LYS A 379 -6.21 4.50 -3.89
C LYS A 379 -7.45 3.97 -3.17
N LYS A 380 -7.74 2.69 -3.39
CA LYS A 380 -8.86 1.93 -2.85
C LYS A 380 -10.18 2.30 -3.48
N LYS A 381 -10.21 3.24 -4.43
CA LYS A 381 -11.43 3.59 -5.15
C LYS A 381 -11.53 2.81 -6.46
N LYS A 382 -11.61 1.49 -6.31
CA LYS A 382 -11.60 0.61 -7.49
C LYS A 382 -12.84 0.86 -8.35
N ASN A 383 -14.03 0.78 -7.74
CA ASN A 383 -15.31 0.92 -8.43
C ASN A 383 -15.30 0.26 -9.81
N ASN A 384 -14.78 -0.97 -9.86
CA ASN A 384 -14.63 -1.70 -11.11
C ASN A 384 -15.73 -2.74 -11.29
N ILE A 385 -15.85 -3.67 -10.35
CA ILE A 385 -16.78 -4.79 -10.45
C ILE A 385 -17.76 -4.66 -9.29
N LYS A 386 -18.91 -4.06 -9.54
CA LYS A 386 -19.93 -3.95 -8.51
C LYS A 386 -20.58 -5.31 -8.29
N LEU A 387 -20.61 -5.75 -7.04
CA LEU A 387 -21.19 -7.04 -6.69
C LEU A 387 -22.67 -6.88 -6.38
N TYR A 388 -23.48 -7.81 -6.88
CA TYR A 388 -24.91 -7.78 -6.67
C TYR A 388 -25.40 -9.11 -6.14
N VAL A 389 -26.40 -9.05 -5.25
CA VAL A 389 -27.09 -10.23 -4.77
C VAL A 389 -28.57 -9.98 -4.96
N ARG A 390 -29.21 -10.80 -5.79
CA ARG A 390 -30.62 -10.65 -6.13
C ARG A 390 -30.91 -9.22 -6.60
N ARG A 391 -30.03 -8.72 -7.48
CA ARG A 391 -30.17 -7.42 -8.11
C ARG A 391 -30.07 -6.27 -7.11
N VAL A 392 -29.29 -6.44 -6.04
CA VAL A 392 -29.05 -5.37 -5.08
C VAL A 392 -27.54 -5.20 -4.91
N PHE A 393 -27.08 -3.96 -4.99
CA PHE A 393 -25.65 -3.68 -4.87
C PHE A 393 -25.16 -3.93 -3.45
N ILE A 394 -23.98 -4.54 -3.34
CA ILE A 394 -23.41 -4.89 -2.05
C ILE A 394 -22.13 -4.10 -1.77
N MET A 395 -21.10 -4.28 -2.59
CA MET A 395 -19.82 -3.66 -2.33
C MET A 395 -19.02 -3.56 -3.62
N ASP A 396 -18.06 -2.65 -3.61
CA ASP A 396 -17.11 -2.52 -4.71
C ASP A 396 -15.90 -3.41 -4.44
N SER A 397 -15.35 -3.96 -5.52
CA SER A 397 -14.23 -4.90 -5.36
C SER A 397 -12.97 -4.16 -4.97
N CYS A 398 -12.77 -3.96 -3.67
CA CYS A 398 -11.55 -3.36 -3.14
C CYS A 398 -10.44 -4.40 -3.04
N ASP A 399 -10.05 -4.92 -4.21
CA ASP A 399 -9.04 -5.96 -4.39
C ASP A 399 -9.49 -7.31 -3.85
N GLU A 400 -10.71 -7.40 -3.32
CA GLU A 400 -11.20 -8.69 -2.83
C GLU A 400 -11.57 -9.61 -3.97
N LEU A 401 -12.32 -9.10 -4.96
CA LEU A 401 -12.81 -9.93 -6.05
C LEU A 401 -11.88 -9.99 -7.24
N ILE A 402 -11.07 -8.95 -7.44
CA ILE A 402 -10.25 -8.86 -8.65
C ILE A 402 -8.83 -8.47 -8.25
N PRO A 403 -7.81 -8.99 -8.94
CA PRO A 403 -6.45 -8.51 -8.71
C PRO A 403 -6.28 -7.07 -9.17
N GLU A 404 -5.26 -6.42 -8.62
CA GLU A 404 -5.06 -4.99 -8.88
C GLU A 404 -4.83 -4.71 -10.36
N TYR A 405 -4.05 -5.58 -11.03
CA TYR A 405 -3.72 -5.33 -12.44
C TYR A 405 -4.92 -5.49 -13.36
N LEU A 406 -5.95 -6.21 -12.93
CA LEU A 406 -7.11 -6.46 -13.76
C LEU A 406 -8.24 -5.47 -13.50
N ASN A 407 -7.94 -4.34 -12.87
CA ASN A 407 -8.96 -3.37 -12.53
C ASN A 407 -9.50 -2.60 -13.74
N PHE A 408 -8.84 -2.70 -14.89
CA PHE A 408 -9.33 -2.01 -16.07
C PHE A 408 -10.64 -2.61 -16.58
N ILE A 409 -10.99 -3.80 -16.15
CA ILE A 409 -12.17 -4.50 -16.67
C ILE A 409 -13.38 -4.07 -15.85
N ARG A 410 -14.49 -3.81 -16.54
CA ARG A 410 -15.72 -3.43 -15.87
C ARG A 410 -16.70 -4.59 -15.89
N GLY A 411 -17.81 -4.44 -15.20
CA GLY A 411 -18.85 -5.42 -15.29
C GLY A 411 -19.46 -5.69 -13.93
N VAL A 412 -20.30 -6.72 -13.89
CA VAL A 412 -21.07 -7.05 -12.70
C VAL A 412 -20.95 -8.54 -12.41
N VAL A 413 -21.11 -8.88 -11.14
CA VAL A 413 -21.23 -10.25 -10.67
C VAL A 413 -22.49 -10.34 -9.81
N ASP A 414 -23.35 -11.30 -10.10
CA ASP A 414 -24.62 -11.46 -9.39
C ASP A 414 -24.72 -12.87 -8.85
N SER A 415 -25.27 -12.99 -7.64
CA SER A 415 -25.44 -14.27 -6.99
C SER A 415 -26.81 -14.32 -6.32
N GLU A 416 -27.34 -15.53 -6.18
CA GLU A 416 -28.62 -15.73 -5.52
C GLU A 416 -28.47 -16.06 -4.04
N ASP A 417 -27.75 -17.14 -3.73
CA ASP A 417 -27.51 -17.56 -2.36
C ASP A 417 -26.10 -17.14 -1.95
N LEU A 418 -26.01 -16.35 -0.88
CA LEU A 418 -24.72 -15.87 -0.42
C LEU A 418 -24.82 -15.41 1.03
N PRO A 419 -23.93 -15.86 1.91
CA PRO A 419 -23.94 -15.40 3.30
C PRO A 419 -23.68 -13.90 3.36
N LEU A 420 -24.67 -13.15 3.84
CA LEU A 420 -24.65 -11.71 3.78
C LEU A 420 -24.57 -11.11 5.17
N ASN A 421 -23.94 -9.94 5.27
CA ASN A 421 -23.81 -9.23 6.53
C ASN A 421 -25.17 -8.68 6.97
N ILE A 422 -25.23 -8.25 8.24
CA ILE A 422 -26.44 -7.64 8.76
C ILE A 422 -26.74 -6.33 8.06
N SER A 423 -25.69 -5.57 7.71
CA SER A 423 -25.86 -4.31 7.02
C SER A 423 -25.96 -4.48 5.51
N ARG A 424 -25.81 -5.72 5.02
CA ARG A 424 -25.89 -6.02 3.60
C ARG A 424 -24.86 -5.24 2.80
N GLU A 425 -23.71 -4.96 3.41
CA GLU A 425 -22.63 -4.26 2.73
C GLU A 425 -21.35 -5.07 2.66
N MET A 426 -21.37 -6.33 3.09
CA MET A 426 -20.20 -7.19 2.99
C MET A 426 -20.64 -8.64 3.20
N LEU A 427 -19.68 -9.54 3.16
CA LEU A 427 -19.89 -10.97 3.33
C LEU A 427 -19.29 -11.45 4.65
N GLN A 428 -19.54 -12.72 4.96
CA GLN A 428 -19.01 -13.32 6.18
C GLN A 428 -17.73 -14.12 5.96
N GLN A 429 -17.53 -14.71 4.79
CA GLN A 429 -16.37 -15.54 4.52
C GLN A 429 -15.59 -14.98 3.36
N SER A 430 -14.27 -14.88 3.53
CA SER A 430 -13.39 -14.42 2.47
C SER A 430 -12.96 -15.54 1.52
N LYS A 431 -13.01 -16.80 1.96
CA LYS A 431 -12.69 -17.91 1.06
C LYS A 431 -13.65 -17.95 -0.13
N ILE A 432 -14.91 -17.56 0.09
CA ILE A 432 -15.84 -17.45 -1.02
C ILE A 432 -15.35 -16.42 -2.03
N LEU A 433 -14.87 -15.28 -1.53
CA LEU A 433 -14.33 -14.27 -2.41
C LEU A 433 -13.10 -14.77 -3.15
N LYS A 434 -12.27 -15.57 -2.49
CA LYS A 434 -11.11 -16.15 -3.16
C LYS A 434 -11.52 -17.07 -4.29
N VAL A 435 -12.54 -17.90 -4.06
CA VAL A 435 -13.03 -18.78 -5.13
C VAL A 435 -13.59 -17.97 -6.28
N ILE A 436 -14.34 -16.91 -5.96
CA ILE A 436 -14.84 -16.00 -6.98
C ILE A 436 -13.68 -15.44 -7.79
N ARG A 437 -12.61 -15.02 -7.10
CA ARG A 437 -11.45 -14.47 -7.78
C ARG A 437 -10.81 -15.49 -8.71
N LYS A 438 -10.69 -16.74 -8.25
CA LYS A 438 -10.11 -17.78 -9.09
C LYS A 438 -10.92 -17.96 -10.37
N ASN A 439 -12.24 -18.06 -10.23
CA ASN A 439 -13.09 -18.26 -11.41
C ASN A 439 -13.02 -17.05 -12.33
N ILE A 440 -13.03 -15.83 -11.77
CA ILE A 440 -12.98 -14.63 -12.58
C ILE A 440 -11.67 -14.56 -13.35
N VAL A 441 -10.55 -14.87 -12.70
CA VAL A 441 -9.26 -14.81 -13.39
C VAL A 441 -9.22 -15.83 -14.51
N LYS A 442 -9.69 -17.06 -14.24
CA LYS A 442 -9.71 -18.09 -15.28
C LYS A 442 -10.53 -17.65 -16.48
N LYS A 443 -11.73 -17.13 -16.23
CA LYS A 443 -12.59 -16.74 -17.34
C LYS A 443 -12.07 -15.50 -18.06
N CYS A 444 -11.41 -14.59 -17.34
CA CYS A 444 -10.80 -13.44 -17.99
C CYS A 444 -9.68 -13.88 -18.93
N LEU A 445 -8.85 -14.82 -18.49
CA LEU A 445 -7.79 -15.32 -19.37
C LEU A 445 -8.39 -16.03 -20.58
N GLU A 446 -9.46 -16.80 -20.37
CA GLU A 446 -10.13 -17.44 -21.51
C GLU A 446 -10.68 -16.39 -22.47
N LEU A 447 -11.27 -15.32 -21.95
CA LEU A 447 -11.80 -14.26 -22.79
C LEU A 447 -10.69 -13.58 -23.58
N PHE A 448 -9.55 -13.33 -22.94
CA PHE A 448 -8.44 -12.71 -23.65
C PHE A 448 -7.93 -13.62 -24.75
N SER A 449 -7.83 -14.92 -24.48
CA SER A 449 -7.39 -15.86 -25.50
C SER A 449 -8.36 -15.88 -26.68
N GLU A 450 -9.66 -15.84 -26.39
CA GLU A 450 -10.65 -15.78 -27.46
C GLU A 450 -10.54 -14.49 -28.26
N LEU A 451 -10.33 -13.37 -27.57
CA LEU A 451 -10.25 -12.08 -28.25
C LEU A 451 -8.98 -11.96 -29.09
N ALA A 452 -7.93 -12.70 -28.74
CA ALA A 452 -6.67 -12.61 -29.45
C ALA A 452 -6.79 -12.93 -30.93
N GLU A 453 -7.85 -13.65 -31.34
CA GLU A 453 -8.03 -13.97 -32.75
C GLU A 453 -8.26 -12.71 -33.58
N ASP A 454 -9.05 -11.77 -33.09
CA ASP A 454 -9.33 -10.54 -33.82
C ASP A 454 -8.09 -9.66 -33.80
N LYS A 455 -7.39 -9.59 -34.93
CA LYS A 455 -6.08 -8.95 -34.96
C LYS A 455 -6.17 -7.46 -34.64
N GLU A 456 -7.08 -6.75 -35.30
CA GLU A 456 -7.19 -5.30 -35.07
C GLU A 456 -7.71 -4.99 -33.68
N ASN A 457 -8.75 -5.72 -33.25
CA ASN A 457 -9.29 -5.51 -31.91
C ASN A 457 -8.27 -5.84 -30.85
N TYR A 458 -7.50 -6.91 -31.06
CA TYR A 458 -6.47 -7.25 -30.10
C TYR A 458 -5.34 -6.22 -30.10
N LYS A 459 -5.04 -5.63 -31.26
CA LYS A 459 -4.06 -4.55 -31.31
C LYS A 459 -4.53 -3.37 -30.48
N LYS A 460 -5.80 -2.99 -30.63
CA LYS A 460 -6.35 -1.90 -29.84
C LYS A 460 -6.30 -2.23 -28.35
N PHE A 461 -6.72 -3.44 -27.99
CA PHE A 461 -6.72 -3.85 -26.59
C PHE A 461 -5.32 -3.85 -26.01
N TYR A 462 -4.34 -4.32 -26.78
CA TYR A 462 -2.96 -4.33 -26.31
C TYR A 462 -2.44 -2.91 -26.11
N GLU A 463 -2.66 -2.05 -27.11
CA GLU A 463 -2.26 -0.66 -26.97
C GLU A 463 -2.92 0.00 -25.77
N ALA A 464 -4.09 -0.50 -25.37
CA ALA A 464 -4.77 0.11 -24.24
C ALA A 464 -4.27 -0.43 -22.89
N PHE A 465 -3.99 -1.73 -22.79
CA PHE A 465 -3.79 -2.33 -21.47
C PHE A 465 -2.55 -3.21 -21.40
N SER A 466 -1.53 -2.93 -22.22
CA SER A 466 -0.29 -3.68 -22.10
C SER A 466 0.37 -3.45 -20.77
N LYS A 467 0.26 -2.25 -20.21
CA LYS A 467 0.80 -1.99 -18.89
C LYS A 467 0.14 -2.87 -17.84
N ASN A 468 -1.18 -2.99 -17.90
CA ASN A 468 -1.88 -3.84 -16.94
C ASN A 468 -1.50 -5.31 -17.13
N LEU A 469 -1.38 -5.75 -18.38
CA LEU A 469 -0.98 -7.14 -18.62
C LEU A 469 0.40 -7.43 -18.06
N LYS A 470 1.35 -6.51 -18.26
CA LYS A 470 2.70 -6.73 -17.74
C LYS A 470 2.73 -6.65 -16.23
N LEU A 471 1.89 -5.79 -15.63
CA LEU A 471 1.78 -5.78 -14.18
C LEU A 471 1.27 -7.13 -13.67
N GLY A 472 0.29 -7.71 -14.37
CA GLY A 472 -0.17 -9.03 -14.00
C GLY A 472 0.91 -10.08 -14.11
N ILE A 473 1.71 -10.02 -15.18
CA ILE A 473 2.84 -10.91 -15.31
C ILE A 473 3.78 -10.75 -14.13
N HIS A 474 4.00 -9.51 -13.69
CA HIS A 474 4.86 -9.26 -12.54
C HIS A 474 4.31 -9.89 -11.28
N GLU A 475 2.99 -9.80 -11.07
CA GLU A 475 2.40 -10.20 -9.79
C GLU A 475 1.81 -11.61 -9.82
N ASP A 476 0.89 -11.88 -10.76
CA ASP A 476 0.22 -13.17 -10.80
C ASP A 476 1.21 -14.26 -11.20
N SER A 477 1.59 -15.10 -10.25
CA SER A 477 2.61 -16.11 -10.48
C SER A 477 2.04 -17.39 -11.09
N THR A 478 0.87 -17.84 -10.63
CA THR A 478 0.31 -19.08 -11.15
C THR A 478 -0.05 -18.94 -12.63
N ASN A 479 -0.65 -17.82 -13.01
CA ASN A 479 -1.08 -17.59 -14.37
C ASN A 479 -0.02 -16.78 -15.14
N ARG A 480 1.19 -17.33 -15.20
CA ARG A 480 2.24 -16.64 -15.93
C ARG A 480 2.35 -17.11 -17.37
N ARG A 481 2.13 -18.40 -17.62
CA ARG A 481 2.19 -18.90 -19.00
C ARG A 481 1.11 -18.26 -19.86
N ARG A 482 -0.12 -18.22 -19.34
CA ARG A 482 -1.24 -17.69 -20.11
C ARG A 482 -1.03 -16.21 -20.42
N LEU A 483 -0.65 -15.44 -19.42
CA LEU A 483 -0.38 -14.02 -19.63
C LEU A 483 0.79 -13.81 -20.59
N SER A 484 1.82 -14.66 -20.48
CA SER A 484 2.95 -14.56 -21.38
C SER A 484 2.55 -14.80 -22.82
N GLU A 485 1.66 -15.77 -23.06
CA GLU A 485 1.18 -16.00 -24.42
C GLU A 485 0.41 -14.81 -24.97
N LEU A 486 -0.10 -13.94 -24.10
CA LEU A 486 -0.84 -12.76 -24.51
C LEU A 486 0.05 -11.56 -24.80
N LEU A 487 1.36 -11.77 -24.97
CA LEU A 487 2.30 -10.67 -25.14
C LEU A 487 2.57 -10.40 -26.61
N ARG A 488 2.58 -9.13 -26.97
CA ARG A 488 2.96 -8.67 -28.31
C ARG A 488 4.12 -7.70 -28.19
N TYR A 489 5.09 -7.83 -29.09
CA TYR A 489 6.31 -7.03 -28.99
C TYR A 489 6.76 -6.59 -30.38
N HIS A 490 7.57 -5.54 -30.40
CA HIS A 490 8.23 -5.09 -31.61
C HIS A 490 9.59 -5.77 -31.67
N THR A 491 9.83 -6.55 -32.71
CA THR A 491 11.09 -7.26 -32.85
C THR A 491 11.87 -6.71 -34.02
N SER A 492 13.12 -7.13 -34.11
CA SER A 492 13.99 -6.67 -35.19
C SER A 492 13.43 -7.09 -36.54
N GLN A 493 12.97 -8.33 -36.65
CA GLN A 493 12.43 -8.86 -37.89
C GLN A 493 10.94 -8.61 -38.05
N SER A 494 10.26 -8.12 -37.01
CA SER A 494 8.82 -7.92 -37.09
C SER A 494 8.47 -6.79 -38.03
N GLY A 495 9.17 -5.67 -37.94
CA GLY A 495 8.76 -4.49 -38.67
C GLY A 495 7.99 -3.53 -37.79
N ASP A 496 7.04 -2.80 -38.39
CA ASP A 496 6.24 -1.85 -37.61
C ASP A 496 5.21 -2.57 -36.74
N GLU A 497 4.64 -3.65 -37.25
CA GLU A 497 3.64 -4.39 -36.49
C GLU A 497 4.31 -5.23 -35.40
N MET A 498 3.50 -5.58 -34.39
CA MET A 498 3.98 -6.32 -33.23
C MET A 498 3.67 -7.80 -33.38
N THR A 499 4.55 -8.64 -32.85
CA THR A 499 4.40 -10.08 -32.95
C THR A 499 4.48 -10.72 -31.57
N SER A 500 3.81 -11.86 -31.45
CA SER A 500 3.81 -12.63 -30.21
C SER A 500 5.11 -13.41 -30.06
N LEU A 501 5.33 -13.92 -28.84
CA LEU A 501 6.50 -14.77 -28.61
C LEU A 501 6.37 -16.11 -29.33
N SER A 502 5.13 -16.57 -29.54
CA SER A 502 4.94 -17.83 -30.26
C SER A 502 5.43 -17.72 -31.69
N GLU A 503 5.16 -16.58 -32.33
CA GLU A 503 5.68 -16.36 -33.68
C GLU A 503 7.20 -16.33 -33.68
N TYR A 504 7.80 -15.69 -32.66
CA TYR A 504 9.25 -15.72 -32.53
C TYR A 504 9.77 -17.14 -32.44
N VAL A 505 9.11 -17.98 -31.64
CA VAL A 505 9.56 -19.36 -31.51
C VAL A 505 9.40 -20.09 -32.84
N SER A 506 8.34 -19.78 -33.58
CA SER A 506 8.15 -20.40 -34.88
C SER A 506 9.29 -20.02 -35.83
N ARG A 507 9.67 -18.74 -35.83
CA ARG A 507 10.80 -18.29 -36.65
C ARG A 507 12.15 -18.54 -35.98
N MET A 508 12.17 -19.00 -34.73
CA MET A 508 13.43 -19.20 -34.03
C MET A 508 14.27 -20.25 -34.76
N LYS A 509 15.58 -20.02 -34.80
CA LYS A 509 16.46 -20.88 -35.56
C LYS A 509 16.56 -22.26 -34.92
N GLU A 510 17.01 -23.22 -35.72
CA GLU A 510 17.13 -24.59 -35.24
C GLU A 510 18.21 -24.70 -34.17
N THR A 511 19.35 -24.04 -34.37
CA THR A 511 20.45 -24.12 -33.41
C THR A 511 20.28 -23.19 -32.22
N GLN A 512 19.47 -22.14 -32.38
CA GLN A 512 19.28 -21.18 -31.29
C GLN A 512 18.65 -21.88 -30.07
N LYS A 513 19.03 -21.41 -28.88
CA LYS A 513 18.56 -22.03 -27.65
C LYS A 513 18.12 -21.00 -26.61
N SER A 514 17.73 -19.81 -27.04
CA SER A 514 17.32 -18.77 -26.11
C SER A 514 16.52 -17.72 -26.87
N ILE A 515 15.93 -16.79 -26.12
CA ILE A 515 15.20 -15.68 -26.69
C ILE A 515 15.94 -14.42 -26.31
N TYR A 516 16.54 -13.76 -27.31
CA TYR A 516 17.39 -12.60 -27.06
C TYR A 516 16.55 -11.33 -27.09
N TYR A 517 16.50 -10.63 -25.97
CA TYR A 517 15.74 -9.40 -25.85
C TYR A 517 16.64 -8.28 -25.37
N ILE A 518 16.31 -7.05 -25.76
CA ILE A 518 17.01 -5.85 -25.31
C ILE A 518 15.97 -4.80 -24.95
N THR A 519 16.17 -4.14 -23.82
CA THR A 519 15.23 -3.15 -23.31
C THR A 519 15.82 -1.76 -23.38
N GLY A 520 14.97 -0.79 -23.65
CA GLY A 520 15.38 0.60 -23.74
C GLY A 520 14.19 1.52 -23.64
N GLU A 521 14.45 2.81 -23.82
CA GLU A 521 13.41 3.82 -23.68
C GLU A 521 12.76 4.20 -25.01
N SER A 522 13.21 3.63 -26.12
CA SER A 522 12.61 3.94 -27.41
C SER A 522 12.98 2.85 -28.40
N LYS A 523 12.12 2.67 -29.41
CA LYS A 523 12.39 1.67 -30.43
C LYS A 523 13.58 2.08 -31.29
N GLU A 524 13.65 3.35 -31.68
CA GLU A 524 14.74 3.80 -32.56
C GLU A 524 16.09 3.71 -31.87
N GLN A 525 16.16 4.16 -30.61
CA GLN A 525 17.43 4.10 -29.88
C GLN A 525 17.90 2.66 -29.72
N VAL A 526 16.99 1.76 -29.39
CA VAL A 526 17.34 0.35 -29.22
C VAL A 526 17.81 -0.24 -30.56
N ALA A 527 17.11 0.09 -31.65
CA ALA A 527 17.42 -0.52 -32.93
C ALA A 527 18.83 -0.19 -33.39
N ASN A 528 19.29 1.03 -33.16
CA ASN A 528 20.62 1.45 -33.55
C ASN A 528 21.68 1.18 -32.48
N SER A 529 21.30 0.54 -31.38
CA SER A 529 22.25 0.32 -30.29
C SER A 529 23.37 -0.61 -30.73
N ALA A 530 24.50 -0.49 -30.03
CA ALA A 530 25.67 -1.30 -30.37
C ALA A 530 25.50 -2.75 -29.97
N PHE A 531 24.77 -3.01 -28.89
CA PHE A 531 24.69 -4.37 -28.35
C PHE A 531 24.12 -5.35 -29.35
N VAL A 532 23.19 -4.91 -30.19
CA VAL A 532 22.50 -5.80 -31.11
C VAL A 532 23.12 -5.78 -32.51
N GLU A 533 24.26 -5.11 -32.67
CA GLU A 533 24.89 -5.04 -33.98
C GLU A 533 25.34 -6.42 -34.44
N ARG A 534 25.99 -7.16 -33.56
CA ARG A 534 26.49 -8.48 -33.93
C ARG A 534 25.34 -9.47 -34.09
N VAL A 535 24.39 -9.43 -33.17
CA VAL A 535 23.27 -10.38 -33.21
C VAL A 535 22.47 -10.21 -34.50
N ARG A 536 22.11 -8.96 -34.81
CA ARG A 536 21.40 -8.70 -36.06
C ARG A 536 22.28 -9.02 -37.27
N LYS A 537 23.61 -8.86 -37.14
CA LYS A 537 24.48 -9.23 -38.24
C LYS A 537 24.43 -10.72 -38.52
N ARG A 538 24.19 -11.54 -37.50
CA ARG A 538 24.12 -12.98 -37.67
C ARG A 538 22.70 -13.47 -37.92
N GLY A 539 21.73 -12.58 -38.07
CA GLY A 539 20.39 -12.98 -38.45
C GLY A 539 19.56 -13.60 -37.34
N PHE A 540 19.75 -13.16 -36.10
CA PHE A 540 18.95 -13.63 -34.98
C PHE A 540 17.94 -12.57 -34.60
N GLU A 541 16.66 -12.95 -34.57
CA GLU A 541 15.61 -12.01 -34.23
C GLU A 541 15.74 -11.56 -32.78
N VAL A 542 15.53 -10.27 -32.55
CA VAL A 542 15.68 -9.66 -31.23
C VAL A 542 14.39 -8.92 -30.90
N VAL A 543 13.93 -9.05 -29.66
CA VAL A 543 12.69 -8.46 -29.21
C VAL A 543 13.00 -7.13 -28.54
N TYR A 544 12.41 -6.05 -29.08
CA TYR A 544 12.55 -4.72 -28.50
C TYR A 544 11.49 -4.53 -27.42
N MET A 545 11.93 -4.16 -26.23
CA MET A 545 11.04 -3.91 -25.09
C MET A 545 11.24 -2.46 -24.69
N THR A 546 10.39 -1.57 -25.20
CA THR A 546 10.63 -0.13 -25.16
C THR A 546 9.69 0.59 -24.20
N GLU A 547 9.42 -0.01 -23.06
CA GLU A 547 8.66 0.65 -22.01
C GLU A 547 9.33 0.34 -20.68
N PRO A 548 9.26 1.26 -19.72
CA PRO A 548 9.92 1.00 -18.42
C PRO A 548 9.38 -0.23 -17.72
N ILE A 549 8.06 -0.45 -17.80
CA ILE A 549 7.46 -1.57 -17.09
C ILE A 549 7.93 -2.88 -17.66
N ASP A 550 8.52 -2.86 -18.87
CA ASP A 550 9.05 -4.07 -19.46
C ASP A 550 10.14 -4.67 -18.58
N GLU A 551 10.86 -3.81 -17.84
CA GLU A 551 11.89 -4.33 -16.95
C GLU A 551 11.27 -5.27 -15.92
N TYR A 552 10.16 -4.84 -15.31
CA TYR A 552 9.47 -5.72 -14.38
C TYR A 552 9.02 -6.99 -15.09
N CYS A 553 8.63 -6.86 -16.36
CA CYS A 553 8.20 -8.02 -17.11
C CYS A 553 9.29 -9.07 -17.17
N VAL A 554 10.55 -8.65 -17.37
CA VAL A 554 11.62 -9.64 -17.43
C VAL A 554 12.15 -9.98 -16.05
N GLN A 555 11.78 -9.20 -15.03
CA GLN A 555 12.15 -9.54 -13.66
C GLN A 555 11.58 -10.88 -13.24
N GLN A 556 10.35 -11.17 -13.65
CA GLN A 556 9.66 -12.40 -13.29
C GLN A 556 9.70 -13.45 -14.38
N LEU A 557 9.45 -13.05 -15.63
CA LEU A 557 9.44 -14.00 -16.73
C LEU A 557 10.85 -14.47 -17.04
N LYS A 558 11.24 -15.61 -16.45
CA LYS A 558 12.60 -16.10 -16.63
C LYS A 558 12.76 -16.86 -17.95
N GLU A 559 11.72 -17.58 -18.36
CA GLU A 559 11.81 -18.39 -19.56
C GLU A 559 10.43 -18.52 -20.18
N PHE A 560 10.40 -18.92 -21.45
CA PHE A 560 9.16 -19.05 -22.19
C PHE A 560 9.21 -20.29 -23.05
N ASP A 561 8.20 -21.15 -22.91
CA ASP A 561 8.05 -22.36 -23.72
C ASP A 561 9.31 -23.22 -23.65
N GLY A 562 9.90 -23.31 -22.47
CA GLY A 562 11.13 -24.07 -22.31
C GLY A 562 12.36 -23.40 -22.86
N LYS A 563 12.26 -22.15 -23.29
CA LYS A 563 13.40 -21.38 -23.80
C LYS A 563 13.66 -20.22 -22.85
N SER A 564 14.93 -20.03 -22.51
CA SER A 564 15.31 -19.02 -21.53
C SER A 564 15.45 -17.65 -22.19
N LEU A 565 15.01 -16.62 -21.47
CA LEU A 565 15.17 -15.25 -21.94
C LEU A 565 16.56 -14.73 -21.58
N VAL A 566 17.26 -14.17 -22.55
CA VAL A 566 18.59 -13.62 -22.36
C VAL A 566 18.57 -12.16 -22.77
N SER A 567 19.03 -11.29 -21.86
CA SER A 567 19.14 -9.87 -22.15
C SER A 567 20.46 -9.60 -22.85
N VAL A 568 20.38 -9.01 -24.05
CA VAL A 568 21.59 -8.69 -24.81
C VAL A 568 22.58 -7.92 -23.97
N THR A 569 22.08 -6.96 -23.18
CA THR A 569 22.96 -6.10 -22.40
C THR A 569 23.77 -6.91 -21.38
N LYS A 570 23.15 -7.90 -20.76
CA LYS A 570 23.81 -8.66 -19.71
C LYS A 570 25.01 -9.43 -20.26
N GLU A 571 26.03 -9.57 -19.42
CA GLU A 571 27.26 -10.27 -19.77
C GLU A 571 27.00 -11.76 -19.99
N GLY A 572 28.07 -12.48 -20.32
CA GLY A 572 27.98 -13.91 -20.57
C GLY A 572 27.23 -14.32 -21.80
N LEU A 573 26.93 -13.39 -22.71
CA LEU A 573 26.23 -13.74 -23.93
C LEU A 573 27.06 -14.70 -24.77
N GLU A 574 26.60 -15.94 -24.89
CA GLU A 574 27.30 -16.98 -25.62
C GLU A 574 26.43 -17.43 -26.79
N LEU A 575 26.72 -16.90 -27.98
CA LEU A 575 26.11 -17.42 -29.18
C LEU A 575 26.72 -18.77 -29.54
N PRO A 576 26.00 -19.60 -30.29
CA PRO A 576 26.64 -20.80 -30.87
C PRO A 576 27.82 -20.41 -31.74
N GLU A 577 28.99 -20.95 -31.41
CA GLU A 577 30.24 -20.54 -32.03
C GLU A 577 30.94 -21.74 -32.65
N ASP A 578 31.55 -21.49 -33.81
CA ASP A 578 32.28 -22.54 -34.52
C ASP A 578 33.69 -22.68 -33.93
N GLU A 579 34.49 -23.53 -34.55
CA GLU A 579 35.86 -23.72 -34.10
C GLU A 579 36.74 -22.51 -34.45
N GLU A 580 36.59 -21.98 -35.66
CA GLU A 580 37.41 -20.85 -36.07
C GLU A 580 37.09 -19.60 -35.25
N GLU A 581 35.81 -19.41 -34.90
CA GLU A 581 35.44 -18.28 -34.05
C GLU A 581 36.10 -18.40 -32.68
N LYS A 582 36.11 -19.62 -32.12
CA LYS A 582 36.77 -19.82 -30.83
C LYS A 582 38.28 -19.60 -30.93
N LYS A 583 38.89 -20.03 -32.04
CA LYS A 583 40.32 -19.78 -32.22
C LYS A 583 40.61 -18.30 -32.30
N LYS A 584 39.80 -17.55 -33.05
CA LYS A 584 39.98 -16.10 -33.11
C LYS A 584 39.77 -15.46 -31.75
N MET A 585 38.77 -15.91 -31.00
CA MET A 585 38.54 -15.37 -29.67
C MET A 585 39.72 -15.60 -28.76
N GLU A 586 40.30 -16.81 -28.81
CA GLU A 586 41.46 -17.12 -28.00
C GLU A 586 42.67 -16.28 -28.40
N GLU A 587 42.89 -16.12 -29.71
CA GLU A 587 44.01 -15.32 -30.18
C GLU A 587 43.87 -13.86 -29.74
N SER A 588 42.67 -13.30 -29.87
CA SER A 588 42.45 -11.92 -29.45
C SER A 588 42.61 -11.76 -27.94
N LYS A 589 42.09 -12.73 -27.17
CA LYS A 589 42.24 -12.70 -25.72
C LYS A 589 43.72 -12.74 -25.33
N ALA A 590 44.50 -13.58 -26.01
CA ALA A 590 45.93 -13.63 -25.73
C ALA A 590 46.62 -12.32 -26.10
N LYS A 591 46.24 -11.73 -27.23
CA LYS A 591 46.97 -10.56 -27.72
C LYS A 591 46.66 -9.32 -26.89
N PHE A 592 45.40 -9.11 -26.53
CA PHE A 592 44.98 -7.87 -25.89
C PHE A 592 45.03 -7.93 -24.36
N GLU A 593 45.76 -8.90 -23.80
CA GLU A 593 45.85 -9.02 -22.35
C GLU A 593 46.48 -7.79 -21.72
N ASN A 594 47.58 -7.31 -22.30
CA ASN A 594 48.27 -6.14 -21.73
C ASN A 594 47.39 -4.90 -21.80
N LEU A 595 46.69 -4.71 -22.92
CA LEU A 595 45.79 -3.58 -23.04
C LEU A 595 44.65 -3.67 -22.03
N CYS A 596 44.11 -4.88 -21.82
CA CYS A 596 43.06 -5.05 -20.83
C CYS A 596 43.57 -4.72 -19.43
N LYS A 597 44.78 -5.17 -19.10
CA LYS A 597 45.35 -4.86 -17.80
C LYS A 597 45.55 -3.36 -17.62
N LEU A 598 46.07 -2.69 -18.66
CA LEU A 598 46.30 -1.26 -18.57
C LEU A 598 44.98 -0.50 -18.41
N MET A 599 43.95 -0.90 -19.15
CA MET A 599 42.67 -0.20 -19.04
C MET A 599 42.02 -0.45 -17.69
N LYS A 600 42.19 -1.66 -17.13
CA LYS A 600 41.71 -1.90 -15.78
C LYS A 600 42.44 -1.02 -14.78
N GLU A 601 43.76 -0.86 -14.96
CA GLU A 601 44.53 -0.01 -14.06
C GLU A 601 44.07 1.44 -14.15
N ILE A 602 43.82 1.93 -15.36
CA ILE A 602 43.49 3.34 -15.53
C ILE A 602 42.16 3.68 -14.88
N LEU A 603 41.12 2.91 -15.18
CA LEU A 603 39.78 3.16 -14.66
C LEU A 603 39.51 2.35 -13.40
N ASP A 604 40.38 2.49 -12.40
CA ASP A 604 40.22 1.71 -11.18
C ASP A 604 38.97 2.14 -10.43
N LYS A 605 38.29 1.16 -9.83
CA LYS A 605 37.08 1.36 -9.05
C LYS A 605 35.95 1.99 -9.86
N LYS A 606 36.06 1.96 -11.18
CA LYS A 606 35.03 2.46 -12.08
C LYS A 606 34.43 1.36 -12.95
N VAL A 607 35.25 0.42 -13.40
CA VAL A 607 34.79 -0.75 -14.14
C VAL A 607 35.41 -1.98 -13.49
N GLU A 608 34.58 -2.98 -13.18
CA GLU A 608 35.07 -4.16 -12.47
C GLU A 608 35.98 -5.00 -13.36
N LYS A 609 35.59 -5.22 -14.60
CA LYS A 609 36.34 -6.09 -15.51
C LYS A 609 36.34 -5.49 -16.90
N VAL A 610 37.52 -5.44 -17.52
CA VAL A 610 37.67 -4.94 -18.88
C VAL A 610 38.19 -6.08 -19.74
N THR A 611 37.49 -6.36 -20.84
CA THR A 611 37.86 -7.49 -21.68
C THR A 611 37.31 -7.28 -23.09
N ILE A 612 37.60 -8.25 -23.95
CA ILE A 612 37.08 -8.29 -25.31
C ILE A 612 35.69 -8.91 -25.28
N SER A 613 34.97 -8.83 -26.40
CA SER A 613 33.61 -9.34 -26.46
C SER A 613 33.31 -9.87 -27.86
N ASN A 614 32.14 -10.49 -27.99
CA ASN A 614 31.68 -11.02 -29.26
C ASN A 614 30.35 -10.42 -29.69
N ARG A 615 29.89 -9.36 -29.05
CA ARG A 615 28.60 -8.76 -29.34
C ARG A 615 28.74 -7.40 -30.02
N LEU A 616 29.96 -6.98 -30.34
CA LEU A 616 30.21 -5.69 -30.97
C LEU A 616 30.90 -5.91 -32.30
N VAL A 617 30.43 -5.20 -33.34
CA VAL A 617 31.04 -5.29 -34.65
C VAL A 617 31.46 -3.93 -35.21
N SER A 618 30.86 -2.83 -34.79
CA SER A 618 31.17 -1.51 -35.32
C SER A 618 31.57 -0.51 -34.26
N SER A 619 30.95 -0.55 -33.09
CA SER A 619 31.32 0.34 -32.01
C SER A 619 32.59 -0.15 -31.33
N PRO A 620 33.44 0.77 -30.87
CA PRO A 620 34.68 0.36 -30.21
C PRO A 620 34.47 -0.34 -28.88
N CYS A 621 33.67 0.25 -28.00
CA CYS A 621 33.51 -0.27 -26.65
C CYS A 621 32.06 -0.16 -26.20
N CYS A 622 31.69 -0.98 -25.24
CA CYS A 622 30.36 -0.96 -24.66
C CYS A 622 30.42 -1.27 -23.17
N ILE A 623 29.45 -0.75 -22.44
CA ILE A 623 29.31 -0.98 -21.01
C ILE A 623 28.25 -2.04 -20.78
N VAL A 624 28.58 -3.05 -19.98
CA VAL A 624 27.78 -4.24 -19.82
C VAL A 624 27.48 -4.47 -18.34
N THR A 625 26.21 -4.66 -18.03
CA THR A 625 25.80 -4.97 -16.66
C THR A 625 26.34 -6.33 -16.24
N SER A 626 26.67 -6.45 -14.96
CA SER A 626 27.08 -7.73 -14.40
C SER A 626 25.90 -8.71 -14.39
N THR A 627 26.17 -9.94 -13.96
CA THR A 627 25.16 -10.98 -14.01
C THR A 627 24.10 -10.79 -12.92
N TYR A 628 24.49 -10.28 -11.76
CA TYR A 628 23.61 -10.22 -10.61
C TYR A 628 22.85 -8.89 -10.51
N GLY A 629 23.55 -7.77 -10.68
CA GLY A 629 22.98 -6.48 -10.36
C GLY A 629 21.90 -6.06 -11.33
N TRP A 630 21.32 -4.90 -11.03
CA TRP A 630 20.30 -4.33 -11.89
C TRP A 630 20.87 -4.01 -13.26
N THR A 631 20.06 -4.25 -14.30
CA THR A 631 20.42 -3.85 -15.64
C THR A 631 20.57 -2.32 -15.70
N ALA A 632 21.32 -1.85 -16.69
CA ALA A 632 21.54 -0.41 -16.84
C ALA A 632 20.23 0.34 -16.93
N ASN A 633 19.33 -0.13 -17.79
CA ASN A 633 18.02 0.51 -17.90
C ASN A 633 17.24 0.38 -16.60
N MET A 634 17.31 -0.79 -15.97
CA MET A 634 16.60 -1.00 -14.70
C MET A 634 17.13 -0.06 -13.62
N GLU A 635 18.45 0.03 -13.49
CA GLU A 635 19.04 0.90 -12.48
C GLU A 635 18.68 2.36 -12.76
N ARG A 636 18.71 2.77 -14.03
CA ARG A 636 18.30 4.13 -14.36
C ARG A 636 16.84 4.36 -13.99
N ILE A 637 15.99 3.37 -14.21
CA ILE A 637 14.56 3.51 -13.92
C ILE A 637 14.33 3.66 -12.43
N MET A 638 14.96 2.79 -11.64
CA MET A 638 14.69 2.74 -10.21
C MET A 638 15.55 3.72 -9.43
N LYS A 639 16.42 4.46 -10.11
CA LYS A 639 17.04 5.63 -9.50
C LYS A 639 16.17 6.87 -9.60
N ALA A 640 15.06 6.79 -10.33
CA ALA A 640 14.16 7.91 -10.52
C ALA A 640 12.81 7.73 -9.82
N GLN A 641 12.69 6.71 -8.97
CA GLN A 641 11.45 6.51 -8.23
C GLN A 641 11.24 7.66 -7.26
N ALA A 642 9.99 8.11 -7.15
CA ALA A 642 9.70 9.27 -6.30
C ALA A 642 10.03 8.98 -4.85
N LEU A 643 9.66 7.81 -4.36
CA LEU A 643 9.89 7.43 -2.97
C LEU A 643 10.90 6.28 -2.98
N ARG A 644 12.17 6.62 -2.86
CA ARG A 644 13.21 5.60 -2.87
C ARG A 644 14.27 5.95 -1.84
N ASP A 645 14.90 4.92 -1.29
CA ASP A 645 15.95 5.09 -0.30
C ASP A 645 17.31 5.14 -1.01
N ASN A 646 18.03 6.24 -0.83
CA ASN A 646 19.31 6.40 -1.49
C ASN A 646 20.29 5.30 -1.07
N SER A 647 20.30 4.97 0.22
CA SER A 647 21.17 3.90 0.71
C SER A 647 20.81 2.57 0.05
N THR A 648 19.51 2.27 -0.05
CA THR A 648 19.08 1.03 -0.70
C THR A 648 19.59 0.94 -2.13
N MET A 649 19.72 2.08 -2.82
CA MET A 649 20.26 2.09 -4.18
C MET A 649 21.61 1.39 -4.25
N GLY A 650 22.44 1.59 -3.22
CA GLY A 650 23.77 1.00 -3.22
C GLY A 650 23.81 -0.50 -3.02
N TYR A 651 22.68 -1.12 -2.66
CA TYR A 651 22.69 -2.55 -2.41
C TYR A 651 22.72 -3.37 -3.68
N MET A 652 22.11 -2.88 -4.76
CA MET A 652 21.96 -3.62 -6.00
C MET A 652 22.55 -2.88 -7.19
N MET A 653 23.54 -2.03 -6.94
CA MET A 653 24.21 -1.33 -8.03
C MET A 653 24.89 -2.33 -8.95
N ALA A 654 24.87 -2.05 -10.24
CA ALA A 654 25.48 -2.94 -11.21
C ALA A 654 26.99 -2.85 -11.15
N LYS A 655 27.65 -3.97 -11.43
CA LYS A 655 29.10 -4.02 -11.54
C LYS A 655 29.44 -3.84 -13.01
N LYS A 656 29.86 -2.64 -13.38
CA LYS A 656 30.10 -2.32 -14.78
C LYS A 656 31.23 -3.16 -15.36
N HIS A 657 31.04 -3.64 -16.58
CA HIS A 657 32.07 -4.33 -17.34
C HIS A 657 32.30 -3.61 -18.66
N LEU A 658 33.56 -3.43 -19.01
CA LEU A 658 33.91 -2.84 -20.30
C LEU A 658 34.21 -3.93 -21.30
N GLU A 659 33.58 -3.85 -22.47
CA GLU A 659 33.77 -4.82 -23.53
C GLU A 659 34.23 -4.09 -24.78
N ILE A 660 35.44 -4.40 -25.22
CA ILE A 660 36.06 -3.72 -26.35
C ILE A 660 36.02 -4.63 -27.57
N ASN A 661 36.15 -4.02 -28.74
CA ASN A 661 36.13 -4.76 -29.99
C ASN A 661 37.56 -4.86 -30.51
N PRO A 662 38.16 -6.05 -30.53
CA PRO A 662 39.54 -6.16 -31.00
C PRO A 662 39.73 -5.80 -32.46
N ASP A 663 38.67 -5.81 -33.27
CA ASP A 663 38.75 -5.54 -34.69
C ASP A 663 38.44 -4.08 -35.02
N HIS A 664 38.25 -3.25 -34.03
CA HIS A 664 37.97 -1.84 -34.28
C HIS A 664 39.29 -1.10 -34.46
N PRO A 665 39.40 -0.24 -35.49
CA PRO A 665 40.68 0.46 -35.70
C PRO A 665 41.14 1.29 -34.51
N ILE A 666 40.20 1.91 -33.81
CA ILE A 666 40.55 2.71 -32.64
C ILE A 666 41.21 1.84 -31.59
N VAL A 667 40.68 0.64 -31.38
CA VAL A 667 41.22 -0.24 -30.35
C VAL A 667 42.63 -0.69 -30.71
N GLU A 668 42.86 -1.04 -31.98
CA GLU A 668 44.18 -1.44 -32.41
C GLU A 668 45.18 -0.30 -32.27
N THR A 669 44.78 0.91 -32.65
CA THR A 669 45.66 2.06 -32.49
C THR A 669 45.97 2.32 -31.02
N LEU A 670 44.96 2.18 -30.17
CA LEU A 670 45.17 2.37 -28.74
C LEU A 670 46.14 1.33 -28.19
N ARG A 671 46.00 0.08 -28.63
CA ARG A 671 46.93 -0.96 -28.20
C ARG A 671 48.35 -0.66 -28.66
N GLN A 672 48.49 -0.22 -29.91
CA GLN A 672 49.81 0.13 -30.43
C GLN A 672 50.44 1.25 -29.62
N LYS A 673 49.67 2.30 -29.33
CA LYS A 673 50.20 3.42 -28.57
C LYS A 673 50.56 3.00 -27.14
N ALA A 674 49.70 2.18 -26.52
CA ALA A 674 49.99 1.71 -25.17
C ALA A 674 51.22 0.82 -25.14
N GLU A 675 51.50 0.12 -26.24
CA GLU A 675 52.74 -0.63 -26.33
C GLU A 675 53.93 0.29 -26.52
N ALA A 676 53.73 1.37 -27.30
CA ALA A 676 54.79 2.35 -27.50
C ALA A 676 55.17 3.04 -26.20
N ASP A 677 54.17 3.47 -25.43
CA ASP A 677 54.41 4.16 -24.16
C ASP A 677 53.63 3.46 -23.06
N LYS A 678 54.35 3.01 -22.03
CA LYS A 678 53.69 2.41 -20.87
C LYS A 678 52.78 3.39 -20.15
N ASN A 679 53.01 4.69 -20.29
CA ASN A 679 52.15 5.70 -19.70
C ASN A 679 52.25 6.98 -20.51
N ASP A 680 51.13 7.66 -20.67
CA ASP A 680 51.09 8.93 -21.38
C ASP A 680 49.79 9.65 -21.04
N LYS A 681 49.82 10.97 -21.14
CA LYS A 681 48.61 11.75 -20.88
C LYS A 681 47.57 11.55 -21.97
N ALA A 682 47.99 11.51 -23.23
CA ALA A 682 47.04 11.38 -24.34
C ALA A 682 46.29 10.07 -24.29
N VAL A 683 47.00 8.96 -24.03
CA VAL A 683 46.33 7.66 -24.01
C VAL A 683 45.35 7.59 -22.84
N LYS A 684 45.73 8.15 -21.69
CA LYS A 684 44.83 8.16 -20.55
C LYS A 684 43.59 8.99 -20.85
N ASP A 685 43.78 10.15 -21.48
CA ASP A 685 42.64 10.98 -21.84
C ASP A 685 41.72 10.26 -22.82
N LEU A 686 42.30 9.58 -23.81
CA LEU A 686 41.50 8.83 -24.77
C LEU A 686 40.72 7.72 -24.07
N VAL A 687 41.35 7.02 -23.14
CA VAL A 687 40.65 5.94 -22.43
C VAL A 687 39.50 6.51 -21.62
N VAL A 688 39.73 7.63 -20.93
CA VAL A 688 38.67 8.25 -20.14
C VAL A 688 37.52 8.70 -21.04
N LEU A 689 37.86 9.31 -22.18
CA LEU A 689 36.82 9.76 -23.09
C LEU A 689 36.03 8.59 -23.66
N LEU A 690 36.71 7.50 -24.01
CA LEU A 690 36.02 6.32 -24.51
C LEU A 690 35.09 5.74 -23.47
N PHE A 691 35.53 5.67 -22.22
CA PHE A 691 34.67 5.19 -21.15
C PHE A 691 33.47 6.11 -20.96
N GLU A 692 33.68 7.42 -21.03
CA GLU A 692 32.58 8.36 -20.89
C GLU A 692 31.55 8.19 -22.01
N THR A 693 32.04 8.05 -23.24
CA THR A 693 31.12 7.86 -24.37
C THR A 693 30.35 6.55 -24.26
N ALA A 694 31.03 5.48 -23.85
CA ALA A 694 30.34 4.21 -23.67
C ALA A 694 29.29 4.30 -22.56
N LEU A 695 29.62 4.98 -21.47
CA LEU A 695 28.66 5.16 -20.38
C LEU A 695 27.46 5.96 -20.84
N LEU A 696 27.68 7.01 -21.62
CA LEU A 696 26.58 7.80 -22.14
C LEU A 696 25.70 6.97 -23.08
N SER A 697 26.34 6.24 -24.00
CA SER A 697 25.57 5.47 -24.98
C SER A 697 24.85 4.29 -24.34
N SER A 698 25.42 3.72 -23.28
CA SER A 698 24.81 2.54 -22.66
C SER A 698 23.57 2.88 -21.87
N GLY A 699 23.26 4.16 -21.67
CA GLY A 699 22.11 4.56 -20.88
C GLY A 699 22.44 5.01 -19.47
N PHE A 700 23.66 4.80 -19.01
CA PHE A 700 24.05 5.28 -17.69
C PHE A 700 24.18 6.79 -17.68
N SER A 701 23.63 7.42 -16.66
CA SER A 701 23.80 8.86 -16.49
C SER A 701 25.17 9.14 -15.92
N LEU A 702 25.79 10.21 -16.39
CA LEU A 702 27.13 10.56 -15.93
C LEU A 702 27.12 11.03 -14.49
N GLU A 703 28.16 10.63 -13.74
CA GLU A 703 28.31 11.13 -12.38
C GLU A 703 28.58 12.63 -12.38
N ASP A 704 29.17 13.15 -13.45
CA ASP A 704 29.38 14.58 -13.62
C ASP A 704 29.50 14.91 -15.10
N PRO A 705 28.38 15.25 -15.75
CA PRO A 705 28.43 15.55 -17.19
C PRO A 705 29.27 16.78 -17.50
N GLN A 706 29.49 17.67 -16.52
CA GLN A 706 30.23 18.88 -16.79
C GLN A 706 31.67 18.56 -17.20
N THR A 707 32.29 17.58 -16.55
CA THR A 707 33.67 17.22 -16.89
C THR A 707 33.76 16.73 -18.33
N HIS A 708 32.85 15.84 -18.73
CA HIS A 708 32.85 15.33 -20.09
C HIS A 708 32.56 16.43 -21.09
N SER A 709 31.62 17.31 -20.77
CA SER A 709 31.31 18.42 -21.67
C SER A 709 32.51 19.33 -21.84
N ASN A 710 33.22 19.62 -20.75
CA ASN A 710 34.40 20.48 -20.84
C ASN A 710 35.51 19.80 -21.64
N ARG A 711 35.65 18.49 -21.47
CA ARG A 711 36.63 17.75 -22.29
C ARG A 711 36.27 17.85 -23.77
N ILE A 712 34.99 17.72 -24.09
CA ILE A 712 34.56 17.87 -25.47
C ILE A 712 34.83 19.29 -25.98
N TYR A 713 34.60 20.29 -25.12
CA TYR A 713 34.85 21.67 -25.52
C TYR A 713 36.32 21.88 -25.83
N ARG A 714 37.20 21.33 -25.00
CA ARG A 714 38.63 21.43 -25.24
C ARG A 714 39.01 20.70 -26.52
N MET A 715 38.41 19.54 -26.76
CA MET A 715 38.67 18.82 -28.00
C MET A 715 38.24 19.62 -29.22
N ILE A 716 37.09 20.29 -29.13
CA ILE A 716 36.63 21.13 -30.23
C ILE A 716 37.59 22.29 -30.45
N LYS A 717 38.02 22.93 -29.37
CA LYS A 717 38.99 24.03 -29.48
C LYS A 717 40.26 23.55 -30.17
N LEU A 718 40.76 22.37 -29.77
CA LEU A 718 41.96 21.83 -30.41
C LEU A 718 41.71 21.52 -31.88
N GLY A 719 40.51 21.01 -32.21
CA GLY A 719 40.22 20.68 -33.59
C GLY A 719 40.19 21.91 -34.49
N LEU A 720 39.40 22.91 -34.11
CA LEU A 720 39.27 24.10 -34.95
C LEU A 720 40.44 25.06 -34.76
N GLY A 721 41.31 24.80 -33.79
CA GLY A 721 42.52 25.59 -33.62
C GLY A 721 42.27 27.05 -33.30
N ILE A 722 41.31 27.33 -32.41
CA ILE A 722 41.09 28.70 -31.97
C ILE A 722 42.33 29.21 -31.22
N ASP A 723 42.93 28.36 -30.40
CA ASP A 723 44.11 28.74 -29.64
C ASP A 723 43.78 29.33 -28.28
N GLU B 43 -61.49 2.18 18.72
CA GLU B 43 -61.11 2.36 17.32
C GLU B 43 -59.63 2.09 17.14
N VAL B 44 -58.80 3.08 17.44
CA VAL B 44 -57.35 2.91 17.32
C VAL B 44 -56.90 1.86 18.33
N GLU B 45 -56.09 0.91 17.88
CA GLU B 45 -55.65 -0.19 18.72
C GLU B 45 -54.12 -0.26 18.72
N THR B 46 -53.51 0.29 19.76
CA THR B 46 -52.05 0.32 19.87
C THR B 46 -51.53 -1.02 20.36
N PHE B 47 -50.31 -1.35 19.93
CA PHE B 47 -49.67 -2.59 20.34
C PHE B 47 -48.26 -2.34 20.86
N ALA B 48 -47.51 -3.41 21.11
CA ALA B 48 -46.14 -3.32 21.56
C ALA B 48 -45.27 -4.25 20.73
N PHE B 49 -44.06 -3.81 20.43
CA PHE B 49 -43.14 -4.56 19.60
C PHE B 49 -42.75 -5.87 20.28
N GLN B 50 -42.54 -6.91 19.46
CA GLN B 50 -42.07 -8.21 19.93
C GLN B 50 -40.84 -8.61 19.14
N ALA B 51 -40.22 -9.71 19.57
CA ALA B 51 -39.04 -10.24 18.91
C ALA B 51 -39.13 -11.75 18.84
N GLU B 52 -38.67 -12.31 17.71
CA GLU B 52 -38.55 -13.75 17.56
C GLU B 52 -37.21 -14.19 18.12
N ILE B 53 -37.24 -14.87 19.27
CA ILE B 53 -36.01 -15.17 20.00
C ILE B 53 -35.12 -16.09 19.18
N ALA B 54 -35.70 -17.11 18.56
CA ALA B 54 -34.89 -18.05 17.78
C ALA B 54 -34.24 -17.36 16.58
N GLN B 55 -35.03 -16.59 15.83
CA GLN B 55 -34.48 -15.92 14.66
C GLN B 55 -33.46 -14.85 15.07
N LEU B 56 -33.72 -14.14 16.17
CA LEU B 56 -32.78 -13.14 16.63
C LEU B 56 -31.46 -13.79 17.04
N MET B 57 -31.53 -14.91 17.75
CA MET B 57 -30.32 -15.61 18.14
C MET B 57 -29.56 -16.11 16.92
N SER B 58 -30.27 -16.64 15.92
CA SER B 58 -29.61 -17.11 14.71
C SER B 58 -28.93 -15.96 13.99
N LEU B 59 -29.60 -14.80 13.92
CA LEU B 59 -28.99 -13.63 13.29
C LEU B 59 -27.74 -13.20 14.03
N ILE B 60 -27.80 -13.17 15.37
CA ILE B 60 -26.63 -12.77 16.14
C ILE B 60 -25.47 -13.73 15.91
N ILE B 61 -25.76 -15.03 15.89
CA ILE B 61 -24.70 -16.01 15.74
C ILE B 61 -24.10 -15.97 14.34
N ASN B 62 -24.93 -15.73 13.33
CA ASN B 62 -24.51 -15.93 11.96
C ASN B 62 -24.19 -14.65 11.21
N THR B 63 -24.77 -13.52 11.60
CA THR B 63 -24.68 -12.31 10.81
C THR B 63 -23.93 -11.16 11.47
N PHE B 64 -23.94 -11.07 12.80
CA PHE B 64 -23.33 -9.92 13.46
C PHE B 64 -21.82 -9.89 13.25
N TYR B 65 -21.15 -11.02 13.43
CA TYR B 65 -19.70 -11.07 13.50
C TYR B 65 -19.15 -11.81 12.28
N SER B 66 -18.24 -11.14 11.56
CA SER B 66 -17.64 -11.77 10.39
C SER B 66 -16.56 -12.77 10.80
N ASN B 67 -15.66 -12.36 11.70
CA ASN B 67 -14.55 -13.20 12.12
C ASN B 67 -14.90 -13.91 13.42
N LYS B 68 -14.71 -15.22 13.44
CA LYS B 68 -15.09 -16.03 14.60
C LYS B 68 -14.08 -15.97 15.72
N GLU B 69 -12.87 -15.45 15.49
CA GLU B 69 -11.84 -15.47 16.51
C GLU B 69 -12.00 -14.36 17.54
N ILE B 70 -12.94 -13.43 17.36
CA ILE B 70 -13.07 -12.29 18.27
C ILE B 70 -13.85 -12.63 19.52
N PHE B 71 -14.33 -13.86 19.66
CA PHE B 71 -15.13 -14.23 20.83
C PHE B 71 -14.36 -13.99 22.12
N LEU B 72 -13.10 -14.38 22.16
CA LEU B 72 -12.26 -14.07 23.32
C LEU B 72 -12.30 -12.59 23.64
N ARG B 73 -12.09 -11.75 22.62
CA ARG B 73 -12.11 -10.31 22.83
C ARG B 73 -13.38 -9.87 23.52
N GLU B 74 -14.50 -10.51 23.19
CA GLU B 74 -15.75 -10.19 23.87
C GLU B 74 -15.75 -10.77 25.28
N LEU B 75 -15.47 -12.08 25.39
CA LEU B 75 -15.59 -12.75 26.68
C LEU B 75 -14.71 -12.09 27.71
N ILE B 76 -13.41 -12.10 27.48
CA ILE B 76 -12.43 -11.45 28.34
C ILE B 76 -12.94 -10.06 28.74
N SER B 77 -13.46 -9.32 27.77
CA SER B 77 -13.82 -7.93 28.07
C SER B 77 -14.88 -7.89 29.15
N ASN B 78 -15.92 -8.69 28.96
CA ASN B 78 -16.92 -8.72 30.03
C ASN B 78 -16.18 -8.99 31.32
N ALA B 79 -15.49 -10.10 31.36
CA ALA B 79 -14.86 -10.53 32.60
C ALA B 79 -14.18 -9.34 33.25
N SER B 80 -13.39 -8.60 32.47
CA SER B 80 -12.70 -7.42 32.99
C SER B 80 -13.62 -6.54 33.83
N ASP B 81 -14.80 -6.23 33.28
CA ASP B 81 -15.74 -5.38 34.00
C ASP B 81 -16.16 -6.02 35.32
N ALA B 82 -16.43 -7.33 35.30
CA ALA B 82 -16.77 -8.02 36.54
C ALA B 82 -15.70 -7.80 37.59
N LEU B 83 -14.43 -7.78 37.19
CA LEU B 83 -13.38 -7.43 38.13
C LEU B 83 -13.46 -5.97 38.50
N ASP B 84 -13.54 -5.09 37.49
CA ASP B 84 -13.54 -3.66 37.76
C ASP B 84 -14.61 -3.31 38.78
N LYS B 85 -15.84 -3.78 38.55
CA LYS B 85 -16.94 -3.55 39.48
C LYS B 85 -16.53 -3.90 40.90
N ILE B 86 -16.05 -5.13 41.11
CA ILE B 86 -15.75 -5.54 42.48
C ILE B 86 -14.63 -4.67 43.04
N ARG B 87 -13.67 -4.30 42.20
CA ARG B 87 -12.61 -3.41 42.68
C ARG B 87 -13.21 -2.10 43.17
N TYR B 88 -14.16 -1.55 42.42
CA TYR B 88 -14.86 -0.36 42.89
C TYR B 88 -15.56 -0.64 44.21
N GLU B 89 -16.24 -1.79 44.30
CA GLU B 89 -16.90 -2.15 45.55
C GLU B 89 -15.92 -2.46 46.65
N SER B 90 -14.63 -2.65 46.33
CA SER B 90 -13.61 -2.80 47.35
C SER B 90 -13.16 -1.46 47.91
N LEU B 91 -13.48 -0.36 47.23
CA LEU B 91 -13.03 0.96 47.70
C LEU B 91 -13.72 1.33 49.00
N THR B 92 -15.04 1.15 49.07
CA THR B 92 -15.81 1.50 50.25
C THR B 92 -16.11 0.29 51.13
N ASP B 93 -15.62 -0.89 50.77
CA ASP B 93 -15.87 -2.10 51.54
C ASP B 93 -14.80 -3.14 51.27
N PRO B 94 -13.64 -3.03 51.93
CA PRO B 94 -12.60 -4.05 51.73
C PRO B 94 -13.04 -5.43 52.19
N SER B 95 -14.01 -5.51 53.10
CA SER B 95 -14.50 -6.81 53.57
C SER B 95 -15.13 -7.61 52.44
N LYS B 96 -15.48 -6.97 51.33
CA LYS B 96 -16.02 -7.69 50.20
C LYS B 96 -14.97 -8.51 49.47
N LEU B 97 -13.69 -8.30 49.78
CA LEU B 97 -12.62 -9.09 49.19
C LEU B 97 -12.14 -10.21 50.10
N ASP B 98 -12.84 -10.45 51.22
CA ASP B 98 -12.44 -11.52 52.12
C ASP B 98 -12.59 -12.89 51.47
N SER B 99 -13.53 -13.03 50.54
CA SER B 99 -13.67 -14.30 49.83
C SER B 99 -12.43 -14.59 48.99
N GLY B 100 -11.90 -13.57 48.34
CA GLY B 100 -10.68 -13.70 47.57
C GLY B 100 -9.95 -12.39 47.47
N LYS B 101 -8.65 -12.39 47.79
CA LYS B 101 -7.87 -11.17 47.84
C LYS B 101 -7.16 -10.86 46.52
N GLU B 102 -7.29 -11.72 45.52
CA GLU B 102 -6.54 -11.60 44.28
C GLU B 102 -7.49 -11.46 43.11
N LEU B 103 -7.16 -10.57 42.18
CA LEU B 103 -7.95 -10.33 40.98
C LEU B 103 -7.12 -10.73 39.77
N LYS B 104 -7.56 -11.78 39.07
CA LYS B 104 -6.81 -12.31 37.94
C LYS B 104 -7.77 -13.02 37.01
N ILE B 105 -7.29 -13.30 35.80
CA ILE B 105 -8.05 -14.04 34.80
C ILE B 105 -7.19 -15.19 34.32
N ASP B 106 -7.78 -16.38 34.26
CA ASP B 106 -7.07 -17.59 33.88
C ASP B 106 -7.75 -18.25 32.69
N ILE B 107 -6.94 -18.74 31.74
CA ILE B 107 -7.44 -19.45 30.57
C ILE B 107 -6.88 -20.86 30.59
N ILE B 108 -7.76 -21.85 30.53
CA ILE B 108 -7.39 -23.26 30.64
C ILE B 108 -7.93 -24.02 29.43
N PRO B 109 -7.12 -24.28 28.42
CA PRO B 109 -7.54 -25.18 27.34
C PRO B 109 -7.33 -26.63 27.72
N ASN B 110 -8.33 -27.46 27.43
CA ASN B 110 -8.28 -28.89 27.73
C ASN B 110 -8.62 -29.68 26.48
N PRO B 111 -7.61 -30.09 25.71
CA PRO B 111 -7.89 -30.90 24.52
C PRO B 111 -8.42 -32.29 24.86
N GLN B 112 -8.20 -32.76 26.09
CA GLN B 112 -8.71 -34.07 26.48
C GLN B 112 -10.23 -34.11 26.39
N GLU B 113 -10.89 -33.06 26.89
CA GLU B 113 -12.32 -32.92 26.79
C GLU B 113 -12.73 -31.88 25.75
N ARG B 114 -11.76 -31.27 25.07
CA ARG B 114 -12.03 -30.22 24.07
C ARG B 114 -12.85 -29.09 24.68
N THR B 115 -12.41 -28.62 25.85
CA THR B 115 -13.13 -27.58 26.59
C THR B 115 -12.20 -26.39 26.82
N LEU B 116 -12.70 -25.20 26.53
CA LEU B 116 -11.98 -23.97 26.83
C LEU B 116 -12.58 -23.33 28.06
N THR B 117 -11.77 -23.16 29.11
CA THR B 117 -12.25 -22.63 30.37
C THR B 117 -11.67 -21.25 30.61
N LEU B 118 -12.50 -20.35 31.12
CA LEU B 118 -12.09 -18.98 31.44
C LEU B 118 -12.57 -18.67 32.85
N VAL B 119 -11.62 -18.50 33.77
CA VAL B 119 -11.93 -18.29 35.18
C VAL B 119 -11.59 -16.87 35.55
N ASP B 120 -12.48 -16.22 36.30
CA ASP B 120 -12.24 -14.87 36.79
C ASP B 120 -12.81 -14.75 38.19
N THR B 121 -12.07 -14.05 39.06
CA THR B 121 -12.52 -13.81 40.43
C THR B 121 -13.27 -12.48 40.52
N GLY B 122 -14.27 -12.29 39.68
CA GLY B 122 -15.01 -11.05 39.62
C GLY B 122 -16.15 -11.00 40.62
N ILE B 123 -17.11 -10.12 40.34
CA ILE B 123 -18.25 -9.96 41.24
C ILE B 123 -19.15 -11.18 41.20
N GLY B 124 -19.29 -11.80 40.02
CA GLY B 124 -20.22 -12.89 39.85
C GLY B 124 -21.65 -12.39 39.69
N MET B 125 -22.54 -13.32 39.39
CA MET B 125 -23.94 -13.02 39.15
C MET B 125 -24.83 -13.93 39.99
N THR B 126 -25.88 -13.35 40.56
CA THR B 126 -26.87 -14.10 41.29
C THR B 126 -27.85 -14.78 40.32
N LYS B 127 -28.76 -15.57 40.88
CA LYS B 127 -29.78 -16.21 40.05
C LYS B 127 -30.66 -15.17 39.38
N ALA B 128 -31.07 -14.13 40.13
CA ALA B 128 -31.81 -13.03 39.52
C ALA B 128 -30.96 -12.33 38.46
N ASP B 129 -29.67 -12.14 38.75
CA ASP B 129 -28.77 -11.55 37.76
C ASP B 129 -28.62 -12.48 36.56
N LEU B 130 -28.58 -13.79 36.81
CA LEU B 130 -28.49 -14.75 35.72
C LEU B 130 -29.68 -14.64 34.79
N ILE B 131 -30.89 -14.56 35.36
CA ILE B 131 -32.09 -14.49 34.53
C ILE B 131 -32.17 -13.15 33.81
N ASN B 132 -31.89 -12.06 34.53
CA ASN B 132 -32.12 -10.73 33.96
C ASN B 132 -31.07 -10.35 32.93
N ASN B 133 -29.80 -10.71 33.17
CA ASN B 133 -28.73 -10.23 32.31
C ASN B 133 -28.38 -11.22 31.21
N LEU B 134 -27.96 -12.43 31.59
CA LEU B 134 -27.57 -13.41 30.59
C LEU B 134 -28.76 -13.88 29.77
N GLY B 135 -29.91 -14.11 30.41
CA GLY B 135 -31.03 -14.70 29.70
C GLY B 135 -31.80 -13.75 28.81
N THR B 136 -31.53 -12.46 28.91
CA THR B 136 -32.23 -11.45 28.10
C THR B 136 -31.23 -10.84 27.13
N ILE B 137 -31.54 -10.91 25.84
CA ILE B 137 -30.71 -10.27 24.82
C ILE B 137 -30.93 -8.76 24.86
N ALA B 138 -29.88 -8.01 24.54
CA ALA B 138 -29.89 -6.56 24.50
C ALA B 138 -30.15 -5.92 25.87
N LYS B 139 -30.14 -6.71 26.93
CA LYS B 139 -30.27 -6.20 28.29
C LYS B 139 -28.91 -6.35 28.96
N SER B 140 -28.25 -5.23 29.20
CA SER B 140 -26.91 -5.22 29.79
C SER B 140 -27.00 -4.75 31.23
N GLY B 141 -26.50 -5.57 32.14
CA GLY B 141 -26.36 -5.13 33.51
C GLY B 141 -25.24 -4.12 33.69
N THR B 142 -24.26 -4.15 32.79
CA THR B 142 -23.13 -3.24 32.88
C THR B 142 -23.57 -1.80 32.72
N LYS B 143 -24.42 -1.52 31.74
CA LYS B 143 -24.91 -0.16 31.54
C LYS B 143 -25.72 0.31 32.75
N ALA B 144 -26.57 -0.57 33.28
CA ALA B 144 -27.36 -0.21 34.45
C ALA B 144 -26.47 0.09 35.66
N PHE B 145 -25.43 -0.71 35.85
CA PHE B 145 -24.49 -0.45 36.94
C PHE B 145 -23.76 0.86 36.72
N MET B 146 -23.35 1.14 35.49
CA MET B 146 -22.62 2.37 35.21
C MET B 146 -23.48 3.61 35.43
N GLU B 147 -24.75 3.56 35.01
CA GLU B 147 -25.60 4.73 35.16
C GLU B 147 -26.02 4.95 36.61
N ALA B 148 -25.91 3.93 37.46
CA ALA B 148 -26.24 4.08 38.87
C ALA B 148 -25.11 4.68 39.69
N LEU B 149 -23.95 4.92 39.07
CA LEU B 149 -22.85 5.57 39.77
C LEU B 149 -23.20 7.02 40.10
N GLN B 150 -22.64 7.51 41.20
CA GLN B 150 -22.86 8.89 41.61
C GLN B 150 -21.90 9.80 40.85
N ALA B 151 -22.46 10.84 40.22
CA ALA B 151 -21.70 11.84 39.48
C ALA B 151 -20.77 11.21 38.45
N GLY B 152 -19.55 11.73 38.34
CA GLY B 152 -18.56 11.20 37.44
C GLY B 152 -17.46 10.44 38.15
N ALA B 153 -17.48 9.12 38.06
CA ALA B 153 -16.47 8.30 38.72
C ALA B 153 -15.28 8.09 37.78
N ASP B 154 -14.37 7.20 38.13
CA ASP B 154 -13.15 7.00 37.37
C ASP B 154 -13.07 5.66 36.66
N ILE B 155 -14.20 4.95 36.54
CA ILE B 155 -14.21 3.61 35.94
C ILE B 155 -15.04 3.64 34.67
N SER B 156 -14.46 3.13 33.59
CA SER B 156 -15.12 3.07 32.29
C SER B 156 -15.22 1.60 31.87
N MET B 157 -16.44 1.12 31.68
CA MET B 157 -16.66 -0.25 31.23
C MET B 157 -17.05 -0.26 29.76
N ILE B 158 -16.81 -1.39 29.11
CA ILE B 158 -16.93 -1.48 27.67
C ILE B 158 -18.27 -2.07 27.21
N GLY B 159 -19.01 -2.74 28.09
CA GLY B 159 -20.20 -3.45 27.66
C GLY B 159 -21.49 -2.67 27.54
N GLN B 160 -21.52 -1.64 26.70
CA GLN B 160 -22.76 -0.90 26.49
C GLN B 160 -23.82 -1.74 25.80
N PHE B 161 -23.42 -2.43 24.73
CA PHE B 161 -24.40 -3.14 23.89
C PHE B 161 -25.09 -4.26 24.66
N GLY B 162 -24.32 -5.09 25.35
CA GLY B 162 -24.88 -6.14 26.18
C GLY B 162 -25.24 -7.41 25.44
N VAL B 163 -24.99 -7.48 24.13
CA VAL B 163 -25.20 -8.70 23.35
C VAL B 163 -23.93 -9.49 23.13
N GLY B 164 -22.80 -9.04 23.69
CA GLY B 164 -21.52 -9.64 23.35
C GLY B 164 -21.39 -11.10 23.72
N PHE B 165 -21.86 -11.46 24.93
CA PHE B 165 -21.63 -12.81 25.44
C PHE B 165 -21.98 -13.88 24.41
N TYR B 166 -23.13 -13.73 23.74
CA TYR B 166 -23.61 -14.75 22.83
C TYR B 166 -22.61 -15.06 21.72
N SER B 167 -21.63 -14.20 21.49
CA SER B 167 -20.60 -14.47 20.49
C SER B 167 -19.80 -15.73 20.82
N ALA B 168 -19.85 -16.20 22.06
CA ALA B 168 -19.22 -17.47 22.39
C ALA B 168 -19.77 -18.61 21.55
N TYR B 169 -21.02 -18.49 21.11
CA TYR B 169 -21.61 -19.53 20.28
C TYR B 169 -21.08 -19.53 18.85
N LEU B 170 -20.18 -18.61 18.52
CA LEU B 170 -19.48 -18.72 17.25
C LEU B 170 -18.61 -19.97 17.18
N VAL B 171 -18.17 -20.46 18.34
CA VAL B 171 -17.27 -21.60 18.42
C VAL B 171 -17.88 -22.73 19.24
N ALA B 172 -18.32 -22.44 20.46
CA ALA B 172 -18.84 -23.48 21.33
C ALA B 172 -20.18 -23.99 20.82
N GLU B 173 -20.41 -25.29 20.98
CA GLU B 173 -21.72 -25.89 20.82
C GLU B 173 -22.45 -26.02 22.14
N LYS B 174 -21.79 -25.68 23.26
CA LYS B 174 -22.41 -25.70 24.57
C LYS B 174 -21.64 -24.74 25.47
N VAL B 175 -22.38 -24.02 26.32
CA VAL B 175 -21.80 -23.06 27.23
C VAL B 175 -22.28 -23.38 28.64
N VAL B 176 -21.34 -23.49 29.58
CA VAL B 176 -21.65 -23.73 30.98
C VAL B 176 -20.97 -22.63 31.79
N VAL B 177 -21.78 -21.80 32.44
CA VAL B 177 -21.28 -20.70 33.26
C VAL B 177 -21.49 -21.09 34.71
N ILE B 178 -20.40 -21.32 35.43
CA ILE B 178 -20.44 -21.67 36.84
C ILE B 178 -20.11 -20.41 37.62
N THR B 179 -21.10 -19.81 38.26
CA THR B 179 -20.89 -18.57 38.97
C THR B 179 -21.04 -18.78 40.47
N LYS B 180 -20.43 -17.88 41.23
CA LYS B 180 -20.51 -17.91 42.69
C LYS B 180 -20.33 -16.47 43.18
N HIS B 181 -21.44 -15.75 43.22
CA HIS B 181 -21.48 -14.45 43.86
C HIS B 181 -21.38 -14.62 45.37
N ASN B 182 -20.77 -13.64 46.03
CA ASN B 182 -20.60 -13.74 47.49
C ASN B 182 -21.95 -13.84 48.18
N ASP B 183 -22.94 -13.10 47.69
CA ASP B 183 -24.24 -13.05 48.34
C ASP B 183 -24.96 -14.40 48.34
N ASP B 184 -24.89 -15.13 47.23
CA ASP B 184 -25.73 -16.30 47.04
C ASP B 184 -24.90 -17.52 46.65
N GLU B 185 -25.55 -18.68 46.72
CA GLU B 185 -24.92 -19.97 46.45
C GLU B 185 -24.38 -20.04 45.01
N GLN B 186 -23.63 -21.10 44.76
CA GLN B 186 -23.12 -21.39 43.42
C GLN B 186 -24.28 -21.73 42.48
N TYR B 187 -24.13 -21.34 41.22
CA TYR B 187 -25.15 -21.64 40.23
C TYR B 187 -24.52 -21.94 38.87
N ALA B 188 -24.93 -23.05 38.27
CA ALA B 188 -24.50 -23.43 36.93
C ALA B 188 -25.58 -23.07 35.93
N TRP B 189 -25.17 -22.45 34.82
CA TRP B 189 -26.05 -21.95 33.79
C TRP B 189 -25.63 -22.60 32.48
N GLU B 190 -26.45 -23.51 31.97
CA GLU B 190 -26.10 -24.29 30.79
C GLU B 190 -27.00 -23.94 29.62
N SER B 191 -26.40 -23.78 28.45
CA SER B 191 -27.20 -23.46 27.28
C SER B 191 -26.47 -23.90 26.01
N SER B 192 -27.23 -23.98 24.92
CA SER B 192 -26.69 -24.34 23.62
C SER B 192 -27.29 -23.49 22.51
N ALA B 193 -27.74 -22.28 22.84
CA ALA B 193 -28.33 -21.35 21.87
C ALA B 193 -29.55 -21.93 21.18
N GLY B 194 -30.24 -22.86 21.85
CA GLY B 194 -31.41 -23.48 21.27
C GLY B 194 -32.70 -22.82 21.67
N GLY B 195 -32.62 -21.58 22.15
CA GLY B 195 -33.79 -20.87 22.60
C GLY B 195 -34.19 -21.14 24.04
N SER B 196 -33.38 -21.88 24.79
CA SER B 196 -33.67 -22.18 26.17
C SER B 196 -32.37 -22.38 26.93
N PHE B 197 -32.42 -22.18 28.24
CA PHE B 197 -31.26 -22.37 29.09
C PHE B 197 -31.71 -22.95 30.42
N THR B 198 -30.77 -23.60 31.10
CA THR B 198 -31.04 -24.32 32.34
C THR B 198 -30.22 -23.72 33.47
N VAL B 199 -30.89 -23.48 34.60
CA VAL B 199 -30.25 -22.99 35.82
C VAL B 199 -30.27 -24.12 36.83
N ARG B 200 -29.13 -24.36 37.48
CA ARG B 200 -28.98 -25.55 38.31
C ARG B 200 -28.15 -25.20 39.54
N ALA B 201 -28.51 -25.77 40.68
CA ALA B 201 -27.65 -25.70 41.85
C ALA B 201 -26.36 -26.45 41.57
N ASP B 202 -25.23 -25.80 41.87
CA ASP B 202 -23.95 -26.37 41.44
C ASP B 202 -23.50 -27.49 42.37
N HIS B 203 -23.24 -27.16 43.64
CA HIS B 203 -22.73 -28.12 44.63
C HIS B 203 -21.46 -28.81 44.17
N GLY B 204 -20.73 -28.22 43.22
CA GLY B 204 -19.45 -28.74 42.79
C GLY B 204 -18.30 -28.22 43.63
N GLU B 205 -17.10 -28.33 43.06
CA GLU B 205 -15.92 -27.82 43.74
C GLU B 205 -16.02 -26.31 43.89
N PRO B 206 -15.67 -25.76 45.04
CA PRO B 206 -15.84 -24.31 45.25
C PRO B 206 -14.92 -23.51 44.35
N ILE B 207 -15.42 -22.35 43.93
CA ILE B 207 -14.69 -21.41 43.09
C ILE B 207 -14.34 -20.14 43.85
N GLY B 208 -14.54 -20.13 45.17
CA GLY B 208 -14.35 -18.91 45.92
C GLY B 208 -15.40 -17.87 45.57
N ARG B 209 -14.99 -16.85 44.82
CA ARG B 209 -15.90 -15.85 44.30
C ARG B 209 -15.60 -15.60 42.83
N GLY B 210 -16.64 -15.54 42.01
CA GLY B 210 -16.40 -15.19 40.63
C GLY B 210 -17.09 -16.14 39.68
N THR B 211 -16.66 -16.12 38.42
CA THR B 211 -17.33 -16.88 37.37
C THR B 211 -16.32 -17.69 36.56
N LYS B 212 -16.74 -18.88 36.16
CA LYS B 212 -15.93 -19.77 35.32
C LYS B 212 -16.78 -20.19 34.12
N VAL B 213 -16.40 -19.76 32.94
CA VAL B 213 -17.15 -20.05 31.72
C VAL B 213 -16.43 -21.14 30.95
N ILE B 214 -17.12 -22.26 30.73
CA ILE B 214 -16.58 -23.41 30.03
C ILE B 214 -17.32 -23.54 28.70
N LEU B 215 -16.57 -23.50 27.61
CA LEU B 215 -17.09 -23.66 26.26
C LEU B 215 -16.71 -25.04 25.73
N HIS B 216 -17.71 -25.84 25.38
CA HIS B 216 -17.49 -27.11 24.71
C HIS B 216 -17.36 -26.83 23.20
N LEU B 217 -16.13 -26.73 22.73
CA LEU B 217 -15.89 -26.35 21.34
C LEU B 217 -16.43 -27.40 20.39
N LYS B 218 -16.99 -26.93 19.27
CA LYS B 218 -17.43 -27.84 18.24
C LYS B 218 -16.23 -28.43 17.50
N GLU B 219 -16.49 -29.44 16.68
CA GLU B 219 -15.41 -30.18 16.01
C GLU B 219 -14.58 -29.26 15.12
N ASP B 220 -15.23 -28.38 14.36
CA ASP B 220 -14.51 -27.58 13.38
C ASP B 220 -13.50 -26.65 14.04
N GLN B 221 -13.90 -25.99 15.13
CA GLN B 221 -13.06 -24.97 15.75
C GLN B 221 -12.17 -25.56 16.84
N THR B 222 -11.39 -26.56 16.49
CA THR B 222 -10.44 -27.15 17.43
C THR B 222 -9.07 -26.50 17.37
N GLU B 223 -8.88 -25.52 16.49
CA GLU B 223 -7.59 -24.85 16.38
C GLU B 223 -7.30 -23.93 17.56
N TYR B 224 -8.30 -23.66 18.41
CA TYR B 224 -8.13 -22.76 19.54
C TYR B 224 -7.63 -23.47 20.79
N LEU B 225 -7.35 -24.77 20.71
CA LEU B 225 -6.66 -25.45 21.80
C LEU B 225 -5.16 -25.23 21.77
N GLU B 226 -4.61 -24.88 20.61
CA GLU B 226 -3.18 -24.65 20.50
C GLU B 226 -2.79 -23.42 21.30
N GLU B 227 -1.59 -23.47 21.89
CA GLU B 227 -1.08 -22.33 22.64
C GLU B 227 -0.85 -21.13 21.72
N ARG B 228 -0.31 -21.38 20.52
CA ARG B 228 0.05 -20.28 19.64
C ARG B 228 -1.15 -19.45 19.25
N ARG B 229 -2.27 -20.09 18.90
CA ARG B 229 -3.44 -19.34 18.46
C ARG B 229 -3.98 -18.47 19.60
N VAL B 230 -4.07 -19.03 20.80
CA VAL B 230 -4.58 -18.27 21.94
C VAL B 230 -3.66 -17.09 22.24
N LYS B 231 -2.35 -17.33 22.26
CA LYS B 231 -1.42 -16.24 22.53
C LYS B 231 -1.52 -15.16 21.47
N GLU B 232 -1.62 -15.55 20.20
CA GLU B 232 -1.71 -14.57 19.13
C GLU B 232 -2.97 -13.74 19.25
N VAL B 233 -4.10 -14.38 19.53
CA VAL B 233 -5.36 -13.66 19.65
C VAL B 233 -5.31 -12.67 20.81
N VAL B 234 -4.81 -13.13 21.96
CA VAL B 234 -4.75 -12.27 23.13
C VAL B 234 -3.82 -11.09 22.88
N LYS B 235 -2.68 -11.34 22.23
CA LYS B 235 -1.75 -10.27 21.92
C LYS B 235 -2.35 -9.27 20.94
N LYS B 236 -3.13 -9.76 19.98
CA LYS B 236 -3.70 -8.87 18.97
C LYS B 236 -4.80 -7.99 19.56
N HIS B 237 -5.72 -8.59 20.33
CA HIS B 237 -6.95 -7.90 20.70
C HIS B 237 -6.89 -7.30 22.11
N SER B 238 -6.62 -8.13 23.11
CA SER B 238 -6.74 -7.72 24.51
C SER B 238 -5.37 -7.59 25.17
N GLN B 239 -4.40 -7.03 24.44
CA GLN B 239 -3.05 -6.94 24.98
C GLN B 239 -2.98 -5.97 26.16
N PHE B 240 -3.76 -4.90 26.11
CA PHE B 240 -3.64 -3.82 27.09
C PHE B 240 -4.73 -3.87 28.15
N ILE B 241 -5.20 -5.05 28.49
CA ILE B 241 -6.15 -5.17 29.60
C ILE B 241 -5.42 -4.87 30.90
N GLY B 242 -6.06 -4.06 31.75
CA GLY B 242 -5.37 -3.56 32.93
C GLY B 242 -4.93 -4.66 33.88
N TYR B 243 -5.84 -5.56 34.19
CA TYR B 243 -5.59 -6.61 35.16
C TYR B 243 -4.69 -7.70 34.57
N PRO B 244 -4.09 -8.54 35.43
CA PRO B 244 -3.22 -9.62 34.93
C PRO B 244 -4.01 -10.75 34.29
N ILE B 245 -3.59 -11.15 33.10
CA ILE B 245 -4.16 -12.28 32.38
C ILE B 245 -3.15 -13.42 32.40
N THR B 246 -3.58 -14.58 32.91
CA THR B 246 -2.71 -15.74 33.04
C THR B 246 -3.23 -16.87 32.18
N LEU B 247 -2.36 -17.45 31.36
CA LEU B 247 -2.68 -18.61 30.53
C LEU B 247 -2.12 -19.86 31.19
N TYR B 248 -2.97 -20.84 31.44
CA TYR B 248 -2.54 -22.12 31.98
C TYR B 248 -2.28 -23.12 30.87
N LEU B 249 -1.41 -24.09 31.17
CA LEU B 249 -1.09 -25.15 30.21
C LEU B 249 -0.49 -26.31 30.99
N GLU B 250 -0.37 -27.45 30.32
CA GLU B 250 0.29 -28.62 30.88
C GLU B 250 1.49 -28.99 30.02
N LYS B 251 2.65 -29.11 30.66
CA LYS B 251 3.89 -29.40 29.94
C LYS B 251 4.75 -30.40 30.72
N GLU B 306 9.09 -31.82 34.21
CA GLU B 306 8.39 -32.60 33.20
C GLU B 306 6.93 -32.78 33.61
N LYS B 307 6.05 -32.85 32.61
CA LYS B 307 4.61 -33.04 32.79
C LYS B 307 4.08 -32.24 33.98
N TYR B 308 4.39 -30.95 33.98
CA TYR B 308 3.98 -30.04 35.05
C TYR B 308 3.11 -28.93 34.47
N ILE B 309 2.05 -28.58 35.19
CA ILE B 309 1.24 -27.44 34.79
C ILE B 309 2.06 -26.16 34.87
N ASP B 310 1.93 -25.32 33.85
CA ASP B 310 2.65 -24.06 33.75
C ASP B 310 1.66 -22.92 33.61
N GLN B 311 2.08 -21.73 34.06
CA GLN B 311 1.30 -20.50 33.93
C GLN B 311 2.17 -19.44 33.26
N GLU B 312 1.60 -18.75 32.27
CA GLU B 312 2.31 -17.75 31.50
C GLU B 312 1.54 -16.44 31.49
N GLU B 313 2.21 -15.35 31.86
CA GLU B 313 1.59 -14.04 31.91
C GLU B 313 1.47 -13.50 30.49
N LEU B 314 0.24 -13.40 29.98
CA LEU B 314 0.05 -13.01 28.59
C LEU B 314 0.25 -11.50 28.40
N ASN B 315 -0.15 -10.70 29.37
CA ASN B 315 -0.06 -9.25 29.28
C ASN B 315 0.92 -8.73 30.33
N LYS B 316 1.93 -7.99 29.88
CA LYS B 316 2.92 -7.40 30.77
C LYS B 316 3.12 -5.90 30.56
N THR B 317 2.84 -5.37 29.38
CA THR B 317 3.05 -3.96 29.08
C THR B 317 1.90 -3.15 29.65
N LYS B 318 2.15 -2.46 30.76
CA LYS B 318 1.13 -1.62 31.37
C LYS B 318 0.77 -0.48 30.42
N PRO B 319 -0.52 -0.12 30.32
CA PRO B 319 -0.89 1.01 29.45
C PRO B 319 -0.48 2.34 30.04
N ILE B 320 0.58 2.94 29.50
CA ILE B 320 1.12 4.17 30.07
C ILE B 320 0.37 5.42 29.64
N TRP B 321 -0.39 5.37 28.54
CA TRP B 321 -1.03 6.58 28.05
C TRP B 321 -2.08 7.10 29.03
N THR B 322 -2.66 6.23 29.84
CA THR B 322 -3.61 6.68 30.85
C THR B 322 -2.94 7.52 31.91
N ARG B 323 -1.71 7.17 32.28
CA ARG B 323 -0.99 7.88 33.33
C ARG B 323 -0.65 9.30 32.89
N ASN B 324 -0.37 10.14 33.88
CA ASN B 324 -0.03 11.53 33.61
C ASN B 324 1.30 11.62 32.87
N PRO B 325 1.37 12.41 31.79
CA PRO B 325 2.64 12.48 31.03
C PRO B 325 3.79 13.04 31.82
N ASP B 326 3.54 13.92 32.79
CA ASP B 326 4.64 14.54 33.52
C ASP B 326 5.36 13.54 34.40
N ASP B 327 4.68 12.51 34.89
CA ASP B 327 5.30 11.56 35.80
C ASP B 327 6.18 10.57 35.06
N ILE B 328 5.85 10.24 33.82
CA ILE B 328 6.55 9.18 33.09
C ILE B 328 7.95 9.64 32.72
N THR B 329 8.93 8.80 33.00
CA THR B 329 10.30 9.05 32.61
C THR B 329 10.56 8.57 31.18
N GLN B 330 11.76 8.89 30.68
CA GLN B 330 12.11 8.50 29.32
C GLN B 330 12.35 7.00 29.20
N GLU B 331 12.86 6.38 30.26
CA GLU B 331 13.09 4.94 30.21
C GLU B 331 11.78 4.17 30.06
N GLU B 332 10.74 4.60 30.77
CA GLU B 332 9.44 3.94 30.63
C GLU B 332 8.90 4.09 29.23
N TYR B 333 9.04 5.28 28.64
CA TYR B 333 8.61 5.49 27.26
C TYR B 333 9.37 4.57 26.31
N GLY B 334 10.70 4.46 26.50
CA GLY B 334 11.47 3.59 25.63
C GLY B 334 11.09 2.13 25.76
N GLU B 335 10.86 1.67 27.00
CA GLU B 335 10.43 0.29 27.20
C GLU B 335 9.09 0.04 26.56
N PHE B 336 8.14 0.96 26.72
CA PHE B 336 6.83 0.81 26.10
C PHE B 336 6.95 0.77 24.59
N TYR B 337 7.77 1.65 24.02
CA TYR B 337 7.96 1.65 22.56
C TYR B 337 8.56 0.35 22.09
N LYS B 338 9.55 -0.18 22.80
CA LYS B 338 10.16 -1.44 22.40
C LYS B 338 9.16 -2.57 22.46
N SER B 339 8.34 -2.61 23.51
CA SER B 339 7.31 -3.65 23.61
C SER B 339 6.28 -3.50 22.49
N LEU B 340 5.92 -2.27 22.15
CA LEU B 340 4.88 -2.05 21.15
C LEU B 340 5.37 -2.41 19.75
N THR B 341 6.62 -2.10 19.43
CA THR B 341 7.08 -2.21 18.05
C THR B 341 8.06 -3.35 17.84
N ASN B 342 8.50 -4.03 18.90
CA ASN B 342 9.46 -5.13 18.78
C ASN B 342 10.72 -4.69 18.04
N ASP B 343 11.26 -3.53 18.44
CA ASP B 343 12.38 -2.91 17.77
C ASP B 343 13.59 -2.90 18.70
N TRP B 344 14.74 -3.30 18.17
CA TRP B 344 15.96 -3.33 18.97
C TRP B 344 16.37 -1.92 19.38
N GLU B 345 16.30 -0.97 18.46
CA GLU B 345 16.54 0.43 18.79
C GLU B 345 15.38 0.99 19.62
N ASP B 346 15.64 2.08 20.32
CA ASP B 346 14.59 2.76 21.07
C ASP B 346 13.98 3.87 20.22
N HIS B 347 13.07 4.63 20.83
CA HIS B 347 12.42 5.71 20.10
C HIS B 347 13.34 6.92 20.00
N LEU B 348 13.10 7.73 18.96
CA LEU B 348 13.78 9.01 18.82
C LEU B 348 13.04 10.13 19.54
N ALA B 349 11.72 10.21 19.37
CA ALA B 349 10.96 11.21 20.10
C ALA B 349 9.56 10.69 20.38
N VAL B 350 8.95 11.26 21.41
CA VAL B 350 7.63 10.84 21.88
C VAL B 350 6.78 12.07 22.13
N LYS B 351 5.52 12.02 21.68
CA LYS B 351 4.54 13.06 21.94
C LYS B 351 3.33 12.42 22.60
N HIS B 352 3.09 12.77 23.86
CA HIS B 352 1.98 12.25 24.64
C HIS B 352 1.04 13.39 24.97
N PHE B 353 -0.18 13.36 24.45
CA PHE B 353 -1.11 14.46 24.68
C PHE B 353 -2.53 13.92 24.80
N SER B 354 -3.45 14.79 25.17
CA SER B 354 -4.85 14.42 25.28
C SER B 354 -5.71 15.63 24.92
N VAL B 355 -6.80 15.37 24.20
CA VAL B 355 -7.76 16.41 23.80
C VAL B 355 -9.10 16.05 24.43
N GLU B 356 -9.70 17.02 25.12
CA GLU B 356 -10.95 16.81 25.82
C GLU B 356 -11.96 17.85 25.40
N GLY B 357 -13.23 17.48 25.46
CA GLY B 357 -14.31 18.32 25.02
C GLY B 357 -15.45 17.44 24.48
N GLN B 358 -16.04 17.89 23.37
CA GLN B 358 -17.07 17.10 22.72
C GLN B 358 -16.51 15.79 22.17
N LEU B 359 -15.20 15.71 21.97
CA LEU B 359 -14.53 14.50 21.51
C LEU B 359 -13.30 14.30 22.40
N GLU B 360 -13.39 13.37 23.33
CA GLU B 360 -12.33 13.13 24.30
C GLU B 360 -11.50 11.93 23.88
N PHE B 361 -10.20 12.14 23.72
CA PHE B 361 -9.29 11.08 23.34
C PHE B 361 -7.87 11.49 23.69
N ARG B 362 -7.06 10.50 24.07
CA ARG B 362 -5.67 10.72 24.40
C ARG B 362 -4.79 9.92 23.44
N ALA B 363 -3.70 10.53 22.98
CA ALA B 363 -2.86 9.94 21.96
C ALA B 363 -1.41 9.92 22.42
N LEU B 364 -0.68 8.94 21.89
CA LEU B 364 0.73 8.72 22.21
C LEU B 364 1.43 8.33 20.91
N LEU B 365 2.25 9.22 20.39
CA LEU B 365 2.93 9.01 19.11
C LEU B 365 4.44 8.91 19.32
N PHE B 366 5.08 8.12 18.48
CA PHE B 366 6.52 7.89 18.52
C PHE B 366 7.10 8.11 17.14
N ILE B 367 8.15 8.93 17.08
CA ILE B 367 9.02 9.04 15.93
C ILE B 367 10.22 8.14 16.18
N PRO B 368 10.44 7.10 15.38
CA PRO B 368 11.57 6.20 15.61
C PRO B 368 12.89 6.83 15.19
N ARG B 369 13.98 6.23 15.66
CA ARG B 369 15.30 6.76 15.34
C ARG B 369 15.70 6.47 13.90
N ARG B 370 15.39 5.28 13.41
CA ARG B 370 15.83 4.86 12.09
C ARG B 370 14.61 4.45 11.26
N ALA B 371 14.58 4.91 10.01
CA ALA B 371 13.45 4.65 9.14
C ALA B 371 13.41 3.19 8.72
N PRO B 372 12.22 2.65 8.44
CA PRO B 372 12.14 1.28 7.92
C PRO B 372 12.77 1.18 6.54
N PHE B 373 13.18 -0.03 6.19
CA PHE B 373 13.97 -0.25 5.00
C PHE B 373 13.16 -0.13 3.72
N ASP B 374 12.23 -1.05 3.50
CA ASP B 374 11.37 -1.04 2.31
C ASP B 374 9.92 -1.36 2.68
N LEU B 375 9.38 -0.63 3.66
CA LEU B 375 7.99 -0.85 4.02
C LEU B 375 7.04 -0.47 2.89
N PHE B 376 7.47 0.43 2.01
CA PHE B 376 6.60 0.87 0.93
C PHE B 376 6.28 -0.27 -0.04
N GLU B 377 7.19 -1.23 -0.19
CA GLU B 377 6.91 -2.38 -1.04
C GLU B 377 5.64 -3.10 -0.56
N ASN B 378 5.61 -3.49 0.70
CA ASN B 378 4.39 -4.02 1.28
C ASN B 378 3.34 -2.92 1.37
N LYS B 379 2.09 -3.32 1.64
CA LYS B 379 1.04 -2.33 1.80
C LYS B 379 1.36 -1.38 2.94
N LYS B 380 1.61 -1.92 4.13
CA LYS B 380 2.08 -1.17 5.30
C LYS B 380 1.20 0.05 5.60
N LYS B 381 -0.03 0.07 5.09
CA LYS B 381 -0.95 1.13 5.40
C LYS B 381 -1.60 0.93 6.77
N LYS B 382 -1.38 -0.24 7.37
CA LYS B 382 -1.90 -0.60 8.68
C LYS B 382 -0.71 -0.86 9.61
N ASN B 383 -1.04 -1.26 10.85
CA ASN B 383 -0.03 -1.60 11.85
C ASN B 383 0.90 -0.44 12.16
N ASN B 384 0.39 0.78 12.00
CA ASN B 384 1.14 1.99 12.34
C ASN B 384 0.50 2.76 13.48
N ILE B 385 -0.78 3.09 13.36
CA ILE B 385 -1.53 3.73 14.42
C ILE B 385 -2.72 2.85 14.74
N LYS B 386 -2.75 2.33 15.96
CA LYS B 386 -3.80 1.42 16.40
C LYS B 386 -4.78 2.18 17.27
N LEU B 387 -6.07 2.02 16.98
CA LEU B 387 -7.12 2.73 17.69
C LEU B 387 -7.71 1.84 18.77
N TYR B 388 -7.75 2.36 20.00
CA TYR B 388 -8.31 1.66 21.14
C TYR B 388 -9.48 2.45 21.70
N VAL B 389 -10.51 1.75 22.16
CA VAL B 389 -11.64 2.37 22.83
C VAL B 389 -11.83 1.66 24.16
N ARG B 390 -11.68 2.40 25.26
CA ARG B 390 -11.74 1.83 26.59
C ARG B 390 -10.73 0.67 26.73
N ARG B 391 -9.55 0.88 26.17
CA ARG B 391 -8.43 -0.04 26.32
C ARG B 391 -8.72 -1.40 25.67
N VAL B 392 -9.29 -1.38 24.47
CA VAL B 392 -9.40 -2.59 23.66
C VAL B 392 -9.28 -2.20 22.19
N PHE B 393 -8.58 -3.03 21.43
CA PHE B 393 -8.30 -2.73 20.03
C PHE B 393 -9.59 -2.71 19.22
N ILE B 394 -9.73 -1.73 18.33
CA ILE B 394 -10.93 -1.56 17.52
C ILE B 394 -10.64 -1.76 16.04
N MET B 395 -9.76 -0.94 15.47
CA MET B 395 -9.46 -1.01 14.05
C MET B 395 -8.03 -0.54 13.82
N ASP B 396 -7.50 -0.91 12.67
CA ASP B 396 -6.17 -0.47 12.25
C ASP B 396 -6.33 0.64 11.23
N SER B 397 -5.71 1.79 11.50
CA SER B 397 -5.87 2.95 10.65
C SER B 397 -5.26 2.72 9.27
N CYS B 398 -5.95 3.23 8.25
CA CYS B 398 -5.42 3.21 6.89
C CYS B 398 -6.03 4.40 6.14
N ASP B 399 -5.27 5.49 6.04
CA ASP B 399 -5.64 6.74 5.38
C ASP B 399 -6.78 7.44 6.10
N GLU B 400 -7.31 6.89 7.19
CA GLU B 400 -8.42 7.48 7.92
C GLU B 400 -7.93 8.33 9.09
N LEU B 401 -7.21 7.73 10.03
CA LEU B 401 -6.71 8.49 11.16
C LEU B 401 -5.51 9.34 10.79
N ILE B 402 -4.68 8.86 9.87
CA ILE B 402 -3.44 9.54 9.53
C ILE B 402 -3.32 9.60 8.01
N PRO B 403 -2.72 10.64 7.44
CA PRO B 403 -2.47 10.65 6.00
C PRO B 403 -1.40 9.64 5.61
N GLU B 404 -1.24 9.47 4.30
CA GLU B 404 -0.27 8.50 3.81
C GLU B 404 1.15 8.87 4.20
N TYR B 405 1.49 10.16 4.14
CA TYR B 405 2.88 10.55 4.34
C TYR B 405 3.33 10.49 5.79
N LEU B 406 2.41 10.44 6.75
CA LEU B 406 2.78 10.29 8.15
C LEU B 406 2.62 8.86 8.65
N ASN B 407 2.63 7.87 7.75
CA ASN B 407 2.47 6.49 8.17
C ASN B 407 3.69 5.94 8.89
N PHE B 408 4.76 6.72 9.03
CA PHE B 408 5.94 6.27 9.76
C PHE B 408 5.79 6.47 11.26
N ILE B 409 4.83 7.26 11.71
CA ILE B 409 4.62 7.47 13.13
C ILE B 409 4.00 6.22 13.73
N ARG B 410 4.57 5.75 14.84
CA ARG B 410 4.04 4.57 15.51
C ARG B 410 3.45 4.98 16.85
N GLY B 411 2.19 4.69 17.06
CA GLY B 411 1.56 5.15 18.29
C GLY B 411 0.20 4.54 18.50
N VAL B 412 -0.47 5.05 19.51
CA VAL B 412 -1.80 4.59 19.90
C VAL B 412 -2.70 5.79 20.13
N VAL B 413 -3.98 5.64 19.78
CA VAL B 413 -5.01 6.62 20.09
C VAL B 413 -6.10 5.89 20.87
N ASP B 414 -6.46 6.45 22.02
CA ASP B 414 -7.42 5.81 22.92
C ASP B 414 -8.52 6.79 23.30
N SER B 415 -9.77 6.38 23.09
CA SER B 415 -10.92 7.22 23.39
C SER B 415 -11.86 6.47 24.32
N GLU B 416 -12.40 7.19 25.30
CA GLU B 416 -13.30 6.56 26.25
C GLU B 416 -14.68 6.30 25.65
N ASP B 417 -15.19 7.24 24.85
CA ASP B 417 -16.52 7.12 24.27
C ASP B 417 -16.47 7.46 22.80
N LEU B 418 -16.92 6.53 21.97
CA LEU B 418 -17.00 6.70 20.52
C LEU B 418 -18.12 5.81 20.02
N PRO B 419 -18.97 6.30 19.12
CA PRO B 419 -19.97 5.43 18.50
C PRO B 419 -19.29 4.28 17.77
N LEU B 420 -19.86 3.09 17.92
CA LEU B 420 -19.24 1.88 17.40
C LEU B 420 -20.27 1.04 16.64
N ASN B 421 -19.77 0.31 15.65
CA ASN B 421 -20.60 -0.70 15.00
C ASN B 421 -20.98 -1.79 15.99
N ILE B 422 -22.00 -2.56 15.63
CA ILE B 422 -22.37 -3.69 16.49
C ILE B 422 -21.27 -4.75 16.45
N SER B 423 -20.52 -4.81 15.36
CA SER B 423 -19.46 -5.79 15.22
C SER B 423 -18.26 -5.49 16.12
N ARG B 424 -18.19 -4.28 16.67
CA ARG B 424 -17.04 -3.83 17.45
C ARG B 424 -15.78 -3.92 16.61
N GLU B 425 -15.86 -3.46 15.36
CA GLU B 425 -14.72 -3.43 14.47
C GLU B 425 -14.48 -2.04 13.91
N MET B 426 -15.53 -1.40 13.39
CA MET B 426 -15.39 -0.11 12.75
C MET B 426 -16.35 0.90 13.37
N LEU B 427 -16.02 2.17 13.20
CA LEU B 427 -16.83 3.25 13.74
C LEU B 427 -18.02 3.52 12.83
N GLN B 428 -18.90 4.41 13.28
CA GLN B 428 -20.11 4.73 12.54
C GLN B 428 -19.99 6.02 11.72
N GLN B 429 -19.36 7.05 12.26
CA GLN B 429 -19.27 8.35 11.60
C GLN B 429 -17.83 8.59 11.16
N SER B 430 -17.65 8.85 9.87
CA SER B 430 -16.32 9.16 9.35
C SER B 430 -15.91 10.59 9.64
N LYS B 431 -16.87 11.46 9.96
CA LYS B 431 -16.52 12.82 10.34
C LYS B 431 -15.69 12.83 11.62
N ILE B 432 -15.97 11.90 12.53
CA ILE B 432 -15.13 11.78 13.73
C ILE B 432 -13.71 11.42 13.35
N LEU B 433 -13.56 10.54 12.34
CA LEU B 433 -12.24 10.21 11.85
C LEU B 433 -11.56 11.43 11.25
N LYS B 434 -12.33 12.27 10.55
CA LYS B 434 -11.77 13.50 10.00
C LYS B 434 -11.27 14.42 11.10
N VAL B 435 -12.05 14.54 12.19
CA VAL B 435 -11.64 15.38 13.31
C VAL B 435 -10.36 14.84 13.95
N ILE B 436 -10.30 13.52 14.14
CA ILE B 436 -9.09 12.91 14.68
C ILE B 436 -7.90 13.19 13.78
N ARG B 437 -8.10 13.09 12.47
CA ARG B 437 -7.00 13.35 11.54
C ARG B 437 -6.52 14.79 11.66
N LYS B 438 -7.45 15.74 11.73
CA LYS B 438 -7.07 17.14 11.88
C LYS B 438 -6.26 17.36 13.15
N ASN B 439 -6.75 16.84 14.26
CA ASN B 439 -6.06 17.06 15.54
C ASN B 439 -4.69 16.40 15.56
N ILE B 440 -4.60 15.17 15.03
CA ILE B 440 -3.33 14.46 15.01
C ILE B 440 -2.33 15.19 14.13
N VAL B 441 -2.77 15.69 12.97
CA VAL B 441 -1.85 16.41 12.10
C VAL B 441 -1.36 17.68 12.79
N LYS B 442 -2.26 18.40 13.46
CA LYS B 442 -1.87 19.60 14.17
C LYS B 442 -0.82 19.30 15.24
N LYS B 443 -1.07 18.25 16.03
CA LYS B 443 -0.13 17.92 17.10
C LYS B 443 1.19 17.39 16.56
N CYS B 444 1.17 16.67 15.44
CA CYS B 444 2.42 16.19 14.84
C CYS B 444 3.25 17.36 14.32
N LEU B 445 2.60 18.32 13.67
CA LEU B 445 3.32 19.50 13.20
C LEU B 445 3.90 20.27 14.39
N GLU B 446 3.14 20.39 15.47
CA GLU B 446 3.66 21.04 16.67
C GLU B 446 4.86 20.28 17.24
N LEU B 447 4.78 18.94 17.23
CA LEU B 447 5.89 18.14 17.71
C LEU B 447 7.14 18.36 16.88
N PHE B 448 6.99 18.39 15.55
CA PHE B 448 8.16 18.66 14.70
C PHE B 448 8.72 20.04 14.98
N SER B 449 7.85 21.04 15.13
CA SER B 449 8.31 22.39 15.36
C SER B 449 9.10 22.49 16.66
N GLU B 450 8.61 21.85 17.72
CA GLU B 450 9.33 21.90 18.98
C GLU B 450 10.57 21.02 18.98
N LEU B 451 10.59 19.97 18.16
CA LEU B 451 11.78 19.14 18.02
C LEU B 451 12.87 19.81 17.21
N ALA B 452 12.51 20.79 16.36
CA ALA B 452 13.49 21.41 15.49
C ALA B 452 14.61 22.13 16.24
N GLU B 453 14.44 22.39 17.54
CA GLU B 453 15.50 23.05 18.30
C GLU B 453 16.71 22.15 18.48
N ASP B 454 16.50 20.87 18.76
CA ASP B 454 17.61 19.93 18.91
C ASP B 454 18.26 19.68 17.55
N LYS B 455 19.47 20.23 17.37
CA LYS B 455 20.10 20.19 16.06
C LYS B 455 20.38 18.76 15.60
N GLU B 456 21.03 17.96 16.45
CA GLU B 456 21.41 16.61 16.03
C GLU B 456 20.20 15.71 15.89
N ASN B 457 19.27 15.77 16.86
CA ASN B 457 18.07 14.96 16.76
C ASN B 457 17.26 15.33 15.53
N TYR B 458 17.19 16.64 15.24
CA TYR B 458 16.53 17.04 14.00
C TYR B 458 17.24 16.45 12.81
N LYS B 459 18.54 16.67 12.69
CA LYS B 459 19.31 16.17 11.56
C LYS B 459 19.02 14.70 11.31
N LYS B 460 19.01 13.89 12.38
CA LYS B 460 18.70 12.48 12.23
C LYS B 460 17.28 12.26 11.72
N PHE B 461 16.31 12.96 12.32
CA PHE B 461 14.92 12.78 11.91
C PHE B 461 14.71 13.17 10.45
N TYR B 462 15.34 14.27 10.03
CA TYR B 462 15.23 14.72 8.65
C TYR B 462 15.88 13.72 7.70
N GLU B 463 17.09 13.27 8.03
CA GLU B 463 17.72 12.23 7.23
C GLU B 463 16.84 11.00 7.12
N ALA B 464 16.02 10.73 8.13
CA ALA B 464 15.16 9.55 8.07
C ALA B 464 13.90 9.79 7.23
N PHE B 465 13.25 10.95 7.37
CA PHE B 465 11.91 11.10 6.83
C PHE B 465 11.74 12.37 5.99
N SER B 466 12.79 12.83 5.34
CA SER B 466 12.65 13.97 4.43
C SER B 466 11.71 13.63 3.29
N LYS B 467 11.76 12.37 2.82
CA LYS B 467 10.85 11.96 1.77
C LYS B 467 9.40 12.07 2.21
N ASN B 468 9.10 11.64 3.44
CA ASN B 468 7.73 11.78 3.94
C ASN B 468 7.33 13.24 4.07
N LEU B 469 8.24 14.07 4.57
CA LEU B 469 7.92 15.49 4.70
C LEU B 469 7.60 16.12 3.36
N LYS B 470 8.41 15.81 2.34
CA LYS B 470 8.18 16.41 1.03
C LYS B 470 6.93 15.85 0.37
N LEU B 471 6.63 14.57 0.59
CA LEU B 471 5.38 14.02 0.09
C LEU B 471 4.18 14.71 0.73
N GLY B 472 4.26 14.99 2.03
CA GLY B 472 3.20 15.72 2.69
C GLY B 472 3.06 17.13 2.17
N ILE B 473 4.19 17.79 1.88
CA ILE B 473 4.12 19.10 1.25
C ILE B 473 3.42 19.01 -0.09
N HIS B 474 3.69 17.95 -0.85
CA HIS B 474 3.02 17.75 -2.13
C HIS B 474 1.51 17.56 -1.94
N GLU B 475 1.11 16.83 -0.91
CA GLU B 475 -0.30 16.48 -0.75
C GLU B 475 -1.06 17.48 0.12
N ASP B 476 -0.64 17.65 1.37
CA ASP B 476 -1.40 18.46 2.32
C ASP B 476 -1.25 19.93 1.98
N SER B 477 -2.22 20.46 1.24
CA SER B 477 -2.15 21.85 0.81
C SER B 477 -2.37 22.82 1.98
N THR B 478 -3.19 22.44 2.95
CA THR B 478 -3.51 23.36 4.04
C THR B 478 -2.32 23.58 4.96
N ASN B 479 -1.41 22.61 5.05
CA ASN B 479 -0.28 22.69 5.97
C ASN B 479 1.03 23.01 5.28
N ARG B 480 0.98 23.48 4.03
CA ARG B 480 2.21 23.79 3.31
C ARG B 480 3.01 24.89 4.02
N ARG B 481 2.33 25.93 4.48
CA ARG B 481 3.03 27.05 5.09
C ARG B 481 3.76 26.65 6.37
N ARG B 482 3.23 25.68 7.10
CA ARG B 482 3.88 25.21 8.31
C ARG B 482 4.90 24.12 8.04
N LEU B 483 4.61 23.24 7.06
CA LEU B 483 5.54 22.19 6.72
C LEU B 483 6.82 22.73 6.09
N SER B 484 6.71 23.84 5.34
CA SER B 484 7.87 24.37 4.64
C SER B 484 8.97 24.78 5.61
N GLU B 485 8.61 25.23 6.81
CA GLU B 485 9.60 25.61 7.81
C GLU B 485 10.41 24.41 8.29
N LEU B 486 9.95 23.19 8.04
CA LEU B 486 10.68 21.99 8.42
C LEU B 486 11.68 21.53 7.36
N LEU B 487 11.69 22.15 6.19
CA LEU B 487 12.60 21.73 5.14
C LEU B 487 14.03 22.13 5.45
N ARG B 488 14.96 21.22 5.14
CA ARG B 488 16.38 21.48 5.24
C ARG B 488 17.04 21.18 3.89
N TYR B 489 17.88 22.10 3.43
CA TYR B 489 18.42 22.02 2.09
C TYR B 489 19.91 22.33 2.09
N HIS B 490 20.60 21.81 1.08
CA HIS B 490 22.01 22.11 0.87
C HIS B 490 22.14 23.30 -0.07
N THR B 491 22.87 24.32 0.36
CA THR B 491 23.08 25.52 -0.43
C THR B 491 24.55 25.65 -0.79
N SER B 492 24.83 26.62 -1.66
CA SER B 492 26.21 26.85 -2.07
C SER B 492 27.09 27.27 -0.90
N GLN B 493 26.59 28.16 -0.05
CA GLN B 493 27.33 28.62 1.10
C GLN B 493 27.15 27.74 2.33
N SER B 494 26.25 26.76 2.29
CA SER B 494 26.01 25.93 3.46
C SER B 494 27.13 24.92 3.70
N GLY B 495 27.64 24.32 2.64
CA GLY B 495 28.61 23.25 2.81
C GLY B 495 27.96 21.90 3.03
N ASP B 496 28.53 21.11 3.94
CA ASP B 496 27.96 19.81 4.23
C ASP B 496 26.64 19.93 4.99
N GLU B 497 26.55 20.86 5.92
CA GLU B 497 25.35 20.97 6.75
C GLU B 497 24.19 21.55 5.94
N MET B 498 22.98 21.34 6.46
CA MET B 498 21.75 21.79 5.84
C MET B 498 21.19 22.99 6.58
N THR B 499 20.64 23.94 5.83
CA THR B 499 20.07 25.15 6.39
C THR B 499 18.59 25.26 6.03
N SER B 500 17.83 25.88 6.91
CA SER B 500 16.41 26.08 6.67
C SER B 500 16.20 27.27 5.75
N LEU B 501 14.98 27.36 5.21
CA LEU B 501 14.65 28.48 4.34
C LEU B 501 14.61 29.79 5.11
N SER B 502 14.29 29.74 6.40
CA SER B 502 14.30 30.96 7.20
C SER B 502 15.70 31.55 7.29
N GLU B 503 16.71 30.71 7.45
CA GLU B 503 18.08 31.19 7.44
C GLU B 503 18.44 31.79 6.09
N TYR B 504 17.97 31.18 5.00
CA TYR B 504 18.21 31.74 3.68
C TYR B 504 17.60 33.13 3.57
N VAL B 505 16.37 33.30 4.03
CA VAL B 505 15.72 34.60 3.95
C VAL B 505 16.44 35.62 4.82
N SER B 506 16.91 35.19 5.99
CA SER B 506 17.67 36.10 6.86
C SER B 506 18.96 36.55 6.18
N ARG B 507 19.66 35.62 5.54
CA ARG B 507 20.90 35.92 4.85
C ARG B 507 20.68 36.50 3.47
N MET B 508 19.46 36.49 2.96
CA MET B 508 19.18 36.99 1.63
C MET B 508 19.58 38.46 1.50
N LYS B 509 20.22 38.79 0.39
CA LYS B 509 20.62 40.16 0.13
C LYS B 509 19.41 41.08 0.03
N GLU B 510 19.59 42.33 0.46
CA GLU B 510 18.48 43.28 0.47
C GLU B 510 17.94 43.50 -0.94
N THR B 511 18.84 43.67 -1.91
CA THR B 511 18.41 43.75 -3.31
C THR B 511 17.72 42.47 -3.75
N GLN B 512 18.25 41.32 -3.31
CA GLN B 512 17.71 40.03 -3.73
C GLN B 512 16.24 39.92 -3.36
N LYS B 513 15.44 39.39 -4.28
CA LYS B 513 13.99 39.35 -4.10
C LYS B 513 13.39 37.95 -4.17
N SER B 514 14.16 36.92 -4.51
CA SER B 514 13.60 35.59 -4.68
C SER B 514 14.60 34.55 -4.21
N ILE B 515 14.08 33.35 -3.94
CA ILE B 515 14.90 32.22 -3.54
C ILE B 515 15.19 31.39 -4.78
N TYR B 516 16.46 31.39 -5.21
CA TYR B 516 16.87 30.64 -6.38
C TYR B 516 17.24 29.21 -5.99
N TYR B 517 16.61 28.23 -6.62
CA TYR B 517 16.88 26.83 -6.36
C TYR B 517 17.11 26.10 -7.67
N ILE B 518 17.82 24.98 -7.58
CA ILE B 518 18.12 24.13 -8.72
C ILE B 518 18.01 22.67 -8.30
N THR B 519 17.43 21.86 -9.17
CA THR B 519 17.19 20.45 -8.91
C THR B 519 18.04 19.59 -9.84
N GLY B 520 18.54 18.49 -9.31
CA GLY B 520 19.33 17.54 -10.10
C GLY B 520 19.33 16.19 -9.43
N GLU B 521 20.03 15.25 -10.05
CA GLU B 521 20.10 13.89 -9.53
C GLU B 521 21.31 13.66 -8.64
N SER B 522 22.15 14.66 -8.44
CA SER B 522 23.30 14.53 -7.55
C SER B 522 23.72 15.92 -7.10
N LYS B 523 24.34 15.98 -5.92
CA LYS B 523 24.80 17.26 -5.41
C LYS B 523 26.03 17.74 -6.17
N GLU B 524 26.90 16.82 -6.56
CA GLU B 524 28.11 17.21 -7.29
C GLU B 524 27.77 17.75 -8.67
N GLN B 525 26.86 17.09 -9.39
CA GLN B 525 26.47 17.60 -10.69
C GLN B 525 25.87 19.00 -10.59
N VAL B 526 25.02 19.21 -9.60
CA VAL B 526 24.38 20.52 -9.43
C VAL B 526 25.44 21.57 -9.09
N ALA B 527 26.39 21.23 -8.22
CA ALA B 527 27.40 22.19 -7.81
C ALA B 527 28.25 22.63 -9.00
N ASN B 528 28.60 21.69 -9.87
CA ASN B 528 29.39 21.97 -11.06
C ASN B 528 28.54 22.33 -12.27
N SER B 529 27.23 22.47 -12.11
CA SER B 529 26.36 22.70 -13.24
C SER B 529 26.65 24.06 -13.87
N ALA B 530 26.25 24.19 -15.14
CA ALA B 530 26.49 25.42 -15.87
C ALA B 530 25.59 26.55 -15.40
N PHE B 531 24.33 26.24 -15.08
CA PHE B 531 23.36 27.29 -14.79
C PHE B 531 23.76 28.12 -13.57
N VAL B 532 24.21 27.47 -12.50
CA VAL B 532 24.57 28.19 -11.28
C VAL B 532 25.94 28.84 -11.35
N GLU B 533 26.61 28.73 -12.50
CA GLU B 533 27.97 29.26 -12.60
C GLU B 533 28.01 30.77 -12.43
N ARG B 534 27.02 31.48 -13.00
CA ARG B 534 27.03 32.94 -12.94
C ARG B 534 26.52 33.45 -11.60
N VAL B 535 25.46 32.84 -11.08
CA VAL B 535 24.85 33.33 -9.84
C VAL B 535 25.86 33.32 -8.70
N ARG B 536 26.61 32.23 -8.57
CA ARG B 536 27.62 32.15 -7.52
C ARG B 536 28.67 33.23 -7.68
N LYS B 537 28.92 33.69 -8.91
CA LYS B 537 29.86 34.79 -9.10
C LYS B 537 29.32 36.09 -8.54
N ARG B 538 27.99 36.26 -8.54
CA ARG B 538 27.38 37.48 -8.02
C ARG B 538 27.07 37.37 -6.53
N GLY B 539 27.27 36.22 -5.92
CA GLY B 539 27.12 36.07 -4.49
C GLY B 539 25.76 35.60 -4.00
N PHE B 540 24.78 35.45 -4.88
CA PHE B 540 23.46 35.01 -4.45
C PHE B 540 23.49 33.54 -4.08
N GLU B 541 22.94 33.22 -2.91
CA GLU B 541 22.89 31.84 -2.46
C GLU B 541 21.87 31.05 -3.28
N VAL B 542 22.24 29.81 -3.62
CA VAL B 542 21.40 28.94 -4.44
C VAL B 542 21.14 27.65 -3.65
N VAL B 543 19.91 27.14 -3.76
CA VAL B 543 19.49 25.98 -2.99
C VAL B 543 19.55 24.75 -3.88
N TYR B 544 20.38 23.77 -3.48
CA TYR B 544 20.48 22.50 -4.19
C TYR B 544 19.42 21.54 -3.67
N MET B 545 18.66 20.95 -4.59
CA MET B 545 17.66 19.94 -4.23
C MET B 545 17.89 18.71 -5.09
N THR B 546 18.44 17.65 -4.49
CA THR B 546 18.97 16.54 -5.27
C THR B 546 18.24 15.23 -4.99
N GLU B 547 16.91 15.26 -4.96
CA GLU B 547 16.13 14.04 -4.83
C GLU B 547 14.97 14.09 -5.80
N PRO B 548 14.51 12.93 -6.30
CA PRO B 548 13.40 12.93 -7.25
C PRO B 548 12.12 13.53 -6.70
N ILE B 549 11.85 13.36 -5.40
CA ILE B 549 10.64 13.89 -4.80
C ILE B 549 10.66 15.41 -4.72
N ASP B 550 11.82 16.02 -4.91
CA ASP B 550 11.92 17.47 -4.82
C ASP B 550 11.11 18.16 -5.91
N GLU B 551 11.02 17.55 -7.09
CA GLU B 551 10.24 18.14 -8.17
C GLU B 551 8.76 18.23 -7.78
N TYR B 552 8.22 17.15 -7.20
CA TYR B 552 6.86 17.20 -6.69
C TYR B 552 6.74 18.20 -5.56
N CYS B 553 7.79 18.30 -4.73
CA CYS B 553 7.74 19.24 -3.60
C CYS B 553 7.61 20.68 -4.09
N VAL B 554 8.35 21.04 -5.14
CA VAL B 554 8.29 22.42 -5.63
C VAL B 554 7.20 22.65 -6.67
N GLN B 555 6.55 21.59 -7.16
CA GLN B 555 5.34 21.82 -7.96
C GLN B 555 4.29 22.57 -7.17
N GLN B 556 4.24 22.37 -5.85
CA GLN B 556 3.23 22.98 -5.00
C GLN B 556 3.74 24.17 -4.21
N LEU B 557 4.99 24.11 -3.75
CA LEU B 557 5.57 25.19 -2.95
C LEU B 557 5.91 26.36 -3.88
N LYS B 558 4.87 27.13 -4.22
CA LYS B 558 5.07 28.23 -5.17
C LYS B 558 5.93 29.34 -4.58
N GLU B 559 5.68 29.72 -3.32
CA GLU B 559 6.42 30.80 -2.69
C GLU B 559 6.60 30.48 -1.21
N PHE B 560 7.35 31.35 -0.54
CA PHE B 560 7.64 31.18 0.88
C PHE B 560 7.97 32.54 1.47
N ASP B 561 7.30 32.88 2.58
CA ASP B 561 7.55 34.13 3.30
C ASP B 561 7.41 35.35 2.38
N GLY B 562 6.46 35.27 1.45
CA GLY B 562 6.27 36.34 0.49
C GLY B 562 7.35 36.42 -0.56
N LYS B 563 8.31 35.51 -0.56
CA LYS B 563 9.37 35.47 -1.56
C LYS B 563 9.15 34.26 -2.45
N SER B 564 9.26 34.46 -3.75
CA SER B 564 8.96 33.42 -4.70
C SER B 564 10.17 32.53 -4.95
N LEU B 565 9.90 31.26 -5.21
CA LEU B 565 10.93 30.32 -5.60
C LEU B 565 11.15 30.42 -7.10
N VAL B 566 12.41 30.50 -7.51
CA VAL B 566 12.77 30.59 -8.92
C VAL B 566 13.67 29.42 -9.25
N SER B 567 13.28 28.65 -10.26
CA SER B 567 14.09 27.53 -10.73
C SER B 567 15.15 28.08 -11.68
N VAL B 568 16.41 27.98 -11.27
CA VAL B 568 17.51 28.40 -12.14
C VAL B 568 17.39 27.76 -13.51
N THR B 569 16.86 26.54 -13.56
CA THR B 569 16.69 25.85 -14.83
C THR B 569 15.73 26.59 -15.74
N LYS B 570 14.69 27.20 -15.17
CA LYS B 570 13.63 27.78 -15.97
C LYS B 570 14.09 29.06 -16.65
N GLU B 571 13.55 29.29 -17.85
CA GLU B 571 13.79 30.52 -18.60
C GLU B 571 13.26 31.73 -17.86
N GLY B 572 13.65 32.91 -18.36
CA GLY B 572 13.18 34.17 -17.82
C GLY B 572 13.84 34.63 -16.54
N LEU B 573 14.95 34.01 -16.13
CA LEU B 573 15.68 34.50 -14.97
C LEU B 573 16.14 35.93 -15.19
N GLU B 574 15.84 36.80 -14.23
CA GLU B 574 16.14 38.24 -14.35
C GLU B 574 16.67 38.72 -13.00
N LEU B 575 17.99 38.68 -12.85
CA LEU B 575 18.64 39.26 -11.68
C LEU B 575 18.55 40.78 -11.76
N PRO B 576 18.69 41.47 -10.63
CA PRO B 576 18.78 42.93 -10.67
C PRO B 576 19.93 43.37 -11.57
N GLU B 577 19.68 44.43 -12.34
CA GLU B 577 20.57 44.84 -13.40
C GLU B 577 21.06 46.26 -13.18
N ASP B 578 22.31 46.51 -13.57
CA ASP B 578 22.83 47.86 -13.68
C ASP B 578 22.49 48.43 -15.05
N GLU B 579 22.59 49.75 -15.17
CA GLU B 579 22.37 50.38 -16.47
C GLU B 579 23.46 49.98 -17.45
N GLU B 580 24.72 49.94 -16.99
CA GLU B 580 25.81 49.53 -17.85
C GLU B 580 25.66 48.07 -18.26
N GLU B 581 25.23 47.22 -17.33
CA GLU B 581 24.99 45.82 -17.66
C GLU B 581 23.88 45.70 -18.69
N LYS B 582 22.81 46.48 -18.53
CA LYS B 582 21.72 46.43 -19.51
C LYS B 582 22.19 46.89 -20.88
N LYS B 583 22.99 47.96 -20.93
CA LYS B 583 23.54 48.42 -22.20
C LYS B 583 24.41 47.36 -22.85
N LYS B 584 25.28 46.73 -22.07
CA LYS B 584 26.16 45.69 -22.61
C LYS B 584 25.35 44.51 -23.12
N MET B 585 24.33 44.10 -22.38
CA MET B 585 23.48 42.99 -22.81
C MET B 585 22.76 43.32 -24.11
N GLU B 586 22.21 44.53 -24.21
CA GLU B 586 21.52 44.93 -25.41
C GLU B 586 22.48 45.00 -26.60
N GLU B 587 23.68 45.51 -26.39
CA GLU B 587 24.68 45.56 -27.46
C GLU B 587 25.05 44.16 -27.92
N SER B 588 25.23 43.23 -26.98
CA SER B 588 25.57 41.86 -27.34
C SER B 588 24.43 41.20 -28.11
N LYS B 589 23.19 41.46 -27.71
CA LYS B 589 22.05 40.93 -28.45
C LYS B 589 22.01 41.50 -29.86
N ALA B 590 22.21 42.81 -30.00
CA ALA B 590 22.22 43.42 -31.33
C ALA B 590 23.35 42.87 -32.18
N LYS B 591 24.47 42.50 -31.56
CA LYS B 591 25.58 41.95 -32.31
C LYS B 591 25.29 40.52 -32.76
N PHE B 592 24.71 39.71 -31.88
CA PHE B 592 24.60 38.27 -32.12
C PHE B 592 23.23 37.83 -32.61
N GLU B 593 22.30 38.75 -32.85
CA GLU B 593 20.99 38.35 -33.38
C GLU B 593 21.12 37.60 -34.71
N ASN B 594 22.10 37.98 -35.54
CA ASN B 594 22.27 37.31 -36.81
C ASN B 594 22.66 35.85 -36.62
N LEU B 595 23.65 35.62 -35.75
CA LEU B 595 24.04 34.24 -35.44
C LEU B 595 22.89 33.48 -34.79
N CYS B 596 22.11 34.16 -33.95
CA CYS B 596 20.97 33.51 -33.32
C CYS B 596 19.96 33.01 -34.35
N LYS B 597 19.60 33.87 -35.31
CA LYS B 597 18.63 33.45 -36.30
C LYS B 597 19.23 32.41 -37.25
N LEU B 598 20.53 32.50 -37.52
CA LEU B 598 21.18 31.48 -38.33
C LEU B 598 21.14 30.13 -37.64
N MET B 599 21.41 30.09 -36.34
CA MET B 599 21.34 28.84 -35.59
C MET B 599 19.91 28.32 -35.55
N LYS B 600 18.94 29.22 -35.39
CA LYS B 600 17.54 28.80 -35.42
C LYS B 600 17.20 28.15 -36.75
N GLU B 601 17.70 28.74 -37.85
CA GLU B 601 17.49 28.16 -39.16
C GLU B 601 18.14 26.79 -39.26
N ILE B 602 19.37 26.66 -38.73
CA ILE B 602 20.08 25.39 -38.78
C ILE B 602 19.40 24.35 -37.89
N LEU B 603 19.00 24.76 -36.69
CA LEU B 603 18.42 23.83 -35.72
C LEU B 603 16.89 23.85 -35.79
N ASP B 604 16.38 23.43 -36.93
CA ASP B 604 14.94 23.38 -37.13
C ASP B 604 14.32 22.25 -36.33
N LYS B 605 13.15 22.50 -35.77
CA LYS B 605 12.37 21.52 -35.02
C LYS B 605 13.14 20.92 -33.85
N LYS B 606 14.20 21.59 -33.40
CA LYS B 606 14.94 21.14 -32.24
C LYS B 606 14.89 22.11 -31.08
N VAL B 607 15.03 23.41 -31.34
CA VAL B 607 14.99 24.44 -30.32
C VAL B 607 14.00 25.51 -30.74
N GLU B 608 13.10 25.89 -29.84
CA GLU B 608 12.08 26.89 -30.18
C GLU B 608 12.69 28.27 -30.34
N LYS B 609 13.57 28.67 -29.42
CA LYS B 609 14.12 30.02 -29.43
C LYS B 609 15.59 29.96 -29.05
N VAL B 610 16.43 30.66 -29.81
CA VAL B 610 17.86 30.73 -29.54
C VAL B 610 18.20 32.18 -29.23
N THR B 611 18.73 32.41 -28.04
CA THR B 611 19.03 33.76 -27.57
C THR B 611 20.36 33.77 -26.84
N ILE B 612 20.82 34.97 -26.51
CA ILE B 612 21.98 35.16 -25.64
C ILE B 612 21.53 34.91 -24.22
N SER B 613 22.47 34.77 -23.30
CA SER B 613 22.15 34.34 -21.94
C SER B 613 22.78 35.27 -20.91
N ASN B 614 22.18 35.27 -19.72
CA ASN B 614 22.70 36.00 -18.58
C ASN B 614 23.21 35.09 -17.48
N ARG B 615 22.82 33.81 -17.49
CA ARG B 615 23.21 32.88 -16.43
C ARG B 615 24.50 32.13 -16.74
N LEU B 616 25.01 32.23 -17.96
CA LEU B 616 26.16 31.43 -18.39
C LEU B 616 27.42 32.29 -18.28
N VAL B 617 28.18 32.11 -17.21
CA VAL B 617 29.37 32.93 -17.04
C VAL B 617 30.53 32.38 -17.87
N SER B 618 30.58 31.07 -18.10
CA SER B 618 31.74 30.48 -18.77
C SER B 618 31.38 29.45 -19.83
N SER B 619 30.31 28.68 -19.59
CA SER B 619 30.00 27.59 -20.49
C SER B 619 29.60 28.13 -21.86
N PRO B 620 29.90 27.40 -22.94
CA PRO B 620 29.59 27.93 -24.28
C PRO B 620 28.10 28.15 -24.51
N CYS B 621 27.27 27.22 -24.06
CA CYS B 621 25.83 27.34 -24.27
C CYS B 621 25.11 26.51 -23.22
N CYS B 622 23.78 26.53 -23.27
CA CYS B 622 22.98 25.75 -22.35
C CYS B 622 21.56 25.62 -22.89
N ILE B 623 20.90 24.54 -22.48
CA ILE B 623 19.51 24.28 -22.84
C ILE B 623 18.64 24.59 -21.63
N VAL B 624 17.67 25.48 -21.81
CA VAL B 624 16.88 26.02 -20.71
C VAL B 624 15.41 25.75 -21.00
N THR B 625 14.71 25.24 -19.98
CA THR B 625 13.31 24.87 -20.12
C THR B 625 12.43 26.11 -20.23
N SER B 626 11.34 25.98 -20.99
CA SER B 626 10.40 27.08 -21.17
C SER B 626 9.72 27.41 -19.84
N THR B 627 8.87 28.45 -19.88
CA THR B 627 8.31 29.00 -18.65
C THR B 627 7.33 28.05 -17.99
N TYR B 628 6.39 27.51 -18.76
CA TYR B 628 5.28 26.76 -18.17
C TYR B 628 5.47 25.26 -18.20
N GLY B 629 6.29 24.73 -19.11
CA GLY B 629 6.40 23.30 -19.28
C GLY B 629 7.20 22.64 -18.18
N TRP B 630 7.25 21.32 -18.25
CA TRP B 630 8.00 20.54 -17.28
C TRP B 630 9.50 20.80 -17.41
N THR B 631 10.18 20.86 -16.28
CA THR B 631 11.62 21.07 -16.31
C THR B 631 12.32 19.76 -16.67
N ALA B 632 13.59 19.90 -17.08
CA ALA B 632 14.36 18.76 -17.55
C ALA B 632 14.34 17.61 -16.55
N ASN B 633 14.62 17.91 -15.28
CA ASN B 633 14.60 16.86 -14.27
C ASN B 633 13.19 16.32 -14.07
N MET B 634 12.18 17.19 -14.05
CA MET B 634 10.81 16.74 -13.91
C MET B 634 10.38 15.93 -15.13
N GLU B 635 10.79 16.36 -16.32
CA GLU B 635 10.44 15.61 -17.53
C GLU B 635 11.08 14.23 -17.51
N ARG B 636 12.33 14.13 -17.07
CA ARG B 636 12.96 12.82 -16.95
C ARG B 636 12.25 11.95 -15.94
N ILE B 637 11.86 12.53 -14.80
CA ILE B 637 11.17 11.75 -13.78
C ILE B 637 9.84 11.23 -14.31
N MET B 638 9.08 12.09 -14.98
CA MET B 638 7.79 11.66 -15.53
C MET B 638 7.98 10.63 -16.63
N LYS B 639 9.05 10.76 -17.42
CA LYS B 639 9.34 9.76 -18.42
C LYS B 639 9.73 8.43 -17.80
N ALA B 640 10.21 8.46 -16.55
CA ALA B 640 10.63 7.25 -15.87
C ALA B 640 9.54 6.67 -14.97
N GLN B 641 8.34 7.25 -14.99
CA GLN B 641 7.23 6.70 -14.22
C GLN B 641 6.75 5.39 -14.83
N ALA B 642 6.66 4.36 -13.99
CA ALA B 642 6.26 3.05 -14.50
C ALA B 642 4.84 3.06 -15.03
N LEU B 643 3.94 3.74 -14.33
CA LEU B 643 2.51 3.75 -14.66
C LEU B 643 2.08 5.17 -15.02
N ARG B 644 2.22 5.53 -16.28
CA ARG B 644 1.77 6.84 -16.76
C ARG B 644 1.56 6.77 -18.26
N ASP B 645 0.59 7.55 -18.74
CA ASP B 645 0.24 7.53 -20.15
C ASP B 645 1.34 8.16 -20.98
N ASN B 646 1.77 7.44 -22.03
CA ASN B 646 2.78 7.98 -22.92
C ASN B 646 2.19 9.05 -23.85
N SER B 647 1.00 8.80 -24.36
CA SER B 647 0.40 9.72 -25.33
C SER B 647 0.13 11.10 -24.73
N THR B 648 0.06 11.21 -23.41
CA THR B 648 -0.19 12.49 -22.76
C THR B 648 1.09 13.27 -22.48
N MET B 649 2.24 12.61 -22.53
CA MET B 649 3.50 13.26 -22.14
C MET B 649 3.78 14.50 -22.98
N GLY B 650 3.59 14.41 -24.29
CA GLY B 650 3.88 15.53 -25.16
C GLY B 650 3.11 16.79 -24.82
N TYR B 651 1.95 16.65 -24.18
CA TYR B 651 1.19 17.82 -23.79
C TYR B 651 1.90 18.63 -22.70
N MET B 652 2.56 17.95 -21.77
CA MET B 652 3.25 18.61 -20.68
C MET B 652 4.73 18.85 -20.97
N MET B 653 5.26 18.27 -22.05
CA MET B 653 6.66 18.48 -22.39
C MET B 653 6.91 19.94 -22.73
N ALA B 654 8.01 20.48 -22.22
CA ALA B 654 8.32 21.88 -22.40
C ALA B 654 8.94 22.11 -23.78
N LYS B 655 9.21 23.37 -24.09
CA LYS B 655 9.87 23.77 -25.33
C LYS B 655 11.28 24.24 -25.00
N LYS B 656 12.27 23.56 -25.57
CA LYS B 656 13.66 23.88 -25.25
C LYS B 656 14.06 25.23 -25.82
N HIS B 657 14.82 25.98 -25.04
CA HIS B 657 15.40 27.24 -25.48
C HIS B 657 16.92 27.14 -25.40
N LEU B 658 17.60 27.60 -26.43
CA LEU B 658 19.05 27.62 -26.43
C LEU B 658 19.52 28.99 -25.94
N GLU B 659 20.47 28.98 -25.00
CA GLU B 659 21.04 30.20 -24.46
C GLU B 659 22.54 30.14 -24.68
N ILE B 660 23.08 31.15 -25.35
CA ILE B 660 24.48 31.19 -25.72
C ILE B 660 25.21 32.23 -24.88
N ASN B 661 26.51 32.02 -24.70
CA ASN B 661 27.32 32.93 -23.92
C ASN B 661 28.08 33.85 -24.85
N PRO B 662 27.78 35.16 -24.86
CA PRO B 662 28.46 36.06 -25.79
C PRO B 662 29.97 36.16 -25.55
N ASP B 663 30.41 35.99 -24.31
CA ASP B 663 31.81 36.22 -23.97
C ASP B 663 32.69 34.98 -24.13
N HIS B 664 32.11 33.83 -24.42
CA HIS B 664 32.93 32.65 -24.63
C HIS B 664 33.63 32.73 -25.99
N PRO B 665 34.92 32.40 -26.05
CA PRO B 665 35.64 32.50 -27.34
C PRO B 665 35.04 31.64 -28.44
N ILE B 666 34.52 30.46 -28.09
CA ILE B 666 33.96 29.58 -29.10
C ILE B 666 32.79 30.24 -29.81
N VAL B 667 31.92 30.92 -29.05
CA VAL B 667 30.75 31.54 -29.65
C VAL B 667 31.16 32.68 -30.56
N GLU B 668 32.18 33.46 -30.16
CA GLU B 668 32.67 34.53 -31.02
C GLU B 668 33.27 33.98 -32.30
N THR B 669 34.05 32.91 -32.20
CA THR B 669 34.60 32.30 -33.39
C THR B 669 33.51 31.76 -34.30
N LEU B 670 32.49 31.15 -33.72
CA LEU B 670 31.37 30.65 -34.51
C LEU B 670 30.63 31.78 -35.21
N ARG B 671 30.46 32.91 -34.51
CA ARG B 671 29.82 34.07 -35.13
C ARG B 671 30.67 34.60 -36.27
N GLN B 672 31.98 34.68 -36.07
CA GLN B 672 32.87 35.16 -37.13
C GLN B 672 32.81 34.25 -38.35
N LYS B 673 32.83 32.93 -38.13
CA LYS B 673 32.75 32.00 -39.26
C LYS B 673 31.40 32.09 -39.96
N ALA B 674 30.32 32.23 -39.19
CA ALA B 674 28.99 32.34 -39.80
C ALA B 674 28.88 33.61 -40.62
N GLU B 675 29.48 34.69 -40.15
CA GLU B 675 29.52 35.91 -40.94
C GLU B 675 30.34 35.70 -42.21
N ALA B 676 31.48 35.00 -42.07
CA ALA B 676 32.32 34.74 -43.23
C ALA B 676 31.65 33.77 -44.21
N ASP B 677 31.05 32.70 -43.69
CA ASP B 677 30.39 31.69 -44.50
C ASP B 677 28.94 31.59 -44.08
N LYS B 678 28.02 32.03 -44.95
CA LYS B 678 26.61 32.01 -44.60
C LYS B 678 26.11 30.57 -44.43
N ASN B 679 26.56 29.66 -45.28
CA ASN B 679 26.22 28.25 -45.18
C ASN B 679 27.48 27.42 -45.34
N ASP B 680 27.62 26.38 -44.52
CA ASP B 680 28.80 25.53 -44.57
C ASP B 680 28.51 24.27 -43.77
N LYS B 681 29.12 23.15 -44.21
CA LYS B 681 28.93 21.89 -43.52
C LYS B 681 29.58 21.91 -42.14
N ALA B 682 30.76 22.52 -42.03
CA ALA B 682 31.48 22.50 -40.76
C ALA B 682 30.74 23.26 -39.68
N VAL B 683 30.19 24.43 -40.01
CA VAL B 683 29.51 25.24 -38.99
C VAL B 683 28.23 24.55 -38.53
N LYS B 684 27.46 23.97 -39.45
CA LYS B 684 26.24 23.27 -39.03
C LYS B 684 26.57 22.05 -38.20
N ASP B 685 27.59 21.27 -38.60
CA ASP B 685 27.99 20.12 -37.80
C ASP B 685 28.45 20.56 -36.41
N LEU B 686 29.21 21.64 -36.32
CA LEU B 686 29.66 22.15 -35.03
C LEU B 686 28.48 22.55 -34.17
N VAL B 687 27.48 23.22 -34.77
CA VAL B 687 26.34 23.67 -33.99
C VAL B 687 25.52 22.48 -33.52
N VAL B 688 25.40 21.45 -34.36
CA VAL B 688 24.69 20.25 -33.95
C VAL B 688 25.40 19.57 -32.78
N LEU B 689 26.73 19.46 -32.87
CA LEU B 689 27.48 18.86 -31.78
C LEU B 689 27.36 19.67 -30.50
N LEU B 690 27.41 20.99 -30.62
CA LEU B 690 27.27 21.86 -29.45
C LEU B 690 25.90 21.69 -28.82
N PHE B 691 24.85 21.61 -29.64
CA PHE B 691 23.51 21.39 -29.12
C PHE B 691 23.40 20.05 -28.42
N GLU B 692 24.00 19.01 -29.00
CA GLU B 692 23.99 17.70 -28.36
C GLU B 692 24.68 17.74 -27.00
N THR B 693 25.84 18.40 -26.93
CA THR B 693 26.55 18.49 -25.66
C THR B 693 25.76 19.28 -24.63
N ALA B 694 25.13 20.38 -25.06
CA ALA B 694 24.32 21.16 -24.14
C ALA B 694 23.12 20.36 -23.64
N LEU B 695 22.49 19.59 -24.53
CA LEU B 695 21.38 18.76 -24.12
C LEU B 695 21.81 17.70 -23.12
N LEU B 696 22.96 17.08 -23.36
CA LEU B 696 23.47 16.07 -22.42
C LEU B 696 23.79 16.69 -21.08
N SER B 697 24.41 17.87 -21.08
CA SER B 697 24.85 18.47 -19.82
C SER B 697 23.67 19.05 -19.04
N SER B 698 22.63 19.51 -19.72
CA SER B 698 21.50 20.12 -19.02
C SER B 698 20.74 19.10 -18.20
N GLY B 699 20.64 17.86 -18.68
CA GLY B 699 19.93 16.84 -17.95
C GLY B 699 18.95 16.08 -18.83
N PHE B 700 18.69 16.61 -20.02
CA PHE B 700 17.77 15.94 -20.93
C PHE B 700 18.38 14.66 -21.45
N SER B 701 17.52 13.69 -21.74
CA SER B 701 17.95 12.50 -22.44
C SER B 701 18.19 12.83 -23.91
N LEU B 702 18.85 11.91 -24.61
CA LEU B 702 19.18 12.09 -26.02
C LEU B 702 18.35 11.14 -26.87
N GLU B 703 17.76 11.67 -27.94
CA GLU B 703 16.90 10.84 -28.78
C GLU B 703 17.68 9.69 -29.42
N ASP B 704 18.90 9.96 -29.88
CA ASP B 704 19.76 8.91 -30.44
C ASP B 704 21.20 9.19 -30.00
N PRO B 705 21.56 8.74 -28.80
CA PRO B 705 22.94 8.94 -28.33
C PRO B 705 23.97 8.21 -29.18
N GLN B 706 23.57 7.19 -29.92
CA GLN B 706 24.51 6.48 -30.78
C GLN B 706 25.11 7.40 -31.83
N THR B 707 24.29 8.30 -32.37
CA THR B 707 24.80 9.26 -33.35
C THR B 707 25.84 10.17 -32.72
N HIS B 708 25.59 10.65 -31.50
CA HIS B 708 26.55 11.49 -30.81
C HIS B 708 27.84 10.75 -30.55
N SER B 709 27.75 9.50 -30.11
CA SER B 709 28.94 8.71 -29.87
C SER B 709 29.72 8.48 -31.16
N ASN B 710 29.02 8.22 -32.25
CA ASN B 710 29.68 8.02 -33.54
C ASN B 710 30.38 9.28 -34.00
N ARG B 711 29.75 10.43 -33.81
CA ARG B 711 30.38 11.70 -34.16
C ARG B 711 31.63 11.93 -33.32
N ILE B 712 31.56 11.62 -32.03
CA ILE B 712 32.74 11.76 -31.19
C ILE B 712 33.85 10.84 -31.67
N TYR B 713 33.51 9.60 -32.03
CA TYR B 713 34.53 8.69 -32.52
C TYR B 713 35.15 9.20 -33.82
N ARG B 714 34.33 9.75 -34.71
CA ARG B 714 34.85 10.29 -35.97
C ARG B 714 35.78 11.45 -35.72
N MET B 715 35.41 12.36 -34.82
CA MET B 715 36.29 13.50 -34.54
C MET B 715 37.55 13.06 -33.80
N ILE B 716 37.46 12.00 -33.01
CA ILE B 716 38.66 11.45 -32.37
C ILE B 716 39.60 10.90 -33.44
N LYS B 717 39.05 10.16 -34.40
CA LYS B 717 39.85 9.65 -35.51
C LYS B 717 40.51 10.79 -36.26
N LEU B 718 39.74 11.84 -36.58
CA LEU B 718 40.31 12.99 -37.28
C LEU B 718 41.39 13.68 -36.45
N GLY B 719 41.24 13.71 -35.13
CA GLY B 719 42.24 14.30 -34.26
C GLY B 719 43.53 13.50 -34.31
N LEU B 720 43.42 12.20 -34.03
CA LEU B 720 44.59 11.33 -34.00
C LEU B 720 45.07 10.96 -35.40
N GLY B 721 44.29 11.28 -36.43
CA GLY B 721 44.71 11.07 -37.80
C GLY B 721 44.69 9.64 -38.27
N ILE B 722 44.10 8.73 -37.50
CA ILE B 722 44.05 7.32 -37.87
C ILE B 722 43.09 7.13 -39.05
N ASP B 723 42.45 8.22 -39.47
CA ASP B 723 41.43 8.17 -40.51
C ASP B 723 40.39 7.10 -40.34
N PHE C 18 3.56 7.13 -5.40
CA PHE C 18 2.68 6.97 -6.55
C PHE C 18 2.72 5.53 -7.07
N GLN C 19 3.86 4.87 -6.88
CA GLN C 19 4.05 3.49 -7.31
C GLN C 19 4.11 2.59 -6.08
N GLY C 20 3.18 1.65 -6.00
CA GLY C 20 3.18 0.72 -4.88
C GLY C 20 4.42 -0.13 -4.82
N SER C 21 4.89 -0.61 -5.96
CA SER C 21 6.06 -1.49 -5.98
C SER C 21 7.30 -0.74 -5.54
N HIS C 22 8.03 -1.30 -4.57
CA HIS C 22 9.27 -0.71 -4.11
C HIS C 22 10.45 -1.66 -4.04
N MET C 23 10.34 -2.86 -4.59
CA MET C 23 11.41 -3.83 -4.49
C MET C 23 11.33 -4.79 -5.67
N ASP C 24 12.39 -5.57 -5.86
CA ASP C 24 12.52 -6.50 -6.96
C ASP C 24 13.24 -7.75 -6.46
N VAL C 25 12.69 -8.92 -6.78
CA VAL C 25 13.27 -10.17 -6.29
C VAL C 25 14.63 -10.38 -6.94
N SER C 26 15.56 -10.92 -6.16
CA SER C 26 16.90 -11.25 -6.65
C SER C 26 17.48 -12.32 -5.75
N LEU C 27 18.69 -12.77 -6.09
CA LEU C 27 19.35 -13.84 -5.37
C LEU C 27 20.34 -13.26 -4.36
N LEU C 28 20.56 -14.00 -3.28
CA LEU C 28 21.50 -13.68 -2.21
C LEU C 28 21.42 -14.84 -1.22
N LEU C 29 22.31 -14.82 -0.24
CA LEU C 29 22.27 -15.80 0.85
C LEU C 29 22.30 -17.23 0.28
N ASN C 30 23.31 -17.48 -0.55
CA ASN C 30 23.38 -18.77 -1.25
C ASN C 30 23.43 -19.94 -0.28
N VAL C 31 24.16 -19.80 0.82
CA VAL C 31 24.31 -20.90 1.76
C VAL C 31 22.97 -21.25 2.39
N GLU C 32 22.70 -22.54 2.49
CA GLU C 32 21.46 -23.03 3.09
C GLU C 32 21.57 -23.05 4.61
N GLY C 33 20.43 -23.22 5.27
CA GLY C 33 20.35 -23.29 6.71
C GLY C 33 20.25 -21.96 7.41
N VAL C 34 20.17 -20.86 6.66
CA VAL C 34 20.13 -19.51 7.24
C VAL C 34 19.22 -18.66 6.37
N LYS C 35 18.18 -18.10 6.96
CA LYS C 35 17.32 -17.15 6.28
C LYS C 35 17.77 -15.72 6.58
N LYS C 36 17.63 -14.86 5.58
CA LYS C 36 18.11 -13.48 5.66
C LYS C 36 16.99 -12.49 5.39
N THR C 37 16.93 -11.44 6.20
CA THR C 37 16.07 -10.30 5.97
C THR C 37 16.86 -9.04 6.29
N ILE C 38 16.54 -7.96 5.58
CA ILE C 38 17.22 -6.68 5.75
C ILE C 38 16.28 -5.76 6.50
N LEU C 39 16.59 -5.50 7.77
CA LEU C 39 15.72 -4.66 8.59
C LEU C 39 15.89 -3.18 8.24
N HIS C 40 17.09 -2.74 7.89
CA HIS C 40 17.31 -1.33 7.57
C HIS C 40 18.43 -1.20 6.56
N GLY C 41 18.45 -0.06 5.88
CA GLY C 41 19.43 0.18 4.85
C GLY C 41 20.77 0.62 5.40
N GLY C 42 21.76 0.62 4.51
CA GLY C 42 23.11 1.01 4.87
C GLY C 42 23.77 1.92 3.86
N THR C 43 24.52 2.91 4.35
CA THR C 43 25.24 3.85 3.50
C THR C 43 26.61 3.29 3.15
N GLY C 44 27.08 3.64 1.95
CA GLY C 44 28.39 3.21 1.50
C GLY C 44 28.35 1.90 0.73
N GLU C 45 29.48 1.58 0.13
CA GLU C 45 29.61 0.35 -0.64
C GLU C 45 29.95 -0.81 0.28
N LEU C 46 30.21 -1.97 -0.31
CA LEU C 46 30.58 -3.15 0.48
C LEU C 46 31.89 -2.90 1.20
N PRO C 47 31.97 -3.17 2.49
CA PRO C 47 33.20 -2.88 3.24
C PRO C 47 34.35 -3.77 2.80
N SER C 48 35.56 -3.24 2.94
CA SER C 48 36.78 -3.99 2.65
C SER C 48 36.91 -5.13 3.65
N PHE C 49 36.76 -6.36 3.17
CA PHE C 49 36.80 -7.55 4.01
C PHE C 49 38.02 -8.38 3.61
N ILE C 50 39.14 -8.13 4.30
CA ILE C 50 40.37 -8.87 4.09
C ILE C 50 40.87 -9.35 5.44
N THR C 51 41.68 -10.41 5.41
CA THR C 51 42.22 -10.97 6.64
C THR C 51 43.04 -9.93 7.39
N GLY C 52 42.80 -9.84 8.69
CA GLY C 52 43.46 -8.86 9.54
C GLY C 52 42.63 -7.64 9.87
N SER C 53 41.56 -7.39 9.13
CA SER C 53 40.71 -6.24 9.41
C SER C 53 39.89 -6.47 10.67
N ARG C 54 39.70 -5.39 11.44
CA ARG C 54 38.94 -5.42 12.68
C ARG C 54 37.51 -5.01 12.41
N VAL C 55 36.56 -5.74 12.98
CA VAL C 55 35.13 -5.52 12.75
C VAL C 55 34.47 -5.22 14.08
N THR C 56 33.72 -4.12 14.14
CA THR C 56 32.97 -3.71 15.31
C THR C 56 31.50 -3.74 14.92
N PHE C 57 30.71 -4.49 15.69
CA PHE C 57 29.34 -4.83 15.27
C PHE C 57 28.52 -5.19 16.49
N HIS C 58 27.46 -4.43 16.76
CA HIS C 58 26.50 -4.82 17.77
C HIS C 58 25.74 -6.06 17.30
N PHE C 59 25.42 -6.94 18.24
CA PHE C 59 24.70 -8.17 17.92
C PHE C 59 23.64 -8.42 18.97
N ARG C 60 22.58 -9.13 18.58
CA ARG C 60 21.60 -9.60 19.55
C ARG C 60 21.06 -10.94 19.08
N THR C 61 20.95 -11.88 20.01
CA THR C 61 20.50 -13.23 19.74
C THR C 61 19.28 -13.53 20.61
N MET C 62 18.18 -13.88 19.96
CA MET C 62 16.92 -14.21 20.60
C MET C 62 16.46 -15.59 20.15
N LYS C 63 15.31 -16.01 20.64
CA LYS C 63 14.73 -17.29 20.26
C LYS C 63 13.92 -17.15 18.97
N CYS C 64 13.95 -18.19 18.15
CA CYS C 64 13.18 -18.19 16.91
C CYS C 64 11.68 -18.28 17.17
N ASP C 65 11.28 -18.77 18.34
CA ASP C 65 9.88 -18.94 18.67
C ASP C 65 9.15 -17.60 18.62
N ASP C 66 7.82 -17.67 18.64
CA ASP C 66 7.01 -16.45 18.57
C ASP C 66 7.27 -15.52 19.74
N GLU C 67 7.71 -16.06 20.88
CA GLU C 67 8.05 -15.21 22.01
C GLU C 67 9.23 -14.31 21.69
N ARG C 68 10.23 -14.84 20.98
CA ARG C 68 11.44 -14.10 20.61
C ARG C 68 12.10 -13.49 21.84
N THR C 69 12.16 -14.26 22.92
CA THR C 69 12.80 -13.80 24.15
C THR C 69 14.29 -13.59 23.91
N VAL C 70 14.84 -12.56 24.54
CA VAL C 70 16.24 -12.20 24.34
C VAL C 70 17.12 -13.18 25.09
N ILE C 71 18.13 -13.71 24.39
CA ILE C 71 19.14 -14.55 25.03
C ILE C 71 20.36 -13.70 25.34
N ASP C 72 20.94 -13.08 24.31
CA ASP C 72 22.11 -12.23 24.48
C ASP C 72 21.87 -10.89 23.79
N ASP C 73 22.06 -9.80 24.53
CA ASP C 73 21.94 -8.47 23.96
C ASP C 73 23.20 -7.66 24.21
N SER C 74 23.71 -7.03 23.15
CA SER C 74 24.90 -6.19 23.25
C SER C 74 24.57 -4.76 23.67
N LYS C 75 23.30 -4.39 23.63
CA LYS C 75 22.91 -3.00 23.89
C LYS C 75 22.87 -2.71 25.39
N GLN C 76 22.34 -3.63 26.18
CA GLN C 76 22.31 -3.43 27.63
C GLN C 76 23.71 -3.34 28.21
N VAL C 77 24.62 -4.18 27.72
CA VAL C 77 26.01 -4.12 28.18
C VAL C 77 26.64 -2.77 27.83
N GLY C 78 26.34 -2.26 26.66
CA GLY C 78 26.95 -1.03 26.21
C GLY C 78 28.31 -1.19 25.57
N GLN C 79 28.82 -2.42 25.50
CA GLN C 79 30.11 -2.70 24.89
C GLN C 79 29.88 -3.45 23.59
N PRO C 80 30.03 -2.82 22.43
CA PRO C 80 29.87 -3.53 21.15
C PRO C 80 30.99 -4.54 20.96
N MET C 81 30.62 -5.80 20.81
CA MET C 81 31.63 -6.84 20.60
C MET C 81 32.32 -6.65 19.26
N SER C 82 33.61 -6.95 19.23
CA SER C 82 34.41 -6.77 18.04
C SER C 82 35.31 -7.98 17.85
N ILE C 83 35.66 -8.23 16.59
CA ILE C 83 36.50 -9.35 16.20
C ILE C 83 37.51 -8.88 15.17
N ILE C 84 38.34 -9.81 14.70
CA ILE C 84 39.24 -9.56 13.60
C ILE C 84 38.90 -10.56 12.49
N ILE C 85 39.28 -10.22 11.26
CA ILE C 85 39.06 -11.13 10.15
C ILE C 85 40.19 -12.14 10.15
N GLY C 86 39.99 -13.25 10.87
CA GLY C 86 41.03 -14.23 11.02
C GLY C 86 40.44 -15.58 11.41
N ASN C 87 41.33 -16.51 11.72
CA ASN C 87 40.93 -17.89 12.01
C ASN C 87 40.70 -18.09 13.52
N MET C 88 39.75 -17.33 14.05
CA MET C 88 39.29 -17.56 15.41
C MET C 88 38.28 -18.69 15.49
N PHE C 89 37.65 -19.05 14.37
CA PHE C 89 36.65 -20.10 14.24
C PHE C 89 35.67 -20.13 15.41
N LYS C 90 35.25 -18.96 15.87
CA LYS C 90 34.21 -18.90 16.91
C LYS C 90 32.90 -19.48 16.39
N LEU C 91 32.51 -19.10 15.18
CA LEU C 91 31.32 -19.64 14.53
C LEU C 91 31.39 -19.27 13.06
N GLU C 92 31.38 -20.28 12.18
CA GLU C 92 31.60 -20.03 10.76
C GLU C 92 30.48 -19.20 10.16
N VAL C 93 29.23 -19.42 10.58
CA VAL C 93 28.12 -18.73 9.96
C VAL C 93 28.19 -17.23 10.23
N TRP C 94 28.61 -16.84 11.44
CA TRP C 94 28.82 -15.41 11.70
C TRP C 94 29.96 -14.87 10.86
N GLU C 95 31.03 -15.64 10.72
CA GLU C 95 32.16 -15.21 9.89
C GLU C 95 31.73 -15.02 8.44
N THR C 96 30.69 -15.73 8.00
CA THR C 96 30.19 -15.54 6.65
C THR C 96 29.23 -14.37 6.56
N LEU C 97 28.31 -14.26 7.53
CA LEU C 97 27.30 -13.21 7.49
C LEU C 97 27.94 -11.84 7.59
N LEU C 98 28.93 -11.69 8.47
CA LEU C 98 29.60 -10.39 8.57
C LEU C 98 30.30 -10.02 7.27
N THR C 99 30.95 -10.99 6.62
CA THR C 99 31.54 -10.74 5.32
C THR C 99 30.47 -10.44 4.29
N SER C 100 29.36 -11.17 4.33
CA SER C 100 28.24 -10.91 3.40
C SER C 100 27.32 -9.83 3.98
N MET C 101 27.90 -8.64 4.13
CA MET C 101 27.18 -7.53 4.75
C MET C 101 27.77 -6.22 4.23
N ARG C 102 26.92 -5.20 4.19
CA ARG C 102 27.32 -3.85 3.83
C ARG C 102 27.32 -3.02 5.12
N LEU C 103 28.20 -2.02 5.18
CA LEU C 103 28.35 -1.27 6.42
C LEU C 103 27.04 -0.58 6.80
N GLY C 104 26.90 -0.27 8.09
CA GLY C 104 25.76 0.45 8.58
C GLY C 104 24.43 -0.19 8.23
N GLU C 105 24.34 -1.52 8.32
CA GLU C 105 23.19 -2.27 7.87
C GLU C 105 22.59 -3.10 8.99
N VAL C 106 21.47 -2.65 9.53
CA VAL C 106 20.75 -3.45 10.51
C VAL C 106 20.08 -4.60 9.77
N ALA C 107 20.36 -5.82 10.20
CA ALA C 107 19.90 -7.00 9.47
C ALA C 107 19.49 -8.10 10.44
N GLU C 108 18.65 -9.00 9.93
CA GLU C 108 18.12 -10.12 10.70
C GLU C 108 18.44 -11.42 9.96
N PHE C 109 18.95 -12.40 10.70
CA PHE C 109 19.35 -13.68 10.14
C PHE C 109 18.66 -14.79 10.92
N TRP C 110 17.93 -15.65 10.21
CA TRP C 110 17.23 -16.77 10.83
C TRP C 110 18.02 -18.04 10.52
N CYS C 111 18.97 -18.36 11.39
CA CYS C 111 19.75 -19.58 11.20
C CYS C 111 18.91 -20.80 11.57
N ASP C 112 19.53 -21.97 11.49
CA ASP C 112 18.85 -23.22 11.80
C ASP C 112 19.66 -23.98 12.84
N THR C 113 19.14 -25.13 13.26
CA THR C 113 19.74 -25.91 14.34
C THR C 113 21.10 -26.48 13.95
N ILE C 114 21.40 -26.57 12.66
CA ILE C 114 22.69 -27.12 12.21
C ILE C 114 23.84 -26.28 12.74
N HIS C 115 23.90 -25.02 12.31
CA HIS C 115 25.05 -24.17 12.64
C HIS C 115 25.18 -23.93 14.14
N THR C 116 24.05 -23.73 14.83
CA THR C 116 24.06 -23.30 16.23
C THR C 116 24.28 -24.49 17.18
N GLY C 117 25.38 -25.19 16.96
CA GLY C 117 25.79 -26.22 17.90
C GLY C 117 26.84 -25.73 18.88
N VAL C 118 27.79 -24.92 18.40
CA VAL C 118 28.85 -24.40 19.25
C VAL C 118 28.42 -23.19 20.06
N TYR C 119 27.21 -22.70 19.83
CA TYR C 119 26.78 -21.44 20.46
C TYR C 119 26.89 -21.43 21.98
N PRO C 120 26.35 -22.41 22.73
CA PRO C 120 26.28 -22.25 24.20
C PRO C 120 27.59 -21.89 24.87
N MET C 121 28.70 -22.53 24.48
CA MET C 121 29.98 -22.21 25.10
C MET C 121 30.42 -20.79 24.76
N LEU C 122 30.21 -20.37 23.52
CA LEU C 122 30.54 -19.01 23.14
C LEU C 122 29.69 -18.01 23.90
N SER C 123 28.40 -18.31 24.09
CA SER C 123 27.53 -17.44 24.87
C SER C 123 28.00 -17.34 26.31
N ARG C 124 28.40 -18.46 26.91
CA ARG C 124 28.94 -18.41 28.26
C ARG C 124 30.19 -17.54 28.31
N SER C 125 31.09 -17.70 27.34
CA SER C 125 32.32 -16.90 27.32
C SER C 125 32.00 -15.42 27.16
N LEU C 126 31.03 -15.09 26.30
CA LEU C 126 30.70 -13.70 26.05
C LEU C 126 29.97 -13.07 27.23
N ARG C 127 29.25 -13.89 28.00
CA ARG C 127 28.60 -13.36 29.19
C ARG C 127 29.59 -13.21 30.34
N GLN C 128 30.61 -14.07 30.39
CA GLN C 128 31.60 -14.04 31.45
C GLN C 128 32.88 -13.29 31.08
N VAL C 129 33.00 -12.79 29.86
CA VAL C 129 34.20 -12.05 29.50
C VAL C 129 34.31 -10.76 30.31
N ALA C 130 33.19 -10.04 30.46
CA ALA C 130 33.15 -8.85 31.29
C ALA C 130 32.65 -9.13 32.69
N GLU C 131 32.22 -10.37 32.97
CA GLU C 131 31.73 -10.73 34.30
C GLU C 131 32.87 -10.96 35.29
N GLY C 132 34.10 -11.13 34.81
CA GLY C 132 35.21 -11.37 35.70
C GLY C 132 36.10 -12.53 35.28
N LYS C 133 35.92 -13.00 34.06
CA LYS C 133 36.73 -14.09 33.50
C LYS C 133 37.42 -13.61 32.24
N ASP C 134 38.72 -13.96 32.11
CA ASP C 134 39.48 -13.54 30.94
C ASP C 134 39.66 -14.68 29.96
N PRO C 135 39.69 -14.38 28.66
CA PRO C 135 39.91 -15.43 27.65
C PRO C 135 41.37 -15.83 27.48
N THR C 136 42.29 -15.22 28.23
CA THR C 136 43.71 -15.52 28.10
C THR C 136 44.07 -16.90 28.64
N SER C 137 43.16 -17.56 29.34
CA SER C 137 43.40 -18.88 29.91
C SER C 137 42.56 -19.91 29.17
N TRP C 138 43.15 -21.08 28.94
CA TRP C 138 42.46 -22.18 28.29
C TRP C 138 42.34 -23.42 29.16
N HIS C 139 43.04 -23.47 30.29
CA HIS C 139 42.94 -24.61 31.19
C HIS C 139 41.66 -24.58 32.01
N VAL C 140 41.13 -23.39 32.31
CA VAL C 140 39.87 -23.30 33.04
C VAL C 140 38.72 -23.85 32.21
N HIS C 141 38.74 -23.62 30.90
CA HIS C 141 37.71 -24.21 30.04
C HIS C 141 37.81 -25.73 30.02
N THR C 142 39.04 -26.26 30.01
CA THR C 142 39.21 -27.71 30.08
C THR C 142 38.71 -28.27 31.41
N CYS C 143 38.98 -27.55 32.50
CA CYS C 143 38.45 -27.96 33.80
C CYS C 143 36.94 -27.94 33.81
N GLY C 144 36.33 -26.93 33.19
CA GLY C 144 34.89 -26.89 33.08
C GLY C 144 34.33 -28.04 32.26
N LEU C 145 35.02 -28.39 31.16
CA LEU C 145 34.61 -29.53 30.36
C LEU C 145 34.69 -30.83 31.15
N ALA C 146 35.77 -31.00 31.93
CA ALA C 146 35.90 -32.18 32.78
C ALA C 146 34.79 -32.23 33.84
N ASN C 147 34.48 -31.07 34.43
CA ASN C 147 33.41 -31.02 35.42
C ASN C 147 32.06 -31.39 34.79
N MET C 148 31.78 -30.86 33.60
CA MET C 148 30.54 -31.20 32.91
C MET C 148 30.49 -32.68 32.57
N PHE C 149 31.62 -33.25 32.12
CA PHE C 149 31.65 -34.64 31.70
C PHE C 149 31.49 -35.59 32.89
N ALA C 150 32.10 -35.27 34.03
CA ALA C 150 32.13 -36.19 35.16
C ALA C 150 31.52 -35.62 36.43
N TYR C 151 31.84 -34.39 36.80
CA TYR C 151 31.56 -33.92 38.17
C TYR C 151 30.18 -33.30 38.34
N HIS C 152 29.93 -32.18 37.69
CA HIS C 152 28.69 -31.45 37.92
C HIS C 152 28.25 -30.77 36.62
N THR C 153 27.34 -29.81 36.74
CA THR C 153 26.82 -29.05 35.61
C THR C 153 26.89 -27.57 35.95
N LEU C 154 27.07 -26.74 34.91
CA LEU C 154 27.15 -25.31 35.12
C LEU C 154 25.86 -24.76 35.69
N GLY C 155 24.73 -25.20 35.16
CA GLY C 155 23.42 -24.75 35.61
C GLY C 155 22.97 -23.44 35.02
N TYR C 156 23.71 -22.87 34.09
CA TYR C 156 23.32 -21.60 33.48
C TYR C 156 22.06 -21.80 32.65
N GLU C 157 21.21 -20.77 32.63
CA GLU C 157 19.92 -20.89 31.95
C GLU C 157 20.09 -21.14 30.46
N ASP C 158 21.02 -20.41 29.81
CA ASP C 158 21.21 -20.58 28.38
C ASP C 158 21.73 -21.97 28.05
N LEU C 159 22.66 -22.49 28.87
CA LEU C 159 23.19 -23.83 28.66
C LEU C 159 22.09 -24.87 28.73
N ASP C 160 21.25 -24.80 29.76
CA ASP C 160 20.16 -25.75 29.89
C ASP C 160 19.17 -25.61 28.75
N GLU C 161 18.86 -24.38 28.34
CA GLU C 161 17.85 -24.18 27.31
C GLU C 161 18.32 -24.67 25.95
N LEU C 162 19.60 -24.46 25.62
CA LEU C 162 20.07 -24.77 24.27
C LEU C 162 20.75 -26.13 24.17
N GLN C 163 21.69 -26.45 25.06
CA GLN C 163 22.41 -27.72 24.95
C GLN C 163 21.47 -28.90 25.09
N LYS C 164 20.55 -28.83 26.05
CA LYS C 164 19.61 -29.93 26.25
C LYS C 164 18.61 -30.01 25.10
N GLU C 165 18.12 -28.88 24.63
CA GLU C 165 17.19 -28.83 23.50
C GLU C 165 17.67 -27.80 22.49
N PRO C 166 18.11 -28.23 21.30
CA PRO C 166 18.56 -27.28 20.29
C PRO C 166 17.45 -26.82 19.36
N GLN C 167 17.44 -25.53 19.06
CA GLN C 167 16.46 -24.90 18.20
C GLN C 167 17.17 -23.96 17.24
N PRO C 168 16.52 -23.58 16.15
CA PRO C 168 17.05 -22.49 15.32
C PRO C 168 17.00 -21.17 16.07
N LEU C 169 17.90 -20.26 15.69
CA LEU C 169 18.01 -18.97 16.34
C LEU C 169 17.86 -17.82 15.34
N VAL C 170 17.58 -16.65 15.88
CA VAL C 170 17.45 -15.41 15.13
C VAL C 170 18.46 -14.42 15.67
N PHE C 171 19.22 -13.80 14.77
CA PHE C 171 20.30 -12.90 15.13
C PHE C 171 20.06 -11.53 14.50
N LEU C 172 20.09 -10.50 15.31
CA LEU C 172 20.06 -9.12 14.83
C LEU C 172 21.48 -8.58 14.82
N ILE C 173 21.92 -8.10 13.67
CA ILE C 173 23.30 -7.63 13.49
C ILE C 173 23.25 -6.17 13.08
N GLU C 174 23.99 -5.34 13.80
CA GLU C 174 24.15 -3.92 13.49
C GLU C 174 25.64 -3.68 13.53
N LEU C 175 26.30 -3.83 12.39
CA LEU C 175 27.73 -3.60 12.32
C LEU C 175 28.02 -2.11 12.40
N LEU C 176 29.06 -1.76 13.15
CA LEU C 176 29.43 -0.36 13.27
C LEU C 176 30.48 0.03 12.25
N GLN C 177 31.63 -0.62 12.28
CA GLN C 177 32.65 -0.24 11.29
C GLN C 177 33.71 -1.31 11.17
N VAL C 178 34.46 -1.22 10.07
CA VAL C 178 35.61 -2.08 9.82
C VAL C 178 36.85 -1.21 9.68
N GLU C 179 37.88 -1.54 10.45
CA GLU C 179 39.12 -0.79 10.49
C GLU C 179 40.14 -1.39 9.53
N ALA C 180 41.18 -0.63 9.26
CA ALA C 180 42.30 -1.14 8.49
C ALA C 180 43.00 -2.24 9.29
N PRO C 181 43.61 -3.21 8.62
CA PRO C 181 44.29 -4.29 9.36
C PRO C 181 45.37 -3.73 10.28
N ASN C 182 45.48 -4.37 11.46
CA ASN C 182 46.42 -3.96 12.50
C ASN C 182 46.16 -2.52 12.97
#